data_1ECI
#
_entry.id   1ECI
#
_cell.length_a   1.000
_cell.length_b   1.000
_cell.length_c   1.000
_cell.angle_alpha   90.00
_cell.angle_beta   90.00
_cell.angle_gamma   90.00
#
_symmetry.space_group_name_H-M   'P 1'
#
loop_
_entity.id
_entity.type
_entity.pdbx_description
1 polymer ECTATOMIN
2 polymer ECTATOMIN
#
loop_
_entity_poly.entity_id
_entity_poly.type
_entity_poly.pdbx_seq_one_letter_code
_entity_poly.pdbx_strand_id
1 'polypeptide(L)' GVIPKKIWETVCPTVEPWAKKCSGDIATYIKRECGKL A
2 'polypeptide(L)' WSTIVKLTICPTLKSMAKKCEGSIATMIKKKCDK B
#
# COMPACT_ATOMS: atom_id res chain seq x y z
N GLY A 1 -3.37 -9.14 -11.69
CA GLY A 1 -2.60 -9.47 -10.49
C GLY A 1 -1.56 -8.39 -10.18
N VAL A 2 -0.64 -8.21 -11.12
CA VAL A 2 0.43 -7.21 -10.99
C VAL A 2 -0.13 -5.78 -11.07
N ILE A 3 0.61 -4.86 -10.45
CA ILE A 3 0.25 -3.43 -10.46
C ILE A 3 1.19 -2.66 -11.41
N PRO A 4 0.65 -1.85 -12.33
CA PRO A 4 1.45 -1.09 -13.31
C PRO A 4 2.03 0.21 -12.73
N LYS A 5 2.92 0.81 -13.53
CA LYS A 5 3.59 2.07 -13.17
C LYS A 5 2.60 3.18 -12.83
N LYS A 6 1.59 3.31 -13.69
CA LYS A 6 0.55 4.34 -13.54
C LYS A 6 -0.11 4.28 -12.15
N ILE A 7 -0.55 3.08 -11.75
CA ILE A 7 -1.18 2.89 -10.44
C ILE A 7 -0.24 3.26 -9.28
N TRP A 8 1.02 2.83 -9.40
CA TRP A 8 2.04 3.16 -8.37
C TRP A 8 2.18 4.67 -8.12
N GLU A 9 2.13 5.42 -9.23
CA GLU A 9 2.16 6.90 -9.16
C GLU A 9 0.92 7.45 -8.41
N THR A 10 -0.23 6.92 -8.78
CA THR A 10 -1.53 7.34 -8.20
C THR A 10 -1.59 7.13 -6.68
N VAL A 11 -1.22 5.92 -6.27
CA VAL A 11 -1.31 5.51 -4.85
C VAL A 11 -0.32 6.26 -3.93
N CYS A 12 0.85 6.62 -4.50
CA CYS A 12 1.96 7.28 -3.77
C CYS A 12 1.59 8.01 -2.46
N PRO A 13 0.78 9.08 -2.49
CA PRO A 13 0.42 9.86 -1.29
C PRO A 13 -0.40 9.07 -0.25
N THR A 14 -1.40 8.35 -0.75
CA THR A 14 -2.31 7.55 0.10
C THR A 14 -1.54 6.48 0.89
N VAL A 15 -0.70 5.73 0.16
CA VAL A 15 0.11 4.66 0.75
C VAL A 15 1.25 5.17 1.65
N GLU A 16 1.73 6.37 1.33
CA GLU A 16 2.90 6.98 2.01
C GLU A 16 2.91 6.83 3.54
N PRO A 17 1.91 7.34 4.28
CA PRO A 17 1.92 7.34 5.75
C PRO A 17 2.09 5.94 6.36
N TRP A 18 1.33 5.00 5.79
CA TRP A 18 1.39 3.59 6.22
C TRP A 18 2.77 2.96 5.96
N ALA A 19 3.31 3.24 4.76
CA ALA A 19 4.53 2.59 4.26
C ALA A 19 5.73 2.73 5.21
N LYS A 20 6.09 3.99 5.49
CA LYS A 20 7.19 4.27 6.45
C LYS A 20 6.87 3.74 7.85
N LYS A 21 5.60 3.89 8.26
CA LYS A 21 5.13 3.30 9.52
C LYS A 21 4.77 1.82 9.37
N CYS A 22 5.69 1.08 8.73
CA CYS A 22 5.52 -0.36 8.50
C CYS A 22 6.89 -1.01 8.20
N SER A 23 6.88 -2.33 8.05
CA SER A 23 8.10 -3.10 7.73
C SER A 23 7.77 -4.39 6.97
N GLY A 24 8.83 -5.17 6.73
CA GLY A 24 8.74 -6.43 5.97
C GLY A 24 8.94 -6.22 4.46
N ASP A 25 8.88 -7.35 3.76
CA ASP A 25 9.13 -7.39 2.30
C ASP A 25 8.19 -6.49 1.50
N ILE A 26 6.90 -6.58 1.84
CA ILE A 26 5.85 -5.83 1.13
C ILE A 26 6.01 -4.31 1.30
N ALA A 27 6.28 -3.90 2.55
CA ALA A 27 6.53 -2.47 2.85
C ALA A 27 7.67 -1.91 1.99
N THR A 28 8.75 -2.69 1.93
CA THR A 28 9.93 -2.36 1.10
C THR A 28 9.57 -2.26 -0.39
N TYR A 29 8.70 -3.18 -0.83
CA TYR A 29 8.27 -3.24 -2.24
C TYR A 29 7.56 -1.95 -2.67
N ILE A 30 6.44 -1.66 -2.01
CA ILE A 30 5.62 -0.46 -2.29
C ILE A 30 6.46 0.82 -2.27
N LYS A 31 7.31 0.92 -1.25
CA LYS A 31 8.28 2.03 -1.12
C LYS A 31 9.09 2.22 -2.41
N ARG A 32 9.63 1.10 -2.89
CA ARG A 32 10.43 1.09 -4.14
C ARG A 32 9.62 1.57 -5.36
N GLU A 33 8.36 1.11 -5.43
CA GLU A 33 7.50 1.42 -6.60
C GLU A 33 7.28 2.92 -6.78
N CYS A 34 6.72 3.54 -5.73
CA CYS A 34 6.45 4.99 -5.73
C CYS A 34 7.73 5.83 -5.86
N GLY A 35 8.71 5.49 -5.01
CA GLY A 35 9.99 6.22 -4.93
C GLY A 35 10.74 6.26 -6.26
N LYS A 36 11.01 5.06 -6.79
CA LYS A 36 11.65 4.88 -8.10
C LYS A 36 10.67 5.24 -9.23
N LEU A 37 10.60 6.56 -9.48
CA LEU A 37 9.65 7.13 -10.44
C LEU A 37 10.10 8.54 -10.85
N TRP B 1 -10.75 2.80 -1.84
CA TRP B 1 -11.30 4.15 -2.09
C TRP B 1 -11.94 4.28 -3.48
N SER B 2 -11.17 3.92 -4.50
CA SER B 2 -11.64 3.94 -5.90
C SER B 2 -12.46 2.68 -6.22
N THR B 3 -12.93 2.60 -7.46
CA THR B 3 -13.52 1.36 -7.99
C THR B 3 -12.40 0.39 -8.41
N ILE B 4 -11.60 0.86 -9.37
CA ILE B 4 -10.47 0.06 -9.92
C ILE B 4 -9.26 0.08 -8.97
N VAL B 5 -8.75 1.30 -8.76
CA VAL B 5 -7.48 1.50 -8.01
C VAL B 5 -7.49 0.83 -6.64
N LYS B 6 -8.62 0.97 -5.94
CA LYS B 6 -8.84 0.34 -4.63
C LYS B 6 -8.49 -1.15 -4.66
N LEU B 7 -9.23 -1.87 -5.51
CA LEU B 7 -9.07 -3.34 -5.64
C LEU B 7 -7.65 -3.76 -6.07
N THR B 8 -7.00 -2.89 -6.85
CA THR B 8 -5.64 -3.15 -7.35
C THR B 8 -4.60 -3.17 -6.22
N ILE B 9 -4.52 -2.04 -5.50
CA ILE B 9 -3.48 -1.83 -4.47
C ILE B 9 -3.76 -2.61 -3.17
N CYS B 10 -5.02 -2.55 -2.73
CA CYS B 10 -5.47 -3.13 -1.46
C CYS B 10 -4.93 -4.52 -1.09
N PRO B 11 -4.96 -5.54 -1.96
CA PRO B 11 -4.41 -6.88 -1.66
C PRO B 11 -2.94 -6.83 -1.20
N THR B 12 -2.16 -6.02 -1.94
CA THR B 12 -0.76 -5.76 -1.57
C THR B 12 -0.66 -5.12 -0.18
N LEU B 13 -1.50 -4.09 0.03
CA LEU B 13 -1.53 -3.35 1.31
C LEU B 13 -1.81 -4.26 2.52
N LYS B 14 -2.69 -5.24 2.32
CA LYS B 14 -3.02 -6.23 3.37
C LYS B 14 -1.79 -7.04 3.77
N SER B 15 -1.06 -7.49 2.75
CA SER B 15 0.20 -8.24 2.97
C SER B 15 1.21 -7.42 3.79
N MET B 16 1.28 -6.13 3.47
CA MET B 16 2.10 -5.16 4.22
C MET B 16 1.65 -5.05 5.69
N ALA B 17 0.33 -4.95 5.86
CA ALA B 17 -0.31 -4.77 7.18
C ALA B 17 0.09 -5.84 8.20
N LYS B 18 0.34 -7.05 7.69
CA LYS B 18 0.75 -8.20 8.51
C LYS B 18 1.85 -7.86 9.54
N LYS B 19 2.81 -7.04 9.08
CA LYS B 19 3.92 -6.61 9.95
C LYS B 19 4.22 -5.12 9.76
N CYS B 20 3.24 -4.29 10.17
CA CYS B 20 3.45 -2.83 10.25
C CYS B 20 3.68 -2.36 11.69
N GLU B 21 4.08 -1.09 11.78
CA GLU B 21 4.39 -0.47 13.09
C GLU B 21 3.12 0.11 13.74
N GLY B 22 3.19 0.22 15.07
CA GLY B 22 2.08 0.75 15.89
C GLY B 22 0.79 -0.08 15.76
N SER B 23 -0.04 0.37 14.82
CA SER B 23 -1.30 -0.34 14.46
C SER B 23 -1.83 0.19 13.12
N ILE B 24 -0.88 0.34 12.19
CA ILE B 24 -1.18 0.83 10.82
C ILE B 24 -2.04 -0.16 10.03
N ALA B 25 -1.87 -1.45 10.34
CA ALA B 25 -2.69 -2.52 9.74
C ALA B 25 -4.19 -2.20 9.77
N THR B 26 -4.62 -1.63 10.89
CA THR B 26 -6.02 -1.20 11.08
C THR B 26 -6.46 -0.19 9.99
N MET B 27 -5.61 0.83 9.80
CA MET B 27 -5.87 1.89 8.81
C MET B 27 -6.00 1.33 7.38
N ILE B 28 -5.08 0.42 7.04
CA ILE B 28 -5.08 -0.26 5.73
C ILE B 28 -6.44 -0.91 5.43
N LYS B 29 -6.85 -1.76 6.37
CA LYS B 29 -8.11 -2.51 6.25
C LYS B 29 -9.34 -1.59 6.18
N LYS B 30 -9.28 -0.51 6.96
CA LYS B 30 -10.39 0.47 7.05
C LYS B 30 -10.76 1.03 5.67
N LYS B 31 -9.74 1.52 4.96
CA LYS B 31 -9.89 2.03 3.59
C LYS B 31 -10.32 0.91 2.62
N CYS B 32 -9.52 -0.16 2.66
CA CYS B 32 -9.70 -1.32 1.78
C CYS B 32 -10.91 -2.21 2.13
N ASP B 33 -10.96 -3.33 1.41
CA ASP B 33 -12.02 -4.35 1.61
C ASP B 33 -11.46 -5.77 1.40
N LYS B 34 -12.36 -6.75 1.59
CA LYS B 34 -12.01 -8.17 1.44
C LYS B 34 -13.25 -9.09 1.31
N GLY A 1 -2.86 -9.59 -10.47
CA GLY A 1 -1.72 -9.74 -9.56
C GLY A 1 -0.78 -8.53 -9.65
N VAL A 2 -0.23 -8.35 -10.85
CA VAL A 2 0.69 -7.24 -11.13
C VAL A 2 -0.03 -5.88 -11.07
N ILE A 3 0.78 -4.82 -11.00
CA ILE A 3 0.27 -3.44 -10.94
C ILE A 3 1.12 -2.54 -11.85
N PRO A 4 0.49 -1.67 -12.67
CA PRO A 4 1.20 -0.79 -13.61
C PRO A 4 1.81 0.45 -12.94
N LYS A 5 2.66 1.11 -13.73
CA LYS A 5 3.36 2.34 -13.29
C LYS A 5 2.37 3.43 -12.85
N LYS A 6 1.32 3.58 -13.65
CA LYS A 6 0.25 4.57 -13.41
C LYS A 6 -0.28 4.46 -11.97
N ILE A 7 -0.70 3.25 -11.61
CA ILE A 7 -1.24 2.98 -10.26
C ILE A 7 -0.25 3.36 -9.16
N TRP A 8 1.00 2.89 -9.29
CA TRP A 8 2.05 3.17 -8.29
C TRP A 8 2.21 4.68 -7.99
N GLU A 9 2.17 5.46 -9.07
CA GLU A 9 2.26 6.94 -8.98
C GLU A 9 1.06 7.55 -8.24
N THR A 10 -0.13 7.06 -8.61
CA THR A 10 -1.40 7.55 -8.02
C THR A 10 -1.47 7.30 -6.50
N VAL A 11 -1.10 6.06 -6.12
CA VAL A 11 -1.18 5.61 -4.72
C VAL A 11 -0.15 6.30 -3.81
N CYS A 12 1.02 6.62 -4.38
CA CYS A 12 2.18 7.22 -3.67
C CYS A 12 1.86 8.00 -2.37
N PRO A 13 1.08 9.09 -2.41
CA PRO A 13 0.78 9.92 -1.22
C PRO A 13 -0.01 9.18 -0.13
N THR A 14 -1.08 8.50 -0.58
CA THR A 14 -1.98 7.74 0.31
C THR A 14 -1.24 6.62 1.06
N VAL A 15 -0.43 5.88 0.30
CA VAL A 15 0.33 4.74 0.84
C VAL A 15 1.54 5.15 1.69
N GLU A 16 2.08 6.34 1.38
CA GLU A 16 3.28 6.89 2.05
C GLU A 16 3.26 6.73 3.59
N PRO A 17 2.25 7.25 4.31
CA PRO A 17 2.20 7.20 5.78
C PRO A 17 2.22 5.77 6.35
N TRP A 18 1.44 4.88 5.69
CA TRP A 18 1.38 3.47 6.13
C TRP A 18 2.74 2.78 6.00
N ALA A 19 3.26 2.78 4.77
CA ALA A 19 4.55 2.14 4.45
C ALA A 19 5.71 2.63 5.34
N LYS A 20 5.73 3.95 5.52
CA LYS A 20 6.70 4.61 6.42
C LYS A 20 6.64 3.99 7.83
N LYS A 21 5.41 3.96 8.36
CA LYS A 21 5.13 3.31 9.66
C LYS A 21 4.84 1.82 9.48
N CYS A 22 5.75 1.16 8.77
CA CYS A 22 5.63 -0.28 8.51
C CYS A 22 7.01 -0.91 8.22
N SER A 23 7.00 -2.24 8.15
CA SER A 23 8.24 -3.03 7.97
C SER A 23 7.97 -4.33 7.19
N GLY A 24 9.03 -5.11 7.04
CA GLY A 24 8.98 -6.39 6.31
C GLY A 24 9.20 -6.22 4.81
N ASP A 25 9.18 -7.37 4.13
CA ASP A 25 9.47 -7.45 2.68
C ASP A 25 8.53 -6.63 1.82
N ILE A 26 7.22 -6.78 2.09
CA ILE A 26 6.18 -6.10 1.31
C ILE A 26 6.27 -4.57 1.43
N ALA A 27 6.48 -4.10 2.67
CA ALA A 27 6.67 -2.67 2.93
C ALA A 27 7.80 -2.08 2.06
N THR A 28 8.90 -2.83 2.02
CA THR A 28 10.08 -2.47 1.19
C THR A 28 9.71 -2.39 -0.30
N TYR A 29 8.94 -3.38 -0.75
CA TYR A 29 8.52 -3.46 -2.16
C TYR A 29 7.75 -2.20 -2.61
N ILE A 30 6.67 -1.92 -1.87
CA ILE A 30 5.81 -0.75 -2.14
C ILE A 30 6.63 0.55 -2.19
N LYS A 31 7.53 0.66 -1.20
CA LYS A 31 8.45 1.82 -1.09
C LYS A 31 9.26 2.01 -2.38
N ARG A 32 9.72 0.87 -2.93
CA ARG A 32 10.48 0.84 -4.19
C ARG A 32 9.64 1.27 -5.41
N GLU A 33 8.40 0.78 -5.45
CA GLU A 33 7.51 1.05 -6.60
C GLU A 33 7.24 2.55 -6.77
N CYS A 34 6.71 3.17 -5.71
CA CYS A 34 6.46 4.61 -5.69
C CYS A 34 7.76 5.42 -5.81
N GLY A 35 8.69 5.12 -4.90
CA GLY A 35 9.98 5.85 -4.79
C GLY A 35 10.82 5.77 -6.06
N LYS A 36 11.27 4.55 -6.35
CA LYS A 36 12.00 4.26 -7.60
C LYS A 36 11.01 3.98 -8.75
N LEU A 37 10.26 5.04 -9.09
CA LEU A 37 9.26 4.96 -10.16
C LEU A 37 9.93 4.75 -11.53
N TRP B 1 -8.38 2.97 -4.67
CA TRP B 1 -9.05 4.21 -4.26
C TRP B 1 -10.49 4.22 -4.79
N SER B 2 -10.59 4.23 -6.12
CA SER B 2 -11.87 4.06 -6.83
C SER B 2 -12.35 2.59 -6.69
N THR B 3 -13.44 2.26 -7.39
CA THR B 3 -13.95 0.88 -7.40
C THR B 3 -12.86 -0.12 -7.87
N ILE B 4 -12.37 0.15 -9.08
CA ILE B 4 -11.33 -0.70 -9.70
C ILE B 4 -9.96 -0.51 -9.02
N VAL B 5 -9.58 0.76 -8.87
CA VAL B 5 -8.26 1.13 -8.30
C VAL B 5 -8.02 0.48 -6.94
N LYS B 6 -9.05 0.53 -6.09
CA LYS B 6 -9.00 -0.08 -4.75
C LYS B 6 -8.59 -1.55 -4.79
N LEU B 7 -9.29 -2.31 -5.65
CA LEU B 7 -9.00 -3.74 -5.85
C LEU B 7 -7.51 -4.00 -6.18
N THR B 8 -6.92 -3.07 -6.91
CA THR B 8 -5.50 -3.17 -7.32
C THR B 8 -4.54 -2.99 -6.13
N ILE B 9 -4.66 -1.83 -5.46
CA ILE B 9 -3.70 -1.43 -4.42
C ILE B 9 -3.90 -2.16 -3.08
N CYS B 10 -5.15 -2.16 -2.60
CA CYS B 10 -5.53 -2.74 -1.30
C CYS B 10 -4.88 -4.08 -0.95
N PRO B 11 -4.93 -5.13 -1.80
CA PRO B 11 -4.33 -6.44 -1.48
C PRO B 11 -2.83 -6.35 -1.15
N THR B 12 -2.13 -5.53 -1.93
CA THR B 12 -0.69 -5.25 -1.68
C THR B 12 -0.50 -4.64 -0.27
N LEU B 13 -1.37 -3.67 0.05
CA LEU B 13 -1.36 -3.00 1.36
C LEU B 13 -1.65 -3.94 2.53
N LYS B 14 -2.48 -4.95 2.27
CA LYS B 14 -2.79 -5.99 3.27
C LYS B 14 -1.55 -6.84 3.59
N SER B 15 -0.86 -7.23 2.52
CA SER B 15 0.42 -7.98 2.63
C SER B 15 1.46 -7.19 3.44
N MET B 16 1.47 -5.87 3.22
CA MET B 16 2.31 -4.94 3.98
C MET B 16 1.90 -4.90 5.46
N ALA B 17 0.57 -4.81 5.65
CA ALA B 17 -0.05 -4.70 6.99
C ALA B 17 0.37 -5.83 7.95
N LYS B 18 0.68 -7.00 7.36
CA LYS B 18 1.14 -8.18 8.11
C LYS B 18 2.20 -7.85 9.16
N LYS B 19 3.17 -7.03 8.77
CA LYS B 19 4.27 -6.63 9.66
C LYS B 19 4.49 -5.11 9.63
N CYS B 20 3.42 -4.37 9.95
CA CYS B 20 3.53 -2.92 10.10
C CYS B 20 3.69 -2.48 11.57
N GLU B 21 4.11 -1.22 11.70
CA GLU B 21 4.32 -0.59 13.02
C GLU B 21 3.01 -0.01 13.59
N GLY B 22 3.02 0.17 14.91
CA GLY B 22 1.88 0.73 15.66
C GLY B 22 0.59 -0.09 15.49
N SER B 23 -0.22 0.36 14.53
CA SER B 23 -1.47 -0.34 14.16
C SER B 23 -1.98 0.20 12.81
N ILE B 24 -1.01 0.32 11.89
CA ILE B 24 -1.29 0.80 10.51
C ILE B 24 -2.23 -0.13 9.74
N ALA B 25 -2.04 -1.44 9.97
CA ALA B 25 -2.88 -2.49 9.37
C ALA B 25 -4.39 -2.18 9.45
N THR B 26 -4.79 -1.70 10.64
CA THR B 26 -6.20 -1.34 10.91
C THR B 26 -6.71 -0.25 9.95
N MET B 27 -5.92 0.83 9.85
CA MET B 27 -6.28 1.99 9.00
C MET B 27 -6.42 1.62 7.52
N ILE B 28 -5.43 0.88 7.02
CA ILE B 28 -5.43 0.38 5.63
C ILE B 28 -6.74 -0.37 5.30
N LYS B 29 -7.01 -1.36 6.14
CA LYS B 29 -8.19 -2.23 5.99
C LYS B 29 -9.51 -1.46 6.10
N LYS B 30 -9.53 -0.47 6.99
CA LYS B 30 -10.73 0.37 7.24
C LYS B 30 -11.29 0.90 5.90
N LYS B 31 -10.39 1.54 5.16
CA LYS B 31 -10.71 2.07 3.82
C LYS B 31 -11.04 0.95 2.81
N CYS B 32 -10.15 -0.05 2.77
CA CYS B 32 -10.23 -1.14 1.78
C CYS B 32 -11.46 -2.04 1.94
N ASP B 33 -11.46 -2.86 2.99
CA ASP B 33 -12.55 -3.83 3.23
C ASP B 33 -12.52 -4.42 4.65
N LYS B 34 -12.72 -3.54 5.61
CA LYS B 34 -12.82 -3.94 7.03
C LYS B 34 -14.17 -4.61 7.36
N GLY A 1 4.75 -5.95 -13.69
CA GLY A 1 4.07 -7.22 -13.94
C GLY A 1 2.84 -7.37 -13.05
N VAL A 2 3.12 -7.41 -11.73
CA VAL A 2 2.06 -7.50 -10.71
C VAL A 2 1.16 -6.25 -10.75
N ILE A 3 1.82 -5.09 -10.79
CA ILE A 3 1.15 -3.78 -10.85
C ILE A 3 1.98 -2.84 -11.75
N PRO A 4 1.34 -2.05 -12.62
CA PRO A 4 2.03 -1.12 -13.53
C PRO A 4 2.42 0.21 -12.86
N LYS A 5 3.26 0.95 -13.59
CA LYS A 5 3.73 2.28 -13.14
C LYS A 5 2.55 3.22 -12.85
N LYS A 6 1.56 3.19 -13.75
CA LYS A 6 0.35 4.02 -13.61
C LYS A 6 -0.28 3.93 -12.21
N ILE A 7 -0.53 2.69 -11.78
CA ILE A 7 -1.08 2.44 -10.44
C ILE A 7 -0.16 2.96 -9.34
N TRP A 8 1.12 2.60 -9.43
CA TRP A 8 2.12 3.01 -8.42
C TRP A 8 2.16 4.53 -8.15
N GLU A 9 2.05 5.30 -9.23
CA GLU A 9 2.00 6.77 -9.15
C GLU A 9 0.76 7.26 -8.39
N THR A 10 -0.39 6.70 -8.79
CA THR A 10 -1.70 7.08 -8.22
C THR A 10 -1.80 6.77 -6.72
N VAL A 11 -1.32 5.58 -6.34
CA VAL A 11 -1.38 5.10 -4.95
C VAL A 11 -0.47 5.89 -4.01
N CYS A 12 0.71 6.29 -4.52
CA CYS A 12 1.77 6.99 -3.74
C CYS A 12 1.30 7.73 -2.48
N PRO A 13 0.45 8.77 -2.58
CA PRO A 13 -0.02 9.56 -1.42
C PRO A 13 -0.86 8.75 -0.42
N THR A 14 -1.79 7.98 -0.96
CA THR A 14 -2.68 7.12 -0.16
C THR A 14 -1.89 6.12 0.71
N VAL A 15 -0.96 5.42 0.04
CA VAL A 15 -0.10 4.42 0.71
C VAL A 15 1.13 5.02 1.40
N GLU A 16 1.25 6.36 1.34
CA GLU A 16 2.37 7.07 1.98
C GLU A 16 2.41 6.79 3.50
N PRO A 17 1.36 7.10 4.28
CA PRO A 17 1.35 6.92 5.74
C PRO A 17 1.53 5.46 6.16
N TRP A 18 0.84 4.56 5.44
CA TRP A 18 0.90 3.12 5.76
C TRP A 18 2.32 2.57 5.59
N ALA A 19 2.81 2.66 4.36
CA ALA A 19 4.15 2.13 3.99
C ALA A 19 5.27 2.70 4.87
N LYS A 20 5.20 4.02 5.09
CA LYS A 20 6.16 4.73 5.97
C LYS A 20 6.22 4.09 7.36
N LYS A 21 5.04 4.00 7.98
CA LYS A 21 4.89 3.38 9.31
C LYS A 21 4.65 1.86 9.21
N CYS A 22 5.58 1.19 8.52
CA CYS A 22 5.51 -0.27 8.34
C CYS A 22 6.90 -0.88 8.16
N SER A 23 6.91 -2.22 8.15
CA SER A 23 8.16 -2.99 8.00
C SER A 23 7.95 -4.28 7.18
N GLY A 24 9.05 -5.00 7.01
CA GLY A 24 9.04 -6.27 6.24
C GLY A 24 9.27 -6.06 4.75
N ASP A 25 9.34 -7.20 4.06
CA ASP A 25 9.65 -7.26 2.62
C ASP A 25 8.64 -6.49 1.75
N ILE A 26 7.36 -6.70 2.06
CA ILE A 26 6.26 -6.07 1.30
C ILE A 26 6.33 -4.53 1.38
N ALA A 27 6.49 -4.04 2.61
CA ALA A 27 6.63 -2.58 2.86
C ALA A 27 7.76 -1.97 2.02
N THR A 28 8.90 -2.66 2.05
CA THR A 28 10.10 -2.26 1.28
C THR A 28 9.81 -2.19 -0.24
N TYR A 29 9.11 -3.21 -0.73
CA TYR A 29 8.77 -3.31 -2.16
C TYR A 29 7.96 -2.11 -2.63
N ILE A 30 6.82 -1.89 -1.95
CA ILE A 30 5.91 -0.77 -2.25
C ILE A 30 6.66 0.58 -2.28
N LYS A 31 7.53 0.75 -1.28
CA LYS A 31 8.36 1.96 -1.15
C LYS A 31 9.21 2.21 -2.41
N ARG A 32 9.80 1.12 -2.90
CA ARG A 32 10.60 1.14 -4.14
C ARG A 32 9.78 1.59 -5.36
N GLU A 33 8.57 1.03 -5.47
CA GLU A 33 7.70 1.29 -6.63
C GLU A 33 7.37 2.78 -6.78
N CYS A 34 6.79 3.35 -5.72
CA CYS A 34 6.43 4.77 -5.71
C CYS A 34 7.65 5.69 -5.81
N GLY A 35 8.58 5.49 -4.87
CA GLY A 35 9.78 6.34 -4.75
C GLY A 35 10.66 6.30 -6.00
N LYS A 36 11.28 5.14 -6.22
CA LYS A 36 12.08 4.92 -7.44
C LYS A 36 11.14 4.74 -8.64
N LEU A 37 10.92 5.86 -9.32
CA LEU A 37 9.96 5.93 -10.43
C LEU A 37 10.27 7.18 -11.28
N TRP B 1 -10.21 9.96 -3.32
CA TRP B 1 -9.29 9.16 -4.15
C TRP B 1 -10.06 8.04 -4.87
N SER B 2 -9.37 7.42 -5.85
CA SER B 2 -10.00 6.40 -6.71
C SER B 2 -10.34 5.12 -5.94
N THR B 3 -11.54 4.61 -6.26
CA THR B 3 -12.04 3.36 -5.68
C THR B 3 -11.39 2.15 -6.36
N ILE B 4 -11.44 2.16 -7.70
CA ILE B 4 -10.91 1.06 -8.51
C ILE B 4 -9.42 0.81 -8.22
N VAL B 5 -8.64 1.88 -8.29
CA VAL B 5 -7.19 1.82 -8.00
C VAL B 5 -6.91 1.31 -6.59
N LYS B 6 -7.74 1.76 -5.63
CA LYS B 6 -7.63 1.29 -4.24
C LYS B 6 -7.69 -0.25 -4.17
N LEU B 7 -8.79 -0.80 -4.71
CA LEU B 7 -9.02 -2.25 -4.73
C LEU B 7 -7.82 -3.04 -5.29
N THR B 8 -7.25 -2.50 -6.37
CA THR B 8 -6.08 -3.10 -7.04
C THR B 8 -4.90 -3.27 -6.07
N ILE B 9 -4.56 -2.17 -5.39
CA ILE B 9 -3.41 -2.15 -4.47
C ILE B 9 -3.69 -2.85 -3.12
N CYS B 10 -4.97 -2.95 -2.75
CA CYS B 10 -5.38 -3.48 -1.43
C CYS B 10 -4.67 -4.79 -1.02
N PRO B 11 -4.68 -5.86 -1.82
CA PRO B 11 -4.04 -7.14 -1.47
C PRO B 11 -2.55 -7.01 -1.12
N THR B 12 -1.87 -6.16 -1.88
CA THR B 12 -0.45 -5.82 -1.60
C THR B 12 -0.31 -5.21 -0.20
N LEU B 13 -1.19 -4.24 0.08
CA LEU B 13 -1.24 -3.55 1.38
C LEU B 13 -1.60 -4.49 2.55
N LYS B 14 -2.39 -5.53 2.25
CA LYS B 14 -2.76 -6.55 3.25
C LYS B 14 -1.52 -7.32 3.72
N SER B 15 -0.74 -7.77 2.74
CA SER B 15 0.54 -8.47 2.99
C SER B 15 1.49 -7.60 3.83
N MET B 16 1.53 -6.31 3.46
CA MET B 16 2.32 -5.30 4.18
C MET B 16 1.87 -5.17 5.65
N ALA B 17 0.54 -5.10 5.79
CA ALA B 17 -0.13 -4.90 7.10
C ALA B 17 0.28 -5.92 8.16
N LYS B 18 0.54 -7.14 7.68
CA LYS B 18 0.95 -8.27 8.55
C LYS B 18 2.02 -7.89 9.58
N LYS B 19 2.98 -7.08 9.13
CA LYS B 19 4.07 -6.60 10.01
C LYS B 19 4.36 -5.11 9.79
N CYS B 20 3.31 -4.30 10.03
CA CYS B 20 3.47 -2.84 10.08
C CYS B 20 3.63 -2.31 11.51
N GLU B 21 4.02 -1.03 11.56
CA GLU B 21 4.26 -0.36 12.85
C GLU B 21 2.97 0.31 13.37
N GLY B 22 2.98 0.56 14.69
CA GLY B 22 1.87 1.24 15.39
C GLY B 22 0.54 0.46 15.29
N SER B 23 -0.23 0.84 14.27
CA SER B 23 -1.51 0.19 13.97
C SER B 23 -2.00 0.57 12.54
N ILE B 24 -1.02 0.55 11.64
CA ILE B 24 -1.27 0.82 10.21
C ILE B 24 -2.15 -0.25 9.57
N ALA B 25 -1.89 -1.51 9.94
CA ALA B 25 -2.67 -2.66 9.47
C ALA B 25 -4.19 -2.41 9.53
N THR B 26 -4.60 -1.86 10.68
CA THR B 26 -6.02 -1.50 10.93
C THR B 26 -6.55 -0.52 9.87
N MET B 27 -5.79 0.56 9.68
CA MET B 27 -6.19 1.64 8.75
C MET B 27 -6.34 1.15 7.30
N ILE B 28 -5.34 0.39 6.84
CA ILE B 28 -5.36 -0.24 5.51
C ILE B 28 -6.67 -1.02 5.27
N LYS B 29 -6.93 -1.92 6.24
CA LYS B 29 -8.14 -2.76 6.20
C LYS B 29 -9.42 -1.92 6.09
N LYS B 30 -9.50 -0.88 6.93
CA LYS B 30 -10.68 0.00 6.98
C LYS B 30 -10.98 0.67 5.64
N LYS B 31 -10.00 1.43 5.15
CA LYS B 31 -10.17 2.24 3.92
C LYS B 31 -10.73 1.43 2.74
N CYS B 32 -10.09 0.29 2.49
CA CYS B 32 -10.48 -0.59 1.38
C CYS B 32 -11.74 -1.42 1.66
N ASP B 33 -11.86 -1.85 2.93
CA ASP B 33 -12.90 -2.82 3.33
C ASP B 33 -13.12 -2.87 4.84
N LYS B 34 -13.65 -1.76 5.38
CA LYS B 34 -13.93 -1.65 6.82
C LYS B 34 -15.02 -2.62 7.32
N GLY A 1 3.87 -5.72 -13.64
CA GLY A 1 3.11 -6.97 -13.82
C GLY A 1 1.91 -7.02 -12.88
N VAL A 2 2.23 -7.04 -11.58
CA VAL A 2 1.21 -7.03 -10.52
C VAL A 2 0.36 -5.74 -10.57
N ILE A 3 1.08 -4.62 -10.68
CA ILE A 3 0.48 -3.28 -10.76
C ILE A 3 1.31 -2.41 -11.71
N PRO A 4 0.68 -1.59 -12.56
CA PRO A 4 1.38 -0.73 -13.53
C PRO A 4 1.97 0.54 -12.90
N LYS A 5 2.83 1.18 -13.68
CA LYS A 5 3.53 2.41 -13.27
C LYS A 5 2.56 3.53 -12.84
N LYS A 6 1.54 3.72 -13.69
CA LYS A 6 0.53 4.78 -13.46
C LYS A 6 -0.13 4.63 -12.08
N ILE A 7 -0.63 3.42 -11.81
CA ILE A 7 -1.28 3.11 -10.53
C ILE A 7 -0.34 3.35 -9.33
N TRP A 8 0.93 2.96 -9.48
CA TRP A 8 1.95 3.20 -8.45
C TRP A 8 2.06 4.69 -8.06
N GLU A 9 2.06 5.54 -9.09
CA GLU A 9 2.07 7.00 -8.88
C GLU A 9 0.80 7.53 -8.22
N THR A 10 -0.33 6.90 -8.55
CA THR A 10 -1.63 7.27 -7.94
C THR A 10 -1.58 7.07 -6.41
N VAL A 11 -1.15 5.87 -6.03
CA VAL A 11 -1.01 5.50 -4.60
C VAL A 11 0.25 6.08 -3.94
N CYS A 12 1.17 6.60 -4.77
CA CYS A 12 2.45 7.13 -4.28
C CYS A 12 2.28 8.14 -3.13
N PRO A 13 1.48 9.20 -3.27
CA PRO A 13 1.12 10.12 -2.17
C PRO A 13 0.22 9.45 -1.12
N THR A 14 -0.67 8.58 -1.60
CA THR A 14 -1.68 7.93 -0.74
C THR A 14 -1.03 7.09 0.38
N VAL A 15 -0.46 5.95 -0.03
CA VAL A 15 0.32 5.09 0.90
C VAL A 15 1.78 5.55 1.05
N GLU A 16 1.94 6.88 1.08
CA GLU A 16 3.26 7.50 1.28
C GLU A 16 3.74 7.32 2.74
N PRO A 17 2.97 7.73 3.76
CA PRO A 17 3.40 7.63 5.17
C PRO A 17 3.40 6.20 5.70
N TRP A 18 2.29 5.49 5.42
CA TRP A 18 2.02 4.16 6.00
C TRP A 18 3.08 3.11 5.66
N ALA A 19 3.59 3.17 4.42
CA ALA A 19 4.65 2.25 3.96
C ALA A 19 5.87 2.27 4.90
N LYS A 20 6.36 3.49 5.14
CA LYS A 20 7.46 3.72 6.09
C LYS A 20 7.07 3.32 7.52
N LYS A 21 5.82 3.63 7.86
CA LYS A 21 5.23 3.27 9.16
C LYS A 21 4.69 1.82 9.14
N CYS A 22 5.52 0.94 8.59
CA CYS A 22 5.23 -0.49 8.44
C CYS A 22 6.52 -1.24 8.09
N SER A 23 6.44 -2.57 8.14
CA SER A 23 7.63 -3.42 7.94
C SER A 23 7.34 -4.63 7.03
N GLY A 24 8.41 -5.40 6.80
CA GLY A 24 8.35 -6.58 5.93
C GLY A 24 8.60 -6.23 4.45
N ASP A 25 8.61 -7.29 3.64
CA ASP A 25 8.89 -7.21 2.20
C ASP A 25 7.94 -6.26 1.45
N ILE A 26 6.66 -6.36 1.82
CA ILE A 26 5.60 -5.54 1.20
C ILE A 26 5.84 -4.03 1.38
N ALA A 27 6.10 -3.66 2.64
CA ALA A 27 6.40 -2.26 3.00
C ALA A 27 7.55 -1.70 2.16
N THR A 28 8.62 -2.49 2.09
CA THR A 28 9.82 -2.15 1.31
C THR A 28 9.52 -1.97 -0.19
N TYR A 29 8.69 -2.87 -0.71
CA TYR A 29 8.36 -2.90 -2.15
C TYR A 29 7.66 -1.62 -2.60
N ILE A 30 6.49 -1.37 -2.00
CA ILE A 30 5.66 -0.21 -2.35
C ILE A 30 6.39 1.12 -2.13
N LYS A 31 7.16 1.17 -1.03
CA LYS A 31 8.06 2.31 -0.75
C LYS A 31 8.91 2.65 -1.98
N ARG A 32 9.51 1.61 -2.55
CA ARG A 32 10.37 1.77 -3.74
C ARG A 32 9.60 2.26 -4.97
N GLU A 33 8.39 1.71 -5.19
CA GLU A 33 7.56 2.09 -6.36
C GLU A 33 7.35 3.61 -6.44
N CYS A 34 6.88 4.14 -5.32
CA CYS A 34 6.60 5.59 -5.17
C CYS A 34 7.88 6.44 -5.20
N GLY A 35 8.79 6.12 -4.26
CA GLY A 35 10.03 6.88 -4.08
C GLY A 35 10.98 6.78 -5.28
N LYS A 36 11.45 5.55 -5.52
CA LYS A 36 12.33 5.25 -6.66
C LYS A 36 11.53 5.22 -7.97
N LEU A 37 11.32 6.43 -8.50
CA LEU A 37 10.58 6.64 -9.75
C LEU A 37 10.72 8.08 -10.23
N TRP B 1 -11.44 4.83 -2.39
CA TRP B 1 -11.33 5.99 -3.30
C TRP B 1 -11.86 5.68 -4.72
N SER B 2 -11.66 4.42 -5.14
CA SER B 2 -12.17 3.95 -6.44
C SER B 2 -12.49 2.45 -6.39
N THR B 3 -13.29 2.03 -7.37
CA THR B 3 -13.62 0.60 -7.52
C THR B 3 -12.39 -0.20 -7.97
N ILE B 4 -11.87 0.21 -9.13
CA ILE B 4 -10.70 -0.48 -9.72
C ILE B 4 -9.43 -0.23 -8.90
N VAL B 5 -9.04 1.04 -8.82
CA VAL B 5 -7.73 1.44 -8.27
C VAL B 5 -7.49 0.93 -6.84
N LYS B 6 -8.48 1.18 -5.97
CA LYS B 6 -8.36 0.78 -4.56
C LYS B 6 -8.21 -0.75 -4.41
N LEU B 7 -9.11 -1.47 -5.06
CA LEU B 7 -9.10 -2.96 -5.01
C LEU B 7 -7.83 -3.59 -5.60
N THR B 8 -7.19 -2.88 -6.54
CA THR B 8 -5.93 -3.35 -7.15
C THR B 8 -4.80 -3.44 -6.12
N ILE B 9 -4.57 -2.31 -5.44
CA ILE B 9 -3.49 -2.21 -4.44
C ILE B 9 -3.80 -2.98 -3.14
N CYS B 10 -5.09 -2.95 -2.76
CA CYS B 10 -5.59 -3.53 -1.50
C CYS B 10 -5.05 -4.90 -1.10
N PRO B 11 -5.07 -5.94 -1.95
CA PRO B 11 -4.56 -7.29 -1.60
C PRO B 11 -3.11 -7.25 -1.10
N THR B 12 -2.29 -6.46 -1.80
CA THR B 12 -0.90 -6.21 -1.38
C THR B 12 -0.86 -5.55 0.00
N LEU B 13 -1.72 -4.54 0.19
CA LEU B 13 -1.83 -3.80 1.46
C LEU B 13 -2.23 -4.70 2.65
N LYS B 14 -2.98 -5.77 2.36
CA LYS B 14 -3.33 -6.75 3.40
C LYS B 14 -2.07 -7.46 3.92
N SER B 15 -1.24 -7.88 2.96
CA SER B 15 0.07 -8.50 3.26
C SER B 15 0.97 -7.57 4.09
N MET B 16 0.93 -6.28 3.74
CA MET B 16 1.63 -5.22 4.48
C MET B 16 1.16 -5.19 5.96
N ALA B 17 -0.16 -5.17 6.10
CA ALA B 17 -0.82 -5.08 7.42
C ALA B 17 -0.38 -6.17 8.40
N LYS B 18 -0.07 -7.35 7.85
CA LYS B 18 0.40 -8.49 8.65
C LYS B 18 1.50 -8.13 9.66
N LYS B 19 2.40 -7.24 9.23
CA LYS B 19 3.52 -6.80 10.08
C LYS B 19 3.86 -5.32 9.86
N CYS B 20 2.91 -4.46 10.25
CA CYS B 20 3.16 -3.01 10.30
C CYS B 20 3.55 -2.51 11.69
N GLU B 21 3.96 -1.25 11.70
CA GLU B 21 4.40 -0.56 12.93
C GLU B 21 3.23 0.14 13.62
N GLY B 22 3.33 0.24 14.94
CA GLY B 22 2.29 0.85 15.80
C GLY B 22 0.96 0.08 15.71
N SER B 23 0.12 0.53 14.77
CA SER B 23 -1.17 -0.12 14.46
C SER B 23 -1.78 0.44 13.17
N ILE B 24 -0.88 0.73 12.22
CA ILE B 24 -1.25 1.25 10.89
C ILE B 24 -2.03 0.21 10.08
N ALA B 25 -1.62 -1.04 10.26
CA ALA B 25 -2.29 -2.21 9.63
C ALA B 25 -3.82 -2.13 9.69
N THR B 26 -4.32 -1.80 10.88
CA THR B 26 -5.77 -1.69 11.14
C THR B 26 -6.45 -0.65 10.22
N MET B 27 -5.85 0.54 10.17
CA MET B 27 -6.36 1.66 9.36
C MET B 27 -6.46 1.28 7.87
N ILE B 28 -5.33 0.80 7.34
CA ILE B 28 -5.23 0.37 5.93
C ILE B 28 -6.32 -0.63 5.53
N LYS B 29 -6.48 -1.63 6.42
CA LYS B 29 -7.49 -2.69 6.24
C LYS B 29 -8.90 -2.10 6.07
N LYS B 30 -9.20 -1.16 6.96
CA LYS B 30 -10.51 -0.48 6.98
C LYS B 30 -10.87 0.17 5.63
N LYS B 31 -9.89 0.86 5.06
CA LYS B 31 -10.03 1.54 3.75
C LYS B 31 -10.52 0.57 2.66
N CYS B 32 -9.82 -0.56 2.59
CA CYS B 32 -10.12 -1.61 1.61
C CYS B 32 -11.53 -2.19 1.70
N ASP B 33 -12.07 -2.23 2.94
CA ASP B 33 -13.45 -2.70 3.14
C ASP B 33 -14.47 -1.76 2.50
N LYS B 34 -15.72 -2.22 2.47
CA LYS B 34 -16.83 -1.47 1.85
C LYS B 34 -18.22 -2.03 2.22
N GLY A 1 4.67 -6.95 -14.45
CA GLY A 1 4.73 -7.10 -12.99
C GLY A 1 3.33 -7.23 -12.37
N VAL A 2 3.34 -7.33 -11.04
CA VAL A 2 2.10 -7.46 -10.24
C VAL A 2 1.19 -6.23 -10.42
N ILE A 3 1.82 -5.05 -10.36
CA ILE A 3 1.13 -3.77 -10.51
C ILE A 3 1.98 -2.81 -11.37
N PRO A 4 1.39 -2.07 -12.32
CA PRO A 4 2.11 -1.14 -13.19
C PRO A 4 2.40 0.21 -12.50
N LYS A 5 3.33 0.93 -13.12
CA LYS A 5 3.82 2.23 -12.58
C LYS A 5 2.68 3.22 -12.36
N LYS A 6 1.77 3.28 -13.33
CA LYS A 6 0.59 4.16 -13.27
C LYS A 6 -0.19 4.01 -11.95
N ILE A 7 -0.51 2.75 -11.61
CA ILE A 7 -1.22 2.45 -10.36
C ILE A 7 -0.45 2.95 -9.13
N TRP A 8 0.85 2.64 -9.09
CA TRP A 8 1.72 3.06 -7.97
C TRP A 8 1.68 4.56 -7.71
N GLU A 9 1.71 5.33 -8.81
CA GLU A 9 1.63 6.80 -8.76
C GLU A 9 0.35 7.30 -8.09
N THR A 10 -0.77 6.72 -8.54
CA THR A 10 -2.10 7.07 -8.04
C THR A 10 -2.25 6.80 -6.53
N VAL A 11 -1.80 5.61 -6.14
CA VAL A 11 -1.90 5.15 -4.74
C VAL A 11 -0.93 5.87 -3.79
N CYS A 12 0.22 6.30 -4.33
CA CYS A 12 1.33 6.93 -3.56
C CYS A 12 0.90 7.71 -2.30
N PRO A 13 0.05 8.75 -2.41
CA PRO A 13 -0.38 9.58 -1.26
C PRO A 13 -1.13 8.79 -0.18
N THR A 14 -2.06 7.95 -0.65
CA THR A 14 -2.86 7.09 0.25
C THR A 14 -1.97 6.15 1.08
N VAL A 15 -1.09 5.45 0.36
CA VAL A 15 -0.15 4.49 0.97
C VAL A 15 1.10 5.16 1.58
N GLU A 16 1.17 6.50 1.46
CA GLU A 16 2.34 7.26 1.95
C GLU A 16 2.62 7.04 3.44
N PRO A 17 1.69 7.37 4.35
CA PRO A 17 1.94 7.29 5.81
C PRO A 17 2.24 5.86 6.27
N TRP A 18 1.46 4.92 5.72
CA TRP A 18 1.59 3.50 6.08
C TRP A 18 2.96 2.93 5.73
N ALA A 19 3.41 3.24 4.51
CA ALA A 19 4.66 2.70 3.95
C ALA A 19 5.88 2.92 4.86
N LYS A 20 6.04 4.18 5.28
CA LYS A 20 7.11 4.54 6.23
C LYS A 20 6.90 3.85 7.59
N LYS A 21 5.65 3.91 8.06
CA LYS A 21 5.25 3.30 9.34
C LYS A 21 4.92 1.81 9.18
N CYS A 22 5.88 1.08 8.62
CA CYS A 22 5.72 -0.38 8.42
C CYS A 22 7.10 -1.04 8.21
N SER A 23 7.07 -2.37 8.08
CA SER A 23 8.30 -3.15 7.84
C SER A 23 7.99 -4.46 7.08
N GLY A 24 9.06 -5.24 6.88
CA GLY A 24 8.98 -6.51 6.13
C GLY A 24 9.17 -6.30 4.62
N ASP A 25 9.17 -7.43 3.92
CA ASP A 25 9.44 -7.48 2.47
C ASP A 25 8.47 -6.64 1.65
N ILE A 26 7.18 -6.81 1.98
CA ILE A 26 6.09 -6.12 1.25
C ILE A 26 6.20 -4.59 1.36
N ALA A 27 6.40 -4.13 2.59
CA ALA A 27 6.59 -2.68 2.87
C ALA A 27 7.73 -2.09 2.03
N THR A 28 8.84 -2.82 2.00
CA THR A 28 10.03 -2.44 1.21
C THR A 28 9.72 -2.33 -0.29
N TYR A 29 8.94 -3.30 -0.78
CA TYR A 29 8.58 -3.34 -2.21
C TYR A 29 7.80 -2.08 -2.62
N ILE A 30 6.71 -1.85 -1.88
CA ILE A 30 5.84 -0.66 -2.09
C ILE A 30 6.64 0.64 -2.09
N LYS A 31 7.60 0.72 -1.15
CA LYS A 31 8.49 1.89 -1.02
C LYS A 31 9.17 2.22 -2.36
N ARG A 32 9.75 1.16 -2.96
CA ARG A 32 10.45 1.28 -4.25
C ARG A 32 9.50 1.66 -5.40
N GLU A 33 8.36 0.96 -5.46
CA GLU A 33 7.41 1.12 -6.58
C GLU A 33 6.92 2.56 -6.75
N CYS A 34 6.36 3.11 -5.66
CA CYS A 34 5.92 4.52 -5.64
C CYS A 34 7.09 5.50 -5.85
N GLY A 35 8.13 5.32 -5.02
CA GLY A 35 9.28 6.25 -4.99
C GLY A 35 10.03 6.33 -6.32
N LYS A 36 10.63 5.19 -6.68
CA LYS A 36 11.37 5.06 -7.95
C LYS A 36 10.48 5.39 -9.16
N LEU A 37 10.79 6.54 -9.76
CA LEU A 37 10.03 7.05 -10.92
C LEU A 37 10.88 8.09 -11.67
N TRP B 1 -9.07 9.67 -5.52
CA TRP B 1 -8.25 9.10 -6.60
C TRP B 1 -9.04 8.10 -7.46
N SER B 2 -9.32 6.93 -6.89
CA SER B 2 -10.10 5.89 -7.60
C SER B 2 -10.44 4.70 -6.70
N THR B 3 -11.58 4.10 -7.03
CA THR B 3 -12.05 2.86 -6.39
C THR B 3 -11.38 1.64 -7.04
N ILE B 4 -11.38 1.63 -8.37
CA ILE B 4 -10.77 0.54 -9.17
C ILE B 4 -9.30 0.34 -8.80
N VAL B 5 -8.55 1.45 -8.82
CA VAL B 5 -7.13 1.46 -8.44
C VAL B 5 -6.94 0.94 -7.01
N LYS B 6 -7.85 1.36 -6.13
CA LYS B 6 -7.83 0.92 -4.71
C LYS B 6 -7.86 -0.60 -4.60
N LEU B 7 -8.79 -1.22 -5.34
CA LEU B 7 -8.93 -2.69 -5.36
C LEU B 7 -7.63 -3.40 -5.76
N THR B 8 -6.95 -2.81 -6.74
CA THR B 8 -5.68 -3.36 -7.27
C THR B 8 -4.58 -3.43 -6.18
N ILE B 9 -4.37 -2.28 -5.54
CA ILE B 9 -3.28 -2.13 -4.55
C ILE B 9 -3.57 -2.83 -3.22
N CYS B 10 -4.84 -2.75 -2.79
CA CYS B 10 -5.31 -3.26 -1.49
C CYS B 10 -4.75 -4.61 -1.02
N PRO B 11 -4.77 -5.68 -1.82
CA PRO B 11 -4.22 -7.00 -1.43
C PRO B 11 -2.76 -6.91 -0.99
N THR B 12 -1.98 -6.17 -1.79
CA THR B 12 -0.56 -5.89 -1.47
C THR B 12 -0.42 -5.15 -0.12
N LEU B 13 -1.30 -4.16 0.08
CA LEU B 13 -1.31 -3.36 1.31
C LEU B 13 -1.63 -4.18 2.56
N LYS B 14 -2.47 -5.20 2.39
CA LYS B 14 -2.79 -6.14 3.48
C LYS B 14 -1.60 -7.02 3.87
N SER B 15 -0.88 -7.47 2.83
CA SER B 15 0.37 -8.24 3.03
C SER B 15 1.40 -7.42 3.83
N MET B 16 1.48 -6.13 3.47
CA MET B 16 2.29 -5.15 4.20
C MET B 16 1.81 -5.02 5.66
N ALA B 17 0.48 -4.91 5.78
CA ALA B 17 -0.20 -4.71 7.07
C ALA B 17 0.15 -5.79 8.12
N LYS B 18 0.40 -7.00 7.61
CA LYS B 18 0.78 -8.15 8.46
C LYS B 18 1.85 -7.80 9.51
N LYS B 19 2.84 -7.02 9.07
CA LYS B 19 3.94 -6.59 9.95
C LYS B 19 4.29 -5.11 9.73
N CYS B 20 3.30 -4.26 10.08
CA CYS B 20 3.55 -2.81 10.16
C CYS B 20 3.72 -2.33 11.61
N GLU B 21 4.13 -1.07 11.73
CA GLU B 21 4.38 -0.46 13.04
C GLU B 21 3.09 0.05 13.69
N GLY B 22 3.13 0.15 15.02
CA GLY B 22 2.00 0.64 15.84
C GLY B 22 0.71 -0.17 15.63
N SER B 23 -0.11 0.34 14.71
CA SER B 23 -1.36 -0.33 14.30
C SER B 23 -1.85 0.26 12.96
N ILE B 24 -0.87 0.38 12.06
CA ILE B 24 -1.10 0.91 10.70
C ILE B 24 -1.99 -0.01 9.85
N ALA B 25 -1.83 -1.32 10.10
CA ALA B 25 -2.65 -2.37 9.44
C ALA B 25 -4.15 -2.02 9.39
N THR B 26 -4.63 -1.49 10.52
CA THR B 26 -6.03 -1.07 10.67
C THR B 26 -6.48 -0.10 9.57
N MET B 27 -5.62 0.89 9.31
CA MET B 27 -5.88 1.94 8.31
C MET B 27 -6.11 1.37 6.90
N ILE B 28 -5.20 0.48 6.48
CA ILE B 28 -5.31 -0.17 5.16
C ILE B 28 -6.67 -0.89 5.02
N LYS B 29 -6.96 -1.73 6.02
CA LYS B 29 -8.20 -2.50 6.07
C LYS B 29 -9.45 -1.61 5.97
N LYS B 30 -9.39 -0.47 6.66
CA LYS B 30 -10.51 0.48 6.73
C LYS B 30 -10.84 1.06 5.35
N LYS B 31 -9.80 1.63 4.72
CA LYS B 31 -9.92 2.28 3.40
C LYS B 31 -10.43 1.31 2.31
N CYS B 32 -9.74 0.18 2.21
CA CYS B 32 -10.08 -0.88 1.25
C CYS B 32 -11.53 -1.38 1.40
N ASP B 33 -11.85 -1.78 2.63
CA ASP B 33 -13.18 -2.33 2.96
C ASP B 33 -13.34 -2.40 4.48
N LYS B 34 -13.91 -1.32 5.02
CA LYS B 34 -14.16 -1.21 6.47
C LYS B 34 -15.14 -2.25 7.03
N GLY A 1 2.10 -6.64 -15.29
CA GLY A 1 2.50 -6.90 -13.90
C GLY A 1 1.30 -6.90 -12.94
N VAL A 2 1.63 -7.11 -11.67
CA VAL A 2 0.62 -7.11 -10.59
C VAL A 2 -0.10 -5.76 -10.47
N ILE A 3 0.71 -4.70 -10.50
CA ILE A 3 0.21 -3.31 -10.43
C ILE A 3 1.03 -2.42 -11.38
N PRO A 4 0.37 -1.59 -12.20
CA PRO A 4 1.05 -0.74 -13.20
C PRO A 4 1.67 0.52 -12.59
N LYS A 5 2.48 1.17 -13.42
CA LYS A 5 3.23 2.38 -13.04
C LYS A 5 2.30 3.49 -12.53
N LYS A 6 1.25 3.72 -13.32
CA LYS A 6 0.25 4.78 -13.01
C LYS A 6 -0.36 4.62 -11.62
N ILE A 7 -0.77 3.39 -11.30
CA ILE A 7 -1.34 3.09 -9.97
C ILE A 7 -0.35 3.39 -8.84
N TRP A 8 0.91 2.98 -9.03
CA TRP A 8 1.98 3.28 -8.04
C TRP A 8 2.10 4.77 -7.73
N GLU A 9 2.00 5.58 -8.79
CA GLU A 9 2.00 7.05 -8.65
C GLU A 9 0.81 7.56 -7.82
N THR A 10 -0.36 7.01 -8.13
CA THR A 10 -1.62 7.39 -7.45
C THR A 10 -1.58 7.10 -5.94
N VAL A 11 -1.14 5.89 -5.62
CA VAL A 11 -1.12 5.39 -4.23
C VAL A 11 -0.07 6.10 -3.35
N CYS A 12 1.05 6.50 -3.99
CA CYS A 12 2.20 7.13 -3.29
C CYS A 12 1.86 7.93 -2.02
N PRO A 13 1.06 9.01 -2.09
CA PRO A 13 0.69 9.85 -0.95
C PRO A 13 -0.18 9.14 0.10
N THR A 14 -1.13 8.34 -0.41
CA THR A 14 -2.08 7.61 0.44
C THR A 14 -1.35 6.63 1.39
N VAL A 15 -0.47 5.82 0.78
CA VAL A 15 0.38 4.87 1.52
C VAL A 15 1.64 5.51 2.13
N GLU A 16 1.82 6.81 1.87
CA GLU A 16 2.97 7.57 2.40
C GLU A 16 3.11 7.44 3.93
N PRO A 17 2.04 7.63 4.72
CA PRO A 17 2.08 7.39 6.17
C PRO A 17 2.29 5.91 6.55
N TRP A 18 1.42 5.04 6.00
CA TRP A 18 1.39 3.63 6.44
C TRP A 18 2.66 2.86 6.09
N ALA A 19 2.91 2.75 4.78
CA ALA A 19 3.99 1.91 4.24
C ALA A 19 5.39 2.27 4.75
N LYS A 20 5.70 3.57 4.68
CA LYS A 20 7.02 4.08 5.08
C LYS A 20 7.38 3.74 6.53
N LYS A 21 6.43 4.05 7.43
CA LYS A 21 6.56 3.66 8.85
C LYS A 21 6.70 2.13 9.01
N CYS A 22 5.85 1.43 8.25
CA CYS A 22 5.80 -0.04 8.25
C CYS A 22 7.08 -0.66 7.67
N SER A 23 7.15 -1.99 7.81
CA SER A 23 8.35 -2.75 7.41
C SER A 23 7.99 -4.12 6.80
N GLY A 24 9.05 -4.89 6.52
CA GLY A 24 8.92 -6.21 5.86
C GLY A 24 9.14 -6.11 4.35
N ASP A 25 9.10 -7.29 3.72
CA ASP A 25 9.34 -7.42 2.26
C ASP A 25 8.35 -6.60 1.43
N ILE A 26 7.08 -6.72 1.81
CA ILE A 26 5.98 -6.03 1.10
C ILE A 26 6.14 -4.50 1.17
N ALA A 27 6.46 -4.02 2.38
CA ALA A 27 6.72 -2.58 2.60
C ALA A 27 7.82 -2.06 1.66
N THR A 28 8.88 -2.87 1.56
CA THR A 28 10.03 -2.56 0.67
C THR A 28 9.59 -2.47 -0.80
N TYR A 29 8.70 -3.38 -1.20
CA TYR A 29 8.18 -3.40 -2.59
C TYR A 29 7.43 -2.12 -2.95
N ILE A 30 6.41 -1.81 -2.15
CA ILE A 30 5.59 -0.59 -2.34
C ILE A 30 6.46 0.67 -2.41
N LYS A 31 7.41 0.75 -1.46
CA LYS A 31 8.41 1.83 -1.42
C LYS A 31 9.15 1.97 -2.75
N ARG A 32 9.65 0.83 -3.24
CA ARG A 32 10.43 0.77 -4.49
C ARG A 32 9.63 1.29 -5.71
N GLU A 33 8.40 0.79 -5.84
CA GLU A 33 7.55 1.13 -7.00
C GLU A 33 7.23 2.62 -7.08
N CYS A 34 6.70 3.15 -5.97
CA CYS A 34 6.37 4.58 -5.86
C CYS A 34 7.59 5.48 -6.10
N GLY A 35 8.65 5.21 -5.33
CA GLY A 35 9.88 6.03 -5.36
C GLY A 35 10.55 6.06 -6.73
N LYS A 36 10.81 4.86 -7.25
CA LYS A 36 11.40 4.67 -8.58
C LYS A 36 10.38 5.02 -9.69
N LEU A 37 10.27 6.33 -9.93
CA LEU A 37 9.29 6.87 -10.88
C LEU A 37 9.62 8.34 -11.19
N TRP B 1 -9.07 1.24 -1.90
CA TRP B 1 -10.07 2.20 -1.40
C TRP B 1 -11.14 2.57 -2.44
N SER B 2 -10.69 2.93 -3.65
CA SER B 2 -11.62 3.30 -4.74
C SER B 2 -12.28 2.05 -5.35
N THR B 3 -13.11 2.26 -6.37
CA THR B 3 -13.75 1.15 -7.10
C THR B 3 -12.68 0.25 -7.76
N ILE B 4 -11.89 0.89 -8.62
CA ILE B 4 -10.81 0.20 -9.35
C ILE B 4 -9.54 0.06 -8.51
N VAL B 5 -9.13 1.19 -7.92
CA VAL B 5 -7.86 1.28 -7.18
C VAL B 5 -7.76 0.21 -6.08
N LYS B 6 -8.83 0.09 -5.29
CA LYS B 6 -8.88 -0.90 -4.19
C LYS B 6 -8.43 -2.29 -4.64
N LEU B 7 -9.11 -2.79 -5.68
CA LEU B 7 -8.83 -4.13 -6.23
C LEU B 7 -7.34 -4.36 -6.52
N THR B 8 -6.71 -3.32 -7.07
CA THR B 8 -5.30 -3.37 -7.47
C THR B 8 -4.34 -3.36 -6.27
N ILE B 9 -4.37 -2.24 -5.53
CA ILE B 9 -3.36 -1.99 -4.47
C ILE B 9 -3.60 -2.77 -3.17
N CYS B 10 -4.86 -2.74 -2.70
CA CYS B 10 -5.25 -3.31 -1.40
C CYS B 10 -4.66 -4.69 -1.05
N PRO B 11 -4.69 -5.71 -1.93
CA PRO B 11 -4.10 -7.03 -1.64
C PRO B 11 -2.65 -6.94 -1.17
N THR B 12 -1.87 -6.12 -1.89
CA THR B 12 -0.48 -5.82 -1.51
C THR B 12 -0.40 -5.16 -0.12
N LEU B 13 -1.23 -4.13 0.06
CA LEU B 13 -1.25 -3.34 1.31
C LEU B 13 -1.52 -4.19 2.57
N LYS B 14 -2.41 -5.18 2.42
CA LYS B 14 -2.77 -6.09 3.52
C LYS B 14 -1.60 -7.01 3.92
N SER B 15 -0.90 -7.52 2.89
CA SER B 15 0.32 -8.32 3.12
C SER B 15 1.34 -7.54 3.96
N MET B 16 1.52 -6.27 3.58
CA MET B 16 2.37 -5.33 4.32
C MET B 16 1.86 -5.11 5.75
N ALA B 17 0.54 -4.93 5.84
CA ALA B 17 -0.17 -4.56 7.10
C ALA B 17 0.21 -5.48 8.27
N LYS B 18 0.38 -6.76 7.94
CA LYS B 18 0.82 -7.77 8.92
C LYS B 18 2.07 -7.34 9.70
N LYS B 19 3.10 -6.94 8.94
CA LYS B 19 4.36 -6.44 9.53
C LYS B 19 4.37 -4.90 9.63
N CYS B 20 3.27 -4.35 10.15
CA CYS B 20 3.16 -2.90 10.40
C CYS B 20 2.90 -2.57 11.88
N GLU B 21 2.74 -1.28 12.13
CA GLU B 21 2.51 -0.73 13.48
C GLU B 21 1.15 -1.14 14.07
N GLY B 22 0.89 -0.60 15.27
CA GLY B 22 -0.30 -0.94 16.07
C GLY B 22 -1.62 -0.85 15.28
N SER B 23 -1.86 0.32 14.68
CA SER B 23 -3.08 0.53 13.88
C SER B 23 -2.82 1.32 12.58
N ILE B 24 -1.58 1.19 12.10
CA ILE B 24 -1.27 1.55 10.69
C ILE B 24 -1.94 0.53 9.77
N ALA B 25 -1.70 -0.74 10.12
CA ALA B 25 -2.37 -1.89 9.47
C ALA B 25 -3.90 -1.74 9.45
N THR B 26 -4.42 -1.27 10.60
CA THR B 26 -5.88 -1.06 10.75
C THR B 26 -6.43 -0.10 9.70
N MET B 27 -5.80 1.09 9.62
CA MET B 27 -6.21 2.13 8.66
C MET B 27 -6.17 1.67 7.19
N ILE B 28 -5.13 0.90 6.86
CA ILE B 28 -5.00 0.30 5.52
C ILE B 28 -6.26 -0.49 5.14
N LYS B 29 -6.64 -1.41 6.04
CA LYS B 29 -7.81 -2.27 5.82
C LYS B 29 -9.12 -1.46 5.71
N LYS B 30 -9.24 -0.47 6.60
CA LYS B 30 -10.44 0.38 6.67
C LYS B 30 -10.75 1.10 5.35
N LYS B 31 -9.70 1.72 4.81
CA LYS B 31 -9.76 2.34 3.47
C LYS B 31 -10.21 1.33 2.41
N CYS B 32 -9.46 0.23 2.38
CA CYS B 32 -9.76 -0.93 1.51
C CYS B 32 -11.07 -1.63 1.92
N ASP B 33 -11.36 -2.72 1.20
CA ASP B 33 -12.52 -3.57 1.52
C ASP B 33 -12.37 -4.97 0.90
N LYS B 34 -13.13 -5.89 1.48
CA LYS B 34 -13.11 -7.31 1.07
C LYS B 34 -14.25 -8.13 1.71
N GLY A 1 3.21 -8.60 -14.18
CA GLY A 1 2.58 -7.27 -14.20
C GLY A 1 1.40 -7.20 -13.22
N VAL A 2 1.74 -7.37 -11.93
CA VAL A 2 0.74 -7.32 -10.85
C VAL A 2 0.06 -5.94 -10.76
N ILE A 3 0.91 -4.91 -10.79
CA ILE A 3 0.45 -3.51 -10.74
C ILE A 3 1.37 -2.63 -11.62
N PRO A 4 0.80 -1.80 -12.51
CA PRO A 4 1.58 -0.97 -13.44
C PRO A 4 2.12 0.32 -12.80
N LYS A 5 3.00 0.97 -13.56
CA LYS A 5 3.61 2.25 -13.15
C LYS A 5 2.55 3.31 -12.82
N LYS A 6 1.54 3.39 -13.69
CA LYS A 6 0.45 4.36 -13.53
C LYS A 6 -0.19 4.31 -12.13
N ILE A 7 -0.57 3.09 -11.73
CA ILE A 7 -1.15 2.88 -10.40
C ILE A 7 -0.18 3.30 -9.28
N TRP A 8 1.08 2.84 -9.38
CA TRP A 8 2.11 3.16 -8.37
C TRP A 8 2.28 4.67 -8.14
N GLU A 9 2.18 5.44 -9.23
CA GLU A 9 2.23 6.91 -9.17
C GLU A 9 1.02 7.50 -8.41
N THR A 10 -0.16 7.00 -8.79
CA THR A 10 -1.44 7.46 -8.20
C THR A 10 -1.51 7.22 -6.68
N VAL A 11 -1.12 5.99 -6.29
CA VAL A 11 -1.23 5.54 -4.88
C VAL A 11 -0.28 6.28 -3.93
N CYS A 12 0.89 6.67 -4.46
CA CYS A 12 1.99 7.32 -3.70
C CYS A 12 1.60 8.02 -2.39
N PRO A 13 0.76 9.08 -2.41
CA PRO A 13 0.39 9.86 -1.19
C PRO A 13 -0.38 9.04 -0.15
N THR A 14 -1.41 8.33 -0.63
CA THR A 14 -2.30 7.56 0.25
C THR A 14 -1.56 6.41 0.96
N VAL A 15 -0.77 5.68 0.19
CA VAL A 15 0.01 4.55 0.71
C VAL A 15 1.16 4.97 1.64
N GLU A 16 1.73 6.15 1.36
CA GLU A 16 2.90 6.68 2.09
C GLU A 16 2.83 6.53 3.62
N PRO A 17 1.79 7.02 4.32
CA PRO A 17 1.68 6.91 5.79
C PRO A 17 1.84 5.46 6.30
N TRP A 18 1.15 4.55 5.62
CA TRP A 18 1.21 3.12 5.99
C TRP A 18 2.61 2.52 5.76
N ALA A 19 3.04 2.57 4.50
CA ALA A 19 4.31 1.97 4.04
C ALA A 19 5.53 2.38 4.88
N LYS A 20 5.70 3.70 5.00
CA LYS A 20 6.79 4.27 5.82
C LYS A 20 6.74 3.76 7.26
N LYS A 21 5.54 3.82 7.85
CA LYS A 21 5.31 3.28 9.20
C LYS A 21 4.97 1.77 9.15
N CYS A 22 5.86 1.01 8.50
CA CYS A 22 5.69 -0.44 8.37
C CYS A 22 7.03 -1.13 8.12
N SER A 23 6.99 -2.46 8.15
CA SER A 23 8.19 -3.30 7.93
C SER A 23 7.86 -4.57 7.14
N GLY A 24 8.92 -5.35 6.90
CA GLY A 24 8.81 -6.58 6.08
C GLY A 24 9.06 -6.32 4.60
N ASP A 25 9.04 -7.43 3.86
CA ASP A 25 9.33 -7.42 2.40
C ASP A 25 8.37 -6.53 1.60
N ILE A 26 7.08 -6.68 1.91
CA ILE A 26 6.01 -5.95 1.21
C ILE A 26 6.11 -4.44 1.41
N ALA A 27 6.39 -4.04 2.66
CA ALA A 27 6.61 -2.62 2.99
C ALA A 27 7.71 -2.00 2.12
N THR A 28 8.82 -2.75 2.03
CA THR A 28 9.98 -2.36 1.19
C THR A 28 9.60 -2.25 -0.29
N TYR A 29 8.79 -3.20 -0.75
CA TYR A 29 8.33 -3.25 -2.16
C TYR A 29 7.58 -1.97 -2.55
N ILE A 30 6.47 -1.74 -1.83
CA ILE A 30 5.58 -0.57 -2.05
C ILE A 30 6.37 0.75 -2.05
N LYS A 31 7.25 0.87 -1.04
CA LYS A 31 8.16 2.02 -0.93
C LYS A 31 8.92 2.27 -2.24
N ARG A 32 9.53 1.19 -2.74
CA ARG A 32 10.29 1.24 -4.01
C ARG A 32 9.44 1.69 -5.19
N GLU A 33 8.20 1.20 -5.24
CA GLU A 33 7.31 1.47 -6.39
C GLU A 33 7.11 2.98 -6.62
N CYS A 34 6.65 3.65 -5.56
CA CYS A 34 6.44 5.11 -5.59
C CYS A 34 7.75 5.89 -5.76
N GLY A 35 8.73 5.53 -4.92
CA GLY A 35 10.02 6.24 -4.86
C GLY A 35 10.80 6.16 -6.18
N LYS A 36 11.19 4.92 -6.52
CA LYS A 36 11.84 4.62 -7.81
C LYS A 36 10.83 4.78 -8.96
N LEU A 37 10.75 6.04 -9.43
CA LEU A 37 9.77 6.44 -10.45
C LEU A 37 10.21 7.76 -11.12
N TRP B 1 -9.44 2.52 -3.05
CA TRP B 1 -10.39 3.64 -2.93
C TRP B 1 -11.31 3.81 -4.15
N SER B 2 -10.69 3.82 -5.34
CA SER B 2 -11.46 3.93 -6.60
C SER B 2 -12.04 2.56 -7.00
N THR B 3 -12.91 2.58 -8.01
CA THR B 3 -13.51 1.33 -8.54
C THR B 3 -12.42 0.35 -8.99
N ILE B 4 -11.54 0.84 -9.86
CA ILE B 4 -10.41 0.06 -10.39
C ILE B 4 -9.25 -0.01 -9.37
N VAL B 5 -8.81 1.19 -8.94
CA VAL B 5 -7.60 1.32 -8.12
C VAL B 5 -7.64 0.51 -6.83
N LYS B 6 -8.78 0.58 -6.13
CA LYS B 6 -8.96 -0.15 -4.86
C LYS B 6 -8.57 -1.62 -4.97
N LEU B 7 -9.16 -2.27 -5.98
CA LEU B 7 -8.91 -3.69 -6.27
C LEU B 7 -7.40 -4.00 -6.43
N THR B 8 -6.73 -3.08 -7.14
CA THR B 8 -5.30 -3.24 -7.47
C THR B 8 -4.38 -3.13 -6.24
N ILE B 9 -4.45 -1.96 -5.57
CA ILE B 9 -3.50 -1.61 -4.50
C ILE B 9 -3.74 -2.37 -3.18
N CYS B 10 -5.00 -2.38 -2.75
CA CYS B 10 -5.39 -2.91 -1.42
C CYS B 10 -4.80 -4.28 -1.06
N PRO B 11 -4.87 -5.32 -1.90
CA PRO B 11 -4.30 -6.65 -1.59
C PRO B 11 -2.82 -6.61 -1.22
N THR B 12 -2.08 -5.78 -1.95
CA THR B 12 -0.65 -5.53 -1.64
C THR B 12 -0.51 -4.91 -0.24
N LEU B 13 -1.36 -3.91 0.02
CA LEU B 13 -1.39 -3.23 1.34
C LEU B 13 -1.72 -4.18 2.50
N LYS B 14 -2.53 -5.21 2.21
CA LYS B 14 -2.88 -6.24 3.20
C LYS B 14 -1.64 -7.04 3.61
N SER B 15 -0.91 -7.48 2.59
CA SER B 15 0.37 -8.22 2.78
C SER B 15 1.38 -7.40 3.61
N MET B 16 1.36 -6.09 3.36
CA MET B 16 2.19 -5.13 4.12
C MET B 16 1.75 -5.06 5.59
N ALA B 17 0.41 -4.96 5.76
CA ALA B 17 -0.24 -4.82 7.08
C ALA B 17 0.13 -5.95 8.06
N LYS B 18 0.46 -7.11 7.49
CA LYS B 18 0.86 -8.30 8.27
C LYS B 18 1.87 -7.98 9.38
N LYS B 19 2.79 -7.05 9.09
CA LYS B 19 3.77 -6.61 10.09
C LYS B 19 4.15 -5.13 9.89
N CYS B 20 3.13 -4.28 10.06
CA CYS B 20 3.36 -2.82 10.14
C CYS B 20 3.47 -2.33 11.58
N GLU B 21 3.92 -1.07 11.69
CA GLU B 21 4.22 -0.47 13.00
C GLU B 21 2.99 0.23 13.60
N GLY B 22 3.03 0.39 14.93
CA GLY B 22 1.95 1.04 15.70
C GLY B 22 0.60 0.33 15.54
N SER B 23 -0.22 0.91 14.65
CA SER B 23 -1.54 0.34 14.30
C SER B 23 -1.92 0.73 12.86
N ILE B 24 -0.89 0.67 12.00
CA ILE B 24 -1.03 0.98 10.56
C ILE B 24 -1.86 -0.09 9.83
N ALA B 25 -1.60 -1.34 10.20
CA ALA B 25 -2.36 -2.50 9.68
C ALA B 25 -3.88 -2.27 9.75
N THR B 26 -4.29 -1.75 10.91
CA THR B 26 -5.71 -1.43 11.17
C THR B 26 -6.26 -0.37 10.20
N MET B 27 -5.46 0.68 9.98
CA MET B 27 -5.85 1.79 9.09
C MET B 27 -6.10 1.34 7.65
N ILE B 28 -5.11 0.60 7.12
CA ILE B 28 -5.21 -0.02 5.78
C ILE B 28 -6.53 -0.79 5.62
N LYS B 29 -6.77 -1.64 6.62
CA LYS B 29 -7.97 -2.49 6.69
C LYS B 29 -9.28 -1.68 6.72
N LYS B 30 -9.22 -0.57 7.46
CA LYS B 30 -10.40 0.28 7.70
C LYS B 30 -10.87 1.01 6.44
N LYS B 31 -9.94 1.72 5.80
CA LYS B 31 -10.24 2.53 4.61
C LYS B 31 -10.80 1.68 3.46
N CYS B 32 -9.98 0.74 3.00
CA CYS B 32 -10.37 -0.19 1.92
C CYS B 32 -11.21 -1.34 2.49
N ASP B 33 -11.58 -2.27 1.61
CA ASP B 33 -12.28 -3.49 2.05
C ASP B 33 -11.40 -4.35 2.95
N LYS B 34 -12.01 -5.41 3.51
CA LYS B 34 -11.31 -6.30 4.45
C LYS B 34 -12.00 -7.66 4.65
N GLY A 1 -0.59 -10.47 -11.49
CA GLY A 1 -0.09 -10.44 -10.11
C GLY A 1 0.51 -9.08 -9.77
N VAL A 2 1.58 -8.73 -10.49
CA VAL A 2 2.27 -7.44 -10.29
C VAL A 2 1.41 -6.26 -10.75
N ILE A 3 1.64 -5.13 -10.07
CA ILE A 3 0.94 -3.87 -10.38
C ILE A 3 1.78 -3.02 -11.36
N PRO A 4 1.15 -2.32 -12.31
CA PRO A 4 1.86 -1.45 -13.28
C PRO A 4 2.23 -0.08 -12.71
N LYS A 5 3.08 0.61 -13.48
CA LYS A 5 3.65 1.91 -13.08
C LYS A 5 2.58 2.93 -12.70
N LYS A 6 1.59 3.09 -13.60
CA LYS A 6 0.49 4.06 -13.42
C LYS A 6 -0.16 3.93 -12.04
N ILE A 7 -0.60 2.71 -11.73
CA ILE A 7 -1.31 2.41 -10.48
C ILE A 7 -0.52 2.86 -9.23
N TRP A 8 0.77 2.50 -9.21
CA TRP A 8 1.66 2.88 -8.10
C TRP A 8 1.70 4.38 -7.84
N GLU A 9 1.97 5.13 -8.91
CA GLU A 9 2.06 6.60 -8.85
C GLU A 9 0.75 7.27 -8.44
N THR A 10 -0.37 6.65 -8.83
CA THR A 10 -1.70 7.11 -8.40
C THR A 10 -1.82 7.01 -6.87
N VAL A 11 -1.47 5.82 -6.35
CA VAL A 11 -1.51 5.57 -4.89
C VAL A 11 -0.21 5.97 -4.19
N CYS A 12 0.49 6.98 -4.75
CA CYS A 12 1.71 7.49 -4.11
C CYS A 12 1.43 8.03 -2.69
N PRO A 13 0.56 9.03 -2.52
CA PRO A 13 0.21 9.59 -1.20
C PRO A 13 -0.57 8.59 -0.33
N THR A 14 -1.39 7.79 -1.01
CA THR A 14 -2.24 6.77 -0.35
C THR A 14 -1.40 5.80 0.51
N VAL A 15 -0.44 5.16 -0.15
CA VAL A 15 0.42 4.14 0.50
C VAL A 15 1.46 4.76 1.46
N GLU A 16 1.94 5.95 1.09
CA GLU A 16 3.06 6.64 1.79
C GLU A 16 3.03 6.53 3.32
N PRO A 17 1.97 6.97 4.01
CA PRO A 17 1.94 7.00 5.49
C PRO A 17 2.08 5.61 6.12
N TRP A 18 1.36 4.65 5.52
CA TRP A 18 1.38 3.27 6.02
C TRP A 18 2.77 2.62 5.87
N ALA A 19 3.22 2.56 4.62
CA ALA A 19 4.52 1.96 4.25
C ALA A 19 5.68 2.51 5.09
N LYS A 20 5.66 3.85 5.24
CA LYS A 20 6.65 4.55 6.08
C LYS A 20 6.62 3.99 7.51
N LYS A 21 5.42 4.01 8.09
CA LYS A 21 5.18 3.42 9.42
C LYS A 21 4.90 1.91 9.33
N CYS A 22 5.82 1.21 8.66
CA CYS A 22 5.69 -0.24 8.45
C CYS A 22 7.05 -0.86 8.08
N SER A 23 7.06 -2.20 8.10
CA SER A 23 8.30 -2.97 7.85
C SER A 23 7.99 -4.28 7.12
N GLY A 24 9.08 -5.02 6.86
CA GLY A 24 9.01 -6.30 6.13
C GLY A 24 9.19 -6.13 4.61
N ASP A 25 9.19 -7.27 3.94
CA ASP A 25 9.46 -7.35 2.49
C ASP A 25 8.48 -6.53 1.65
N ILE A 26 7.19 -6.70 1.97
CA ILE A 26 6.10 -6.03 1.24
C ILE A 26 6.23 -4.49 1.35
N ALA A 27 6.44 -4.04 2.60
CA ALA A 27 6.63 -2.59 2.87
C ALA A 27 7.74 -1.98 2.02
N THR A 28 8.86 -2.71 1.96
CA THR A 28 10.04 -2.29 1.16
C THR A 28 9.70 -2.13 -0.33
N TYR A 29 9.00 -3.14 -0.86
CA TYR A 29 8.60 -3.15 -2.27
C TYR A 29 7.77 -1.92 -2.65
N ILE A 30 6.65 -1.75 -1.94
CA ILE A 30 5.73 -0.61 -2.12
C ILE A 30 6.45 0.74 -2.09
N LYS A 31 7.34 0.87 -1.11
CA LYS A 31 8.14 2.08 -0.91
C LYS A 31 8.95 2.45 -2.17
N ARG A 32 9.54 1.43 -2.78
CA ARG A 32 10.30 1.58 -4.03
C ARG A 32 9.43 2.11 -5.18
N GLU A 33 8.20 1.58 -5.28
CA GLU A 33 7.31 1.87 -6.41
C GLU A 33 7.05 3.38 -6.58
N CYS A 34 6.49 3.98 -5.53
CA CYS A 34 6.25 5.44 -5.52
C CYS A 34 7.56 6.23 -5.40
N GLY A 35 8.36 5.86 -4.39
CA GLY A 35 9.60 6.58 -4.04
C GLY A 35 10.62 6.60 -5.19
N LYS A 36 11.14 5.41 -5.51
CA LYS A 36 12.06 5.24 -6.65
C LYS A 36 11.26 5.36 -7.96
N LEU A 37 11.18 6.60 -8.43
CA LEU A 37 10.38 6.95 -9.61
C LEU A 37 10.84 8.30 -10.19
N TRP B 1 -8.88 9.81 -6.14
CA TRP B 1 -8.18 9.23 -7.29
C TRP B 1 -9.05 8.20 -8.03
N SER B 2 -9.30 7.06 -7.39
CA SER B 2 -10.15 6.01 -7.99
C SER B 2 -10.50 4.89 -7.01
N THR B 3 -11.66 4.28 -7.30
CA THR B 3 -12.14 3.10 -6.57
C THR B 3 -11.48 1.82 -7.09
N ILE B 4 -11.51 1.68 -8.42
CA ILE B 4 -10.94 0.50 -9.11
C ILE B 4 -9.47 0.30 -8.76
N VAL B 5 -8.70 1.39 -8.91
CA VAL B 5 -7.27 1.40 -8.56
C VAL B 5 -7.06 0.97 -7.09
N LYS B 6 -7.94 1.47 -6.22
CA LYS B 6 -7.86 1.17 -4.78
C LYS B 6 -7.98 -0.34 -4.51
N LEU B 7 -8.96 -0.96 -5.15
CA LEU B 7 -9.18 -2.42 -5.04
C LEU B 7 -7.93 -3.22 -5.43
N THR B 8 -7.31 -2.78 -6.53
CA THR B 8 -6.08 -3.42 -7.05
C THR B 8 -4.95 -3.43 -6.01
N ILE B 9 -4.72 -2.25 -5.41
CA ILE B 9 -3.64 -2.09 -4.43
C ILE B 9 -3.95 -2.73 -3.05
N CYS B 10 -5.25 -2.88 -2.74
CA CYS B 10 -5.69 -3.39 -1.42
C CYS B 10 -4.93 -4.64 -0.93
N PRO B 11 -4.91 -5.76 -1.67
CA PRO B 11 -4.28 -7.01 -1.22
C PRO B 11 -2.79 -6.85 -0.86
N THR B 12 -2.09 -6.06 -1.70
CA THR B 12 -0.68 -5.73 -1.46
C THR B 12 -0.49 -5.06 -0.10
N LEU B 13 -1.34 -4.06 0.15
CA LEU B 13 -1.32 -3.29 1.41
C LEU B 13 -1.65 -4.14 2.65
N LYS B 14 -2.51 -5.15 2.46
CA LYS B 14 -2.84 -6.10 3.53
C LYS B 14 -1.64 -7.00 3.89
N SER B 15 -0.92 -7.42 2.85
CA SER B 15 0.33 -8.20 3.03
C SER B 15 1.37 -7.41 3.81
N MET B 16 1.44 -6.11 3.48
CA MET B 16 2.27 -5.15 4.23
C MET B 16 1.82 -5.04 5.69
N ALA B 17 0.49 -4.94 5.84
CA ALA B 17 -0.18 -4.78 7.15
C ALA B 17 0.15 -5.90 8.14
N LYS B 18 0.47 -7.07 7.60
CA LYS B 18 0.83 -8.26 8.41
C LYS B 18 1.81 -7.94 9.55
N LYS B 19 2.78 -7.07 9.25
CA LYS B 19 3.77 -6.66 10.25
C LYS B 19 4.21 -5.19 10.03
N CYS B 20 3.23 -4.30 10.19
CA CYS B 20 3.50 -2.86 10.23
C CYS B 20 3.72 -2.34 11.66
N GLU B 21 4.18 -1.08 11.70
CA GLU B 21 4.48 -0.40 12.97
C GLU B 21 3.21 0.20 13.60
N GLY B 22 3.27 0.35 14.92
CA GLY B 22 2.17 0.93 15.73
C GLY B 22 0.85 0.13 15.61
N SER B 23 0.03 0.55 14.66
CA SER B 23 -1.24 -0.11 14.34
C SER B 23 -1.78 0.36 12.98
N ILE B 24 -0.83 0.47 12.04
CA ILE B 24 -1.11 0.90 10.67
C ILE B 24 -1.98 -0.10 9.89
N ALA B 25 -1.78 -1.38 10.19
CA ALA B 25 -2.54 -2.49 9.58
C ALA B 25 -4.05 -2.21 9.49
N THR B 26 -4.58 -1.69 10.61
CA THR B 26 -6.00 -1.34 10.74
C THR B 26 -6.47 -0.37 9.63
N MET B 27 -5.65 0.66 9.40
CA MET B 27 -5.96 1.70 8.39
C MET B 27 -6.27 1.10 7.01
N ILE B 28 -5.38 0.21 6.56
CA ILE B 28 -5.53 -0.44 5.23
C ILE B 28 -6.86 -1.21 5.14
N LYS B 29 -7.11 -2.02 6.16
CA LYS B 29 -8.31 -2.87 6.23
C LYS B 29 -9.59 -2.05 6.04
N LYS B 30 -9.70 -0.99 6.84
CA LYS B 30 -10.88 -0.09 6.80
C LYS B 30 -11.05 0.65 5.48
N LYS B 31 -9.92 1.16 4.97
CA LYS B 31 -9.90 1.89 3.68
C LYS B 31 -10.59 1.12 2.56
N CYS B 32 -10.10 -0.11 2.35
CA CYS B 32 -10.64 -0.97 1.29
C CYS B 32 -12.05 -1.49 1.62
N ASP B 33 -12.21 -1.91 2.88
CA ASP B 33 -13.41 -2.65 3.33
C ASP B 33 -13.51 -2.77 4.86
N LYS B 34 -13.89 -1.65 5.48
CA LYS B 34 -14.11 -1.59 6.94
C LYS B 34 -15.22 -2.53 7.47
N GLY A 1 2.93 -6.30 -13.84
CA GLY A 1 1.99 -7.44 -13.95
C GLY A 1 0.89 -7.34 -12.89
N VAL A 2 1.31 -7.40 -11.63
CA VAL A 2 0.40 -7.25 -10.49
C VAL A 2 -0.26 -5.86 -10.47
N ILE A 3 0.58 -4.85 -10.65
CA ILE A 3 0.14 -3.44 -10.70
C ILE A 3 1.03 -2.69 -11.71
N PRO A 4 0.44 -1.86 -12.60
CA PRO A 4 1.19 -1.10 -13.60
C PRO A 4 1.89 0.14 -13.01
N LYS A 5 2.77 0.70 -13.84
CA LYS A 5 3.58 1.88 -13.46
C LYS A 5 2.72 3.03 -12.92
N LYS A 6 1.77 3.44 -13.77
CA LYS A 6 0.89 4.60 -13.51
C LYS A 6 0.27 4.55 -12.10
N ILE A 7 -0.33 3.40 -11.78
CA ILE A 7 -0.98 3.17 -10.47
C ILE A 7 -0.05 3.46 -9.29
N TRP A 8 1.22 3.02 -9.39
CA TRP A 8 2.20 3.27 -8.32
C TRP A 8 2.36 4.76 -7.96
N GLU A 9 2.40 5.60 -8.98
CA GLU A 9 2.41 7.07 -8.77
C GLU A 9 1.12 7.59 -8.14
N THR A 10 -0.01 7.04 -8.62
CA THR A 10 -1.35 7.43 -8.12
C THR A 10 -1.49 7.20 -6.61
N VAL A 11 -1.08 6.00 -6.18
CA VAL A 11 -1.21 5.58 -4.78
C VAL A 11 -0.27 6.34 -3.83
N CYS A 12 0.90 6.73 -4.35
CA CYS A 12 1.99 7.39 -3.58
C CYS A 12 1.59 8.10 -2.28
N PRO A 13 0.79 9.18 -2.30
CA PRO A 13 0.46 9.97 -1.11
C PRO A 13 -0.30 9.18 -0.03
N THR A 14 -1.33 8.48 -0.50
CA THR A 14 -2.22 7.68 0.38
C THR A 14 -1.46 6.54 1.09
N VAL A 15 -0.68 5.80 0.29
CA VAL A 15 0.11 4.65 0.80
C VAL A 15 1.28 5.07 1.71
N GLU A 16 1.88 6.22 1.37
CA GLU A 16 3.09 6.73 2.04
C GLU A 16 3.09 6.61 3.59
N PRO A 17 2.09 7.15 4.31
CA PRO A 17 2.06 7.10 5.79
C PRO A 17 2.19 5.68 6.36
N TRP A 18 1.44 4.76 5.75
CA TRP A 18 1.48 3.35 6.18
C TRP A 18 2.86 2.72 5.94
N ALA A 19 3.29 2.78 4.67
CA ALA A 19 4.55 2.16 4.22
C ALA A 19 5.76 2.58 5.06
N LYS A 20 5.88 3.89 5.28
CA LYS A 20 6.92 4.46 6.17
C LYS A 20 6.85 3.82 7.57
N LYS A 21 5.63 3.86 8.13
CA LYS A 21 5.36 3.28 9.46
C LYS A 21 5.00 1.79 9.36
N CYS A 22 5.89 1.04 8.70
CA CYS A 22 5.70 -0.41 8.49
C CYS A 22 7.04 -1.10 8.22
N SER A 23 6.98 -2.42 8.12
CA SER A 23 8.17 -3.25 7.87
C SER A 23 7.84 -4.54 7.11
N GLY A 24 8.90 -5.31 6.86
CA GLY A 24 8.80 -6.57 6.09
C GLY A 24 9.05 -6.36 4.59
N ASP A 25 9.05 -7.50 3.89
CA ASP A 25 9.35 -7.55 2.45
C ASP A 25 8.37 -6.72 1.61
N ILE A 26 7.09 -6.89 1.90
CA ILE A 26 6.01 -6.18 1.18
C ILE A 26 6.16 -4.65 1.30
N ALA A 27 6.36 -4.20 2.54
CA ALA A 27 6.59 -2.77 2.83
C ALA A 27 7.72 -2.18 1.98
N THR A 28 8.82 -2.94 1.91
CA THR A 28 10.01 -2.54 1.14
C THR A 28 9.69 -2.35 -0.36
N TYR A 29 8.99 -3.33 -0.92
CA TYR A 29 8.58 -3.29 -2.34
C TYR A 29 7.79 -2.03 -2.69
N ILE A 30 6.68 -1.86 -1.97
CA ILE A 30 5.75 -0.72 -2.16
C ILE A 30 6.51 0.62 -2.11
N LYS A 31 7.36 0.73 -1.09
CA LYS A 31 8.19 1.93 -0.88
C LYS A 31 9.03 2.27 -2.11
N ARG A 32 9.59 1.22 -2.72
CA ARG A 32 10.39 1.37 -3.95
C ARG A 32 9.57 1.85 -5.15
N GLU A 33 8.38 1.26 -5.32
CA GLU A 33 7.52 1.55 -6.49
C GLU A 33 7.22 3.06 -6.63
N CYS A 34 6.67 3.62 -5.56
CA CYS A 34 6.40 5.07 -5.49
C CYS A 34 7.71 5.89 -5.45
N GLY A 35 8.59 5.49 -4.54
CA GLY A 35 9.82 6.25 -4.24
C GLY A 35 10.75 6.39 -5.44
N LYS A 36 11.26 5.25 -5.89
CA LYS A 36 12.17 5.20 -7.06
C LYS A 36 11.50 5.83 -8.30
N LEU A 37 10.37 5.24 -8.68
CA LEU A 37 9.58 5.80 -9.80
C LEU A 37 8.58 6.84 -9.26
N TRP B 1 -8.40 3.14 -4.66
CA TRP B 1 -9.07 4.38 -4.24
C TRP B 1 -10.49 4.40 -4.82
N SER B 2 -10.54 4.38 -6.15
CA SER B 2 -11.81 4.24 -6.90
C SER B 2 -12.35 2.81 -6.76
N THR B 3 -13.42 2.52 -7.50
CA THR B 3 -14.00 1.16 -7.52
C THR B 3 -12.95 0.12 -7.95
N ILE B 4 -12.40 0.35 -9.14
CA ILE B 4 -11.37 -0.54 -9.71
C ILE B 4 -10.02 -0.40 -8.99
N VAL B 5 -9.60 0.86 -8.84
CA VAL B 5 -8.28 1.19 -8.25
C VAL B 5 -8.09 0.56 -6.86
N LYS B 6 -9.13 0.68 -6.03
CA LYS B 6 -9.10 0.12 -4.65
C LYS B 6 -8.81 -1.39 -4.64
N LEU B 7 -9.47 -2.10 -5.54
CA LEU B 7 -9.25 -3.55 -5.70
C LEU B 7 -7.79 -3.89 -6.02
N THR B 8 -7.19 -3.05 -6.88
CA THR B 8 -5.79 -3.23 -7.30
C THR B 8 -4.81 -3.12 -6.12
N ILE B 9 -4.96 -2.01 -5.37
CA ILE B 9 -4.09 -1.70 -4.23
C ILE B 9 -4.39 -2.55 -2.97
N CYS B 10 -5.63 -3.04 -2.89
CA CYS B 10 -6.11 -3.83 -1.73
C CYS B 10 -5.14 -4.92 -1.28
N PRO B 11 -4.80 -5.92 -2.11
CA PRO B 11 -3.93 -7.04 -1.73
C PRO B 11 -2.51 -6.61 -1.32
N THR B 12 -2.01 -5.61 -2.05
CA THR B 12 -0.66 -5.05 -1.81
C THR B 12 -0.51 -4.54 -0.36
N LEU B 13 -1.41 -3.62 -0.01
CA LEU B 13 -1.42 -3.02 1.34
C LEU B 13 -1.76 -4.02 2.46
N LYS B 14 -2.67 -4.95 2.14
CA LYS B 14 -3.05 -6.02 3.08
C LYS B 14 -1.83 -6.84 3.55
N SER B 15 -1.06 -7.29 2.55
CA SER B 15 0.18 -8.06 2.80
C SER B 15 1.21 -7.26 3.62
N MET B 16 1.26 -5.96 3.34
CA MET B 16 2.12 -5.03 4.09
C MET B 16 1.69 -4.93 5.56
N ALA B 17 0.36 -4.81 5.73
CA ALA B 17 -0.29 -4.62 7.04
C ALA B 17 0.05 -5.74 8.03
N LYS B 18 0.27 -6.94 7.48
CA LYS B 18 0.62 -8.13 8.26
C LYS B 18 1.69 -7.86 9.32
N LYS B 19 2.66 -7.02 8.96
CA LYS B 19 3.73 -6.60 9.89
C LYS B 19 4.06 -5.11 9.72
N CYS B 20 3.05 -4.27 10.00
CA CYS B 20 3.28 -2.82 10.11
C CYS B 20 3.40 -2.37 11.57
N GLU B 21 3.89 -1.13 11.72
CA GLU B 21 4.16 -0.56 13.05
C GLU B 21 2.91 0.09 13.65
N GLY B 22 2.94 0.24 14.98
CA GLY B 22 1.86 0.90 15.74
C GLY B 22 0.48 0.26 15.53
N SER B 23 -0.32 0.93 14.69
CA SER B 23 -1.65 0.44 14.30
C SER B 23 -2.00 0.91 12.87
N ILE B 24 -0.96 0.80 12.03
CA ILE B 24 -1.05 1.14 10.60
C ILE B 24 -1.86 0.10 9.83
N ALA B 25 -1.65 -1.17 10.19
CA ALA B 25 -2.42 -2.29 9.64
C ALA B 25 -3.94 -2.03 9.66
N THR B 26 -4.39 -1.47 10.80
CA THR B 26 -5.80 -1.11 11.00
C THR B 26 -6.30 -0.09 9.96
N MET B 27 -5.50 0.98 9.79
CA MET B 27 -5.83 2.05 8.84
C MET B 27 -6.02 1.53 7.41
N ILE B 28 -5.05 0.72 6.98
CA ILE B 28 -5.12 0.01 5.70
C ILE B 28 -6.42 -0.82 5.56
N LYS B 29 -6.71 -1.54 6.64
CA LYS B 29 -7.87 -2.44 6.71
C LYS B 29 -9.18 -1.71 6.41
N LYS B 30 -9.28 -0.50 6.97
CA LYS B 30 -10.44 0.39 6.78
C LYS B 30 -10.60 0.79 5.31
N LYS B 31 -9.49 1.27 4.73
CA LYS B 31 -9.47 1.74 3.33
C LYS B 31 -9.96 0.66 2.34
N CYS B 32 -9.23 -0.45 2.30
CA CYS B 32 -9.64 -1.62 1.50
C CYS B 32 -10.94 -2.21 2.07
N ASP B 33 -11.57 -3.07 1.27
CA ASP B 33 -12.87 -3.68 1.64
C ASP B 33 -12.92 -5.15 1.23
N LYS B 34 -12.11 -5.93 1.95
CA LYS B 34 -12.00 -7.38 1.72
C LYS B 34 -13.28 -8.16 2.08
N GLY A 1 3.81 -7.23 -15.65
CA GLY A 1 4.13 -7.30 -14.21
C GLY A 1 2.88 -7.36 -13.34
N VAL A 2 3.11 -7.40 -12.03
CA VAL A 2 2.04 -7.44 -11.03
C VAL A 2 1.15 -6.18 -11.10
N ILE A 3 1.83 -5.03 -11.11
CA ILE A 3 1.16 -3.72 -11.17
C ILE A 3 2.02 -2.74 -11.99
N PRO A 4 1.41 -1.95 -12.89
CA PRO A 4 2.13 -1.02 -13.77
C PRO A 4 2.57 0.28 -13.09
N LYS A 5 3.35 1.05 -13.85
CA LYS A 5 3.85 2.36 -13.40
C LYS A 5 2.73 3.32 -13.04
N LYS A 6 1.71 3.36 -13.91
CA LYS A 6 0.54 4.25 -13.75
C LYS A 6 -0.07 4.10 -12.36
N ILE A 7 -0.39 2.84 -12.01
CA ILE A 7 -0.98 2.51 -10.70
C ILE A 7 -0.08 2.98 -9.54
N TRP A 8 1.23 2.67 -9.65
CA TRP A 8 2.21 3.08 -8.62
C TRP A 8 2.17 4.58 -8.30
N GLU A 9 2.05 5.38 -9.37
CA GLU A 9 1.94 6.85 -9.25
C GLU A 9 0.67 7.26 -8.49
N THR A 10 -0.44 6.64 -8.89
CA THR A 10 -1.77 6.96 -8.33
C THR A 10 -1.87 6.62 -6.83
N VAL A 11 -1.33 5.45 -6.48
CA VAL A 11 -1.38 4.95 -5.08
C VAL A 11 -0.45 5.72 -4.12
N CYS A 12 0.60 6.35 -4.66
CA CYS A 12 1.61 7.08 -3.88
C CYS A 12 1.10 7.75 -2.58
N PRO A 13 0.13 8.68 -2.63
CA PRO A 13 -0.39 9.38 -1.45
C PRO A 13 -1.14 8.46 -0.47
N THR A 14 -1.93 7.55 -1.04
CA THR A 14 -2.72 6.57 -0.26
C THR A 14 -1.85 5.70 0.64
N VAL A 15 -0.81 5.13 0.02
CA VAL A 15 0.17 4.26 0.73
C VAL A 15 1.18 5.07 1.57
N GLU A 16 1.34 6.35 1.22
CA GLU A 16 2.31 7.25 1.87
C GLU A 16 2.36 7.13 3.41
N PRO A 17 1.21 7.18 4.12
CA PRO A 17 1.18 6.96 5.57
C PRO A 17 1.55 5.52 5.98
N TRP A 18 0.89 4.55 5.34
CA TRP A 18 1.00 3.14 5.77
C TRP A 18 2.39 2.54 5.53
N ALA A 19 2.77 2.45 4.25
CA ALA A 19 4.03 1.81 3.82
C ALA A 19 5.26 2.31 4.59
N LYS A 20 5.36 3.64 4.69
CA LYS A 20 6.43 4.29 5.44
C LYS A 20 6.43 3.85 6.92
N LYS A 21 5.25 3.93 7.53
CA LYS A 21 5.04 3.43 8.91
C LYS A 21 4.72 1.92 8.91
N CYS A 22 5.60 1.16 8.25
CA CYS A 22 5.45 -0.30 8.18
C CYS A 22 6.82 -0.97 8.03
N SER A 23 6.80 -2.30 8.13
CA SER A 23 8.04 -3.10 8.07
C SER A 23 7.82 -4.41 7.29
N GLY A 24 8.92 -5.16 7.16
CA GLY A 24 8.93 -6.40 6.38
C GLY A 24 9.18 -6.15 4.88
N ASP A 25 9.26 -7.27 4.16
CA ASP A 25 9.58 -7.28 2.72
C ASP A 25 8.58 -6.47 1.88
N ILE A 26 7.30 -6.73 2.14
CA ILE A 26 6.20 -6.08 1.39
C ILE A 26 6.24 -4.55 1.52
N ALA A 27 6.38 -4.09 2.77
CA ALA A 27 6.49 -2.64 3.07
C ALA A 27 7.61 -1.96 2.26
N THR A 28 8.76 -2.64 2.25
CA THR A 28 9.95 -2.17 1.51
C THR A 28 9.67 -2.04 0.00
N TYR A 29 8.99 -3.07 -0.53
CA TYR A 29 8.65 -3.12 -1.97
C TYR A 29 7.76 -1.95 -2.39
N ILE A 30 6.62 -1.83 -1.70
CA ILE A 30 5.63 -0.75 -1.96
C ILE A 30 6.29 0.64 -1.94
N LYS A 31 7.10 0.85 -0.90
CA LYS A 31 7.89 2.08 -0.74
C LYS A 31 8.75 2.38 -1.98
N ARG A 32 9.37 1.32 -2.49
CA ARG A 32 10.22 1.42 -3.69
C ARG A 32 9.42 1.83 -4.95
N GLU A 33 8.23 1.26 -5.10
CA GLU A 33 7.42 1.47 -6.31
C GLU A 33 7.16 2.97 -6.56
N CYS A 34 6.54 3.59 -5.56
CA CYS A 34 6.28 5.05 -5.61
C CYS A 34 7.57 5.87 -5.58
N GLY A 35 8.39 5.56 -4.57
CA GLY A 35 9.62 6.34 -4.27
C GLY A 35 10.64 6.33 -5.41
N LYS A 36 11.20 5.14 -5.68
CA LYS A 36 12.22 4.99 -6.73
C LYS A 36 11.68 5.41 -8.10
N LEU A 37 10.60 4.73 -8.51
CA LEU A 37 9.92 5.07 -9.78
C LEU A 37 8.89 6.20 -9.52
N TRP B 1 -10.54 9.70 -3.90
CA TRP B 1 -9.49 9.03 -4.68
C TRP B 1 -10.06 7.88 -5.52
N SER B 2 -9.22 7.40 -6.46
CA SER B 2 -9.63 6.34 -7.41
C SER B 2 -10.00 5.03 -6.70
N THR B 3 -11.28 4.70 -6.83
CA THR B 3 -11.85 3.47 -6.23
C THR B 3 -11.25 2.20 -6.84
N ILE B 4 -11.26 2.16 -8.18
CA ILE B 4 -10.74 0.99 -8.93
C ILE B 4 -9.29 0.68 -8.56
N VAL B 5 -8.45 1.71 -8.69
CA VAL B 5 -7.02 1.61 -8.34
C VAL B 5 -6.81 1.16 -6.88
N LYS B 6 -7.65 1.69 -5.99
CA LYS B 6 -7.58 1.33 -4.56
C LYS B 6 -7.72 -0.18 -4.36
N LEU B 7 -8.82 -0.73 -4.89
CA LEU B 7 -9.10 -2.17 -4.80
C LEU B 7 -7.93 -3.04 -5.30
N THR B 8 -7.35 -2.59 -6.43
CA THR B 8 -6.21 -3.28 -7.05
C THR B 8 -5.02 -3.42 -6.08
N ILE B 9 -4.65 -2.28 -5.49
CA ILE B 9 -3.48 -2.24 -4.58
C ILE B 9 -3.74 -2.91 -3.22
N CYS B 10 -5.00 -2.86 -2.76
CA CYS B 10 -5.38 -3.32 -1.40
C CYS B 10 -4.74 -4.66 -0.97
N PRO B 11 -4.85 -5.76 -1.74
CA PRO B 11 -4.26 -7.06 -1.36
C PRO B 11 -2.76 -7.01 -1.05
N THR B 12 -2.04 -6.24 -1.88
CA THR B 12 -0.62 -5.96 -1.64
C THR B 12 -0.41 -5.31 -0.26
N LEU B 13 -1.26 -4.31 0.01
CA LEU B 13 -1.25 -3.58 1.29
C LEU B 13 -1.60 -4.47 2.49
N LYS B 14 -2.41 -5.51 2.24
CA LYS B 14 -2.76 -6.49 3.30
C LYS B 14 -1.52 -7.28 3.75
N SER B 15 -0.77 -7.74 2.75
CA SER B 15 0.51 -8.43 2.98
C SER B 15 1.50 -7.56 3.78
N MET B 16 1.47 -6.26 3.44
CA MET B 16 2.25 -5.24 4.17
C MET B 16 1.78 -5.13 5.63
N ALA B 17 0.45 -5.08 5.78
CA ALA B 17 -0.22 -4.89 7.09
C ALA B 17 0.16 -5.97 8.11
N LYS B 18 0.50 -7.16 7.59
CA LYS B 18 0.91 -8.31 8.43
C LYS B 18 1.89 -7.94 9.54
N LYS B 19 2.81 -7.03 9.22
CA LYS B 19 3.81 -6.56 10.21
C LYS B 19 4.20 -5.10 9.94
N CYS B 20 3.21 -4.22 10.13
CA CYS B 20 3.47 -2.76 10.11
C CYS B 20 3.74 -2.20 11.52
N GLU B 21 4.16 -0.93 11.52
CA GLU B 21 4.48 -0.21 12.77
C GLU B 21 3.23 0.38 13.42
N GLY B 22 3.33 0.52 14.75
CA GLY B 22 2.25 1.09 15.59
C GLY B 22 0.96 0.27 15.54
N SER B 23 0.09 0.66 14.60
CA SER B 23 -1.17 -0.06 14.31
C SER B 23 -1.74 0.36 12.95
N ILE B 24 -0.80 0.52 12.01
CA ILE B 24 -1.09 0.89 10.62
C ILE B 24 -1.91 -0.16 9.88
N ALA B 25 -1.63 -1.43 10.21
CA ALA B 25 -2.36 -2.59 9.66
C ALA B 25 -3.89 -2.37 9.67
N THR B 26 -4.36 -1.87 10.83
CA THR B 26 -5.79 -1.57 11.03
C THR B 26 -6.33 -0.58 9.99
N MET B 27 -5.60 0.53 9.84
CA MET B 27 -5.97 1.59 8.88
C MET B 27 -6.09 1.07 7.44
N ILE B 28 -5.00 0.44 6.98
CA ILE B 28 -4.92 -0.12 5.61
C ILE B 28 -6.20 -0.87 5.21
N LYS B 29 -6.55 -1.84 6.06
CA LYS B 29 -7.75 -2.67 5.84
C LYS B 29 -9.03 -1.83 5.80
N LYS B 30 -9.18 -1.00 6.83
CA LYS B 30 -10.40 -0.20 7.06
C LYS B 30 -10.86 0.58 5.83
N LYS B 31 -9.93 1.39 5.29
CA LYS B 31 -10.24 2.26 4.13
C LYS B 31 -10.79 1.49 2.92
N CYS B 32 -10.13 0.37 2.61
CA CYS B 32 -10.52 -0.43 1.43
C CYS B 32 -11.89 -1.09 1.63
N ASP B 33 -11.98 -1.89 2.71
CA ASP B 33 -13.23 -2.60 3.06
C ASP B 33 -13.36 -2.78 4.58
N LYS B 34 -14.47 -3.41 4.96
CA LYS B 34 -14.75 -3.80 6.36
C LYS B 34 -15.63 -5.07 6.46
N GLY A 1 2.52 -7.06 -15.13
CA GLY A 1 2.90 -7.07 -13.71
C GLY A 1 1.67 -7.00 -12.79
N VAL A 2 1.99 -6.98 -11.48
CA VAL A 2 0.95 -6.90 -10.44
C VAL A 2 0.15 -5.59 -10.52
N ILE A 3 0.91 -4.49 -10.64
CA ILE A 3 0.34 -3.13 -10.73
C ILE A 3 1.23 -2.27 -11.66
N PRO A 4 0.63 -1.46 -12.54
CA PRO A 4 1.37 -0.63 -13.51
C PRO A 4 2.00 0.62 -12.91
N LYS A 5 2.80 1.28 -13.76
CA LYS A 5 3.52 2.51 -13.40
C LYS A 5 2.57 3.63 -12.93
N LYS A 6 1.52 3.83 -13.74
CA LYS A 6 0.49 4.86 -13.46
C LYS A 6 -0.09 4.72 -12.05
N ILE A 7 -0.57 3.51 -11.74
CA ILE A 7 -1.19 3.24 -10.43
C ILE A 7 -0.21 3.47 -9.26
N TRP A 8 1.05 3.07 -9.45
CA TRP A 8 2.10 3.32 -8.44
C TRP A 8 2.23 4.81 -8.08
N GLU A 9 2.17 5.65 -9.12
CA GLU A 9 2.18 7.12 -8.95
C GLU A 9 0.95 7.61 -8.17
N THR A 10 -0.20 7.08 -8.55
CA THR A 10 -1.50 7.46 -7.94
C THR A 10 -1.53 7.19 -6.43
N VAL A 11 -1.06 5.99 -6.07
CA VAL A 11 -1.08 5.54 -4.66
C VAL A 11 -0.09 6.30 -3.77
N CYS A 12 1.07 6.63 -4.34
CA CYS A 12 2.21 7.30 -3.64
C CYS A 12 1.87 8.05 -2.34
N PRO A 13 1.07 9.12 -2.37
CA PRO A 13 0.76 9.94 -1.17
C PRO A 13 -0.05 9.18 -0.10
N THR A 14 -1.13 8.54 -0.57
CA THR A 14 -2.05 7.80 0.30
C THR A 14 -1.36 6.66 1.08
N VAL A 15 -0.55 5.88 0.33
CA VAL A 15 0.19 4.75 0.89
C VAL A 15 1.32 5.15 1.82
N GLU A 16 1.95 6.30 1.52
CA GLU A 16 3.13 6.81 2.22
C GLU A 16 3.07 6.64 3.75
N PRO A 17 2.07 7.20 4.46
CA PRO A 17 1.98 7.15 5.94
C PRO A 17 2.12 5.73 6.50
N TRP A 18 1.40 4.79 5.87
CA TRP A 18 1.45 3.38 6.28
C TRP A 18 2.84 2.76 6.03
N ALA A 19 3.26 2.84 4.75
CA ALA A 19 4.49 2.20 4.27
C ALA A 19 5.73 2.54 5.12
N LYS A 20 5.94 3.85 5.31
CA LYS A 20 7.02 4.36 6.16
C LYS A 20 6.89 3.84 7.61
N LYS A 21 5.67 3.93 8.14
CA LYS A 21 5.35 3.38 9.48
C LYS A 21 5.01 1.88 9.41
N CYS A 22 5.89 1.13 8.74
CA CYS A 22 5.69 -0.32 8.56
C CYS A 22 7.03 -1.01 8.26
N SER A 23 6.97 -2.35 8.24
CA SER A 23 8.16 -3.18 8.00
C SER A 23 7.82 -4.45 7.21
N GLY A 24 8.86 -5.25 6.98
CA GLY A 24 8.75 -6.50 6.20
C GLY A 24 9.03 -6.29 4.71
N ASP A 25 9.04 -7.42 4.01
CA ASP A 25 9.35 -7.47 2.57
C ASP A 25 8.39 -6.63 1.72
N ILE A 26 7.10 -6.79 2.02
CA ILE A 26 6.03 -6.10 1.28
C ILE A 26 6.18 -4.57 1.39
N ALA A 27 6.40 -4.10 2.62
CA ALA A 27 6.63 -2.66 2.88
C ALA A 27 7.76 -2.09 2.01
N THR A 28 8.86 -2.85 1.98
CA THR A 28 10.04 -2.48 1.17
C THR A 28 9.70 -2.37 -0.33
N TYR A 29 8.94 -3.34 -0.81
CA TYR A 29 8.53 -3.39 -2.23
C TYR A 29 7.72 -2.15 -2.63
N ILE A 30 6.65 -1.90 -1.89
CA ILE A 30 5.74 -0.76 -2.15
C ILE A 30 6.49 0.57 -2.21
N LYS A 31 7.36 0.75 -1.22
CA LYS A 31 8.28 1.91 -1.16
C LYS A 31 9.06 2.07 -2.46
N ARG A 32 9.62 0.95 -2.91
CA ARG A 32 10.43 0.91 -4.14
C ARG A 32 9.65 1.38 -5.39
N GLU A 33 8.38 0.95 -5.46
CA GLU A 33 7.53 1.26 -6.63
C GLU A 33 7.37 2.77 -6.84
N CYS A 34 6.85 3.43 -5.79
CA CYS A 34 6.62 4.88 -5.82
C CYS A 34 7.94 5.66 -5.91
N GLY A 35 8.80 5.42 -4.92
CA GLY A 35 10.08 6.14 -4.79
C GLY A 35 11.01 5.91 -5.98
N LYS A 36 11.47 4.66 -6.11
CA LYS A 36 12.35 4.28 -7.22
C LYS A 36 11.54 3.84 -8.45
N LEU A 37 10.73 4.78 -8.94
CA LEU A 37 9.95 4.57 -10.17
C LEU A 37 10.89 4.62 -11.39
N TRP B 1 -8.25 3.24 -4.76
CA TRP B 1 -8.91 4.50 -4.36
C TRP B 1 -10.32 4.56 -4.97
N SER B 2 -10.34 4.51 -6.30
CA SER B 2 -11.58 4.38 -7.08
C SER B 2 -12.20 2.99 -6.88
N THR B 3 -13.29 2.72 -7.60
CA THR B 3 -13.93 1.38 -7.57
C THR B 3 -12.92 0.28 -7.93
N ILE B 4 -12.33 0.44 -9.13
CA ILE B 4 -11.33 -0.52 -9.64
C ILE B 4 -10.01 -0.42 -8.87
N VAL B 5 -9.51 0.82 -8.78
CA VAL B 5 -8.19 1.11 -8.18
C VAL B 5 -8.04 0.55 -6.76
N LYS B 6 -9.11 0.74 -5.96
CA LYS B 6 -9.13 0.24 -4.57
C LYS B 6 -8.87 -1.27 -4.49
N LEU B 7 -9.59 -2.01 -5.34
CA LEU B 7 -9.43 -3.47 -5.43
C LEU B 7 -8.01 -3.89 -5.83
N THR B 8 -7.41 -3.10 -6.72
CA THR B 8 -6.02 -3.34 -7.17
C THR B 8 -5.02 -3.22 -6.03
N ILE B 9 -5.14 -2.13 -5.28
CA ILE B 9 -4.21 -1.81 -4.16
C ILE B 9 -4.51 -2.63 -2.89
N CYS B 10 -5.73 -3.17 -2.80
CA CYS B 10 -6.17 -3.98 -1.64
C CYS B 10 -5.14 -5.04 -1.22
N PRO B 11 -4.79 -6.03 -2.06
CA PRO B 11 -3.87 -7.12 -1.70
C PRO B 11 -2.47 -6.63 -1.31
N THR B 12 -2.01 -5.62 -2.04
CA THR B 12 -0.68 -5.02 -1.81
C THR B 12 -0.51 -4.52 -0.37
N LEU B 13 -1.42 -3.62 0.02
CA LEU B 13 -1.37 -3.00 1.35
C LEU B 13 -1.70 -3.98 2.49
N LYS B 14 -2.64 -4.89 2.22
CA LYS B 14 -3.01 -5.94 3.20
C LYS B 14 -1.80 -6.79 3.61
N SER B 15 -1.05 -7.23 2.60
CA SER B 15 0.20 -7.99 2.81
C SER B 15 1.22 -7.20 3.63
N MET B 16 1.29 -5.89 3.36
CA MET B 16 2.17 -4.98 4.11
C MET B 16 1.74 -4.89 5.60
N ALA B 17 0.43 -4.80 5.79
CA ALA B 17 -0.20 -4.63 7.11
C ALA B 17 0.18 -5.76 8.09
N LYS B 18 0.45 -6.93 7.53
CA LYS B 18 0.87 -8.13 8.29
C LYS B 18 1.93 -7.82 9.37
N LYS B 19 2.87 -6.93 9.01
CA LYS B 19 3.92 -6.51 9.95
C LYS B 19 4.21 -5.01 9.82
N CYS B 20 3.16 -4.23 10.05
CA CYS B 20 3.30 -2.76 10.20
C CYS B 20 3.38 -2.34 11.67
N GLU B 21 3.80 -1.08 11.85
CA GLU B 21 4.07 -0.53 13.20
C GLU B 21 2.83 0.16 13.78
N GLY B 22 2.84 0.27 15.12
CA GLY B 22 1.77 0.93 15.88
C GLY B 22 0.39 0.29 15.65
N SER B 23 -0.39 0.94 14.79
CA SER B 23 -1.72 0.45 14.38
C SER B 23 -2.04 0.90 12.95
N ILE B 24 -0.99 0.81 12.12
CA ILE B 24 -1.06 1.14 10.69
C ILE B 24 -1.86 0.08 9.91
N ALA B 25 -1.61 -1.18 10.26
CA ALA B 25 -2.35 -2.32 9.70
C ALA B 25 -3.87 -2.11 9.73
N THR B 26 -4.33 -1.58 10.87
CA THR B 26 -5.75 -1.27 11.08
C THR B 26 -6.28 -0.27 10.04
N MET B 27 -5.54 0.84 9.91
CA MET B 27 -5.90 1.93 8.96
C MET B 27 -6.09 1.39 7.53
N ILE B 28 -5.06 0.67 7.09
CA ILE B 28 -5.04 0.00 5.77
C ILE B 28 -6.31 -0.84 5.54
N LYS B 29 -6.67 -1.60 6.57
CA LYS B 29 -7.80 -2.54 6.51
C LYS B 29 -9.07 -1.83 6.01
N LYS B 30 -9.45 -0.78 6.73
CA LYS B 30 -10.65 0.02 6.42
C LYS B 30 -10.71 0.53 4.96
N LYS B 31 -9.55 1.00 4.48
CA LYS B 31 -9.45 1.56 3.12
C LYS B 31 -9.93 0.59 2.03
N CYS B 32 -9.40 -0.64 2.09
CA CYS B 32 -9.85 -1.71 1.18
C CYS B 32 -11.34 -2.02 1.39
N ASP B 33 -11.66 -2.41 2.62
CA ASP B 33 -13.06 -2.58 3.06
C ASP B 33 -13.19 -2.21 4.55
N LYS B 34 -14.32 -1.59 4.87
CA LYS B 34 -14.54 -1.02 6.21
C LYS B 34 -14.47 -2.07 7.34
N GLY A 1 4.08 -7.37 -14.86
CA GLY A 1 4.27 -7.51 -13.42
C GLY A 1 2.94 -7.56 -12.66
N VAL A 2 3.06 -7.65 -11.34
CA VAL A 2 1.89 -7.69 -10.43
C VAL A 2 1.05 -6.39 -10.54
N ILE A 3 1.78 -5.27 -10.51
CA ILE A 3 1.16 -3.93 -10.63
C ILE A 3 2.08 -3.03 -11.49
N PRO A 4 1.54 -2.34 -12.50
CA PRO A 4 2.32 -1.46 -13.38
C PRO A 4 2.60 -0.08 -12.74
N LYS A 5 3.48 0.65 -13.43
CA LYS A 5 3.99 1.95 -12.95
C LYS A 5 2.87 2.92 -12.53
N LYS A 6 1.97 3.19 -13.48
CA LYS A 6 0.90 4.19 -13.31
C LYS A 6 0.16 4.05 -11.96
N ILE A 7 -0.22 2.80 -11.66
CA ILE A 7 -0.94 2.49 -10.41
C ILE A 7 -0.20 2.99 -9.16
N TRP A 8 1.10 2.69 -9.10
CA TRP A 8 1.94 3.09 -7.95
C TRP A 8 1.93 4.60 -7.68
N GLU A 9 2.12 5.38 -8.74
CA GLU A 9 2.08 6.85 -8.65
C GLU A 9 0.71 7.39 -8.20
N THR A 10 -0.36 6.73 -8.66
CA THR A 10 -1.73 7.11 -8.27
C THR A 10 -1.96 6.90 -6.77
N VAL A 11 -1.60 5.70 -6.31
CA VAL A 11 -1.79 5.30 -4.90
C VAL A 11 -0.82 5.98 -3.93
N CYS A 12 0.30 6.48 -4.48
CA CYS A 12 1.41 7.08 -3.70
C CYS A 12 1.02 7.79 -2.38
N PRO A 13 0.17 8.83 -2.40
CA PRO A 13 -0.20 9.58 -1.18
C PRO A 13 -0.93 8.73 -0.15
N THR A 14 -1.89 7.93 -0.64
CA THR A 14 -2.70 7.04 0.21
C THR A 14 -1.83 6.04 0.99
N VAL A 15 -0.96 5.34 0.23
CA VAL A 15 -0.06 4.32 0.79
C VAL A 15 1.08 4.90 1.64
N GLU A 16 1.48 6.13 1.31
CA GLU A 16 2.65 6.80 1.90
C GLU A 16 2.78 6.66 3.43
N PRO A 17 1.77 7.06 4.23
CA PRO A 17 1.85 7.03 5.71
C PRO A 17 2.06 5.62 6.26
N TRP A 18 1.32 4.67 5.70
CA TRP A 18 1.36 3.28 6.18
C TRP A 18 2.71 2.61 5.89
N ALA A 19 3.08 2.61 4.61
CA ALA A 19 4.35 2.02 4.14
C ALA A 19 5.57 2.55 4.93
N LYS A 20 5.55 3.86 5.14
CA LYS A 20 6.57 4.54 5.97
C LYS A 20 6.63 3.91 7.38
N LYS A 21 5.46 3.88 8.01
CA LYS A 21 5.30 3.28 9.35
C LYS A 21 5.01 1.76 9.26
N CYS A 22 5.89 1.08 8.52
CA CYS A 22 5.77 -0.38 8.33
C CYS A 22 7.14 -1.00 8.00
N SER A 23 7.14 -2.34 7.98
CA SER A 23 8.37 -3.11 7.73
C SER A 23 8.08 -4.43 6.98
N GLY A 24 9.14 -5.18 6.75
CA GLY A 24 9.07 -6.45 6.00
C GLY A 24 9.24 -6.24 4.49
N ASP A 25 9.21 -7.38 3.78
CA ASP A 25 9.45 -7.43 2.33
C ASP A 25 8.44 -6.60 1.54
N ILE A 26 7.16 -6.78 1.88
CA ILE A 26 6.05 -6.10 1.18
C ILE A 26 6.14 -4.57 1.33
N ALA A 27 6.38 -4.14 2.57
CA ALA A 27 6.55 -2.71 2.87
C ALA A 27 7.64 -2.07 2.01
N THR A 28 8.77 -2.77 1.93
CA THR A 28 9.93 -2.34 1.12
C THR A 28 9.56 -2.19 -0.36
N TYR A 29 8.83 -3.19 -0.87
CA TYR A 29 8.39 -3.22 -2.28
C TYR A 29 7.55 -1.98 -2.64
N ILE A 30 6.47 -1.80 -1.90
CA ILE A 30 5.55 -0.65 -2.09
C ILE A 30 6.31 0.69 -2.07
N LYS A 31 7.20 0.80 -1.09
CA LYS A 31 8.04 2.01 -0.91
C LYS A 31 8.87 2.32 -2.16
N ARG A 32 9.43 1.25 -2.73
CA ARG A 32 10.25 1.35 -3.95
C ARG A 32 9.43 1.79 -5.18
N GLU A 33 8.30 1.12 -5.37
CA GLU A 33 7.46 1.33 -6.57
C GLU A 33 6.97 2.79 -6.70
N CYS A 34 6.36 3.28 -5.62
CA CYS A 34 5.95 4.69 -5.55
C CYS A 34 7.15 5.64 -5.51
N GLY A 35 7.96 5.47 -4.46
CA GLY A 35 9.08 6.39 -4.15
C GLY A 35 10.16 6.41 -5.23
N LYS A 36 10.81 5.25 -5.41
CA LYS A 36 11.85 5.08 -6.43
C LYS A 36 11.20 4.92 -7.82
N LEU A 37 10.79 6.07 -8.35
CA LEU A 37 10.10 6.15 -9.65
C LEU A 37 9.95 7.64 -10.04
N TRP B 1 -8.91 9.71 -6.23
CA TRP B 1 -8.23 9.12 -7.39
C TRP B 1 -9.11 8.08 -8.11
N SER B 2 -9.33 6.94 -7.45
CA SER B 2 -10.19 5.88 -8.01
C SER B 2 -10.49 4.77 -7.01
N THR B 3 -11.66 4.16 -7.23
CA THR B 3 -12.10 2.98 -6.47
C THR B 3 -11.45 1.71 -7.01
N ILE B 4 -11.55 1.55 -8.34
CA ILE B 4 -11.03 0.37 -9.04
C ILE B 4 -9.53 0.18 -8.81
N VAL B 5 -8.78 1.28 -9.03
CA VAL B 5 -7.33 1.30 -8.77
C VAL B 5 -7.01 0.90 -7.32
N LYS B 6 -7.83 1.42 -6.41
CA LYS B 6 -7.67 1.11 -4.97
C LYS B 6 -7.80 -0.39 -4.68
N LEU B 7 -8.79 -1.02 -5.33
CA LEU B 7 -8.98 -2.48 -5.19
C LEU B 7 -7.76 -3.28 -5.63
N THR B 8 -7.11 -2.80 -6.69
CA THR B 8 -5.90 -3.43 -7.24
C THR B 8 -4.75 -3.46 -6.23
N ILE B 9 -4.46 -2.29 -5.66
CA ILE B 9 -3.35 -2.13 -4.70
C ILE B 9 -3.65 -2.78 -3.33
N CYS B 10 -4.92 -2.69 -2.91
CA CYS B 10 -5.39 -3.15 -1.58
C CYS B 10 -4.81 -4.49 -1.09
N PRO B 11 -4.86 -5.59 -1.85
CA PRO B 11 -4.31 -6.89 -1.42
C PRO B 11 -2.83 -6.81 -1.03
N THR B 12 -2.06 -6.09 -1.85
CA THR B 12 -0.64 -5.82 -1.55
C THR B 12 -0.47 -5.08 -0.21
N LEU B 13 -1.34 -4.09 -0.01
CA LEU B 13 -1.34 -3.29 1.24
C LEU B 13 -1.63 -4.14 2.49
N LYS B 14 -2.51 -5.14 2.31
CA LYS B 14 -2.84 -6.09 3.40
C LYS B 14 -1.62 -6.94 3.79
N SER B 15 -0.92 -7.42 2.76
CA SER B 15 0.33 -8.19 2.96
C SER B 15 1.37 -7.38 3.74
N MET B 16 1.43 -6.08 3.41
CA MET B 16 2.28 -5.12 4.13
C MET B 16 1.84 -4.99 5.60
N ALA B 17 0.52 -4.84 5.77
CA ALA B 17 -0.11 -4.59 7.08
C ALA B 17 0.33 -5.60 8.15
N LYS B 18 0.53 -6.84 7.69
CA LYS B 18 0.93 -7.97 8.57
C LYS B 18 2.11 -7.59 9.49
N LYS B 19 3.16 -7.06 8.87
CA LYS B 19 4.38 -6.65 9.61
C LYS B 19 4.57 -5.12 9.59
N CYS B 20 3.51 -4.40 9.98
CA CYS B 20 3.61 -2.94 10.19
C CYS B 20 3.64 -2.58 11.68
N GLU B 21 4.14 -1.37 11.92
CA GLU B 21 4.18 -0.81 13.28
C GLU B 21 2.92 0.02 13.55
N GLY B 22 2.60 0.17 14.85
CA GLY B 22 1.40 0.91 15.26
C GLY B 22 0.11 0.28 14.71
N SER B 23 -0.99 1.04 14.85
CA SER B 23 -2.28 0.63 14.27
C SER B 23 -2.40 1.01 12.79
N ILE B 24 -1.28 0.87 12.07
CA ILE B 24 -1.22 1.12 10.62
C ILE B 24 -1.99 0.05 9.84
N ALA B 25 -1.77 -1.21 10.25
CA ALA B 25 -2.49 -2.36 9.70
C ALA B 25 -4.02 -2.15 9.70
N THR B 26 -4.50 -1.61 10.82
CA THR B 26 -5.92 -1.26 10.98
C THR B 26 -6.40 -0.31 9.87
N MET B 27 -5.61 0.73 9.64
CA MET B 27 -5.89 1.74 8.60
C MET B 27 -6.02 1.13 7.19
N ILE B 28 -5.14 0.17 6.90
CA ILE B 28 -5.17 -0.54 5.61
C ILE B 28 -6.55 -1.18 5.37
N LYS B 29 -6.95 -1.99 6.36
CA LYS B 29 -8.26 -2.70 6.32
C LYS B 29 -9.43 -1.72 6.16
N LYS B 30 -9.34 -0.63 6.93
CA LYS B 30 -10.39 0.41 6.99
C LYS B 30 -10.71 0.99 5.61
N LYS B 31 -9.66 1.54 4.99
CA LYS B 31 -9.79 2.16 3.65
C LYS B 31 -10.23 1.14 2.59
N CYS B 32 -9.46 0.04 2.53
CA CYS B 32 -9.82 -1.14 1.71
C CYS B 32 -11.09 -1.83 2.24
N ASP B 33 -11.34 -3.03 1.69
CA ASP B 33 -12.46 -3.87 2.16
C ASP B 33 -12.30 -4.23 3.64
N LYS B 34 -13.18 -3.63 4.44
CA LYS B 34 -13.16 -3.83 5.91
C LYS B 34 -13.58 -5.25 6.34
N GLY A 1 2.65 -7.72 -14.81
CA GLY A 1 2.97 -7.74 -13.38
C GLY A 1 1.71 -7.68 -12.50
N VAL A 2 1.97 -7.67 -11.19
CA VAL A 2 0.90 -7.58 -10.18
C VAL A 2 0.09 -6.28 -10.31
N ILE A 3 0.84 -5.18 -10.46
CA ILE A 3 0.26 -3.84 -10.61
C ILE A 3 1.12 -3.02 -11.60
N PRO A 4 0.52 -2.20 -12.47
CA PRO A 4 1.26 -1.40 -13.46
C PRO A 4 1.85 -0.12 -12.87
N LYS A 5 2.77 0.46 -13.66
CA LYS A 5 3.49 1.69 -13.30
C LYS A 5 2.53 2.83 -12.93
N LYS A 6 1.51 3.01 -13.77
CA LYS A 6 0.49 4.05 -13.57
C LYS A 6 -0.10 4.02 -12.16
N ILE A 7 -0.63 2.85 -11.79
CA ILE A 7 -1.26 2.65 -10.48
C ILE A 7 -0.29 2.97 -9.33
N TRP A 8 0.95 2.48 -9.45
CA TRP A 8 1.99 2.72 -8.44
C TRP A 8 2.21 4.21 -8.12
N GLU A 9 2.24 5.03 -9.18
CA GLU A 9 2.37 6.48 -9.03
C GLU A 9 1.12 7.13 -8.42
N THR A 10 -0.04 6.63 -8.85
CA THR A 10 -1.34 7.13 -8.34
C THR A 10 -1.51 6.92 -6.84
N VAL A 11 -1.06 5.75 -6.37
CA VAL A 11 -1.14 5.38 -4.95
C VAL A 11 -0.07 6.07 -4.07
N CYS A 12 0.94 6.67 -4.72
CA CYS A 12 2.04 7.37 -4.01
C CYS A 12 1.57 8.16 -2.76
N PRO A 13 0.66 9.14 -2.89
CA PRO A 13 0.15 9.93 -1.76
C PRO A 13 -0.68 9.11 -0.76
N THR A 14 -1.49 8.19 -1.32
CA THR A 14 -2.38 7.35 -0.50
C THR A 14 -1.61 6.53 0.54
N VAL A 15 -0.79 5.60 0.03
CA VAL A 15 0.08 4.78 0.90
C VAL A 15 1.44 5.44 1.16
N GLU A 16 1.40 6.78 1.29
CA GLU A 16 2.59 7.57 1.62
C GLU A 16 3.04 7.36 3.07
N PRO A 17 2.19 7.63 4.08
CA PRO A 17 2.56 7.49 5.50
C PRO A 17 2.75 6.03 5.93
N TRP A 18 1.82 5.19 5.48
CA TRP A 18 1.78 3.78 5.91
C TRP A 18 3.01 2.99 5.44
N ALA A 19 3.34 3.13 4.16
CA ALA A 19 4.52 2.47 3.57
C ALA A 19 5.82 2.87 4.29
N LYS A 20 5.91 4.17 4.60
CA LYS A 20 7.09 4.73 5.29
C LYS A 20 7.27 4.12 6.69
N LYS A 21 6.23 4.29 7.51
CA LYS A 21 6.23 3.84 8.92
C LYS A 21 6.47 2.33 9.05
N CYS A 22 5.57 1.58 8.41
CA CYS A 22 5.66 0.11 8.39
C CYS A 22 6.86 -0.37 7.57
N SER A 23 7.23 -1.63 7.81
CA SER A 23 8.42 -2.23 7.18
C SER A 23 8.24 -3.74 6.98
N GLY A 24 9.12 -4.26 6.10
CA GLY A 24 9.08 -5.67 5.71
C GLY A 24 9.52 -5.84 4.24
N ASP A 25 9.45 -7.09 3.78
CA ASP A 25 9.72 -7.40 2.37
C ASP A 25 8.75 -6.66 1.44
N ILE A 26 7.47 -6.77 1.82
CA ILE A 26 6.36 -6.12 1.08
C ILE A 26 6.52 -4.60 1.08
N ALA A 27 6.75 -4.05 2.28
CA ALA A 27 6.92 -2.60 2.47
C ALA A 27 8.01 -2.01 1.55
N THR A 28 9.14 -2.71 1.52
CA THR A 28 10.28 -2.32 0.67
C THR A 28 9.91 -2.27 -0.81
N TYR A 29 9.21 -3.32 -1.26
CA TYR A 29 8.76 -3.43 -2.65
C TYR A 29 7.91 -2.22 -3.07
N ILE A 30 6.83 -2.00 -2.31
CA ILE A 30 5.89 -0.89 -2.55
C ILE A 30 6.61 0.47 -2.64
N LYS A 31 7.52 0.66 -1.68
CA LYS A 31 8.31 1.91 -1.58
C LYS A 31 9.07 2.19 -2.88
N ARG A 32 9.67 1.13 -3.43
CA ARG A 32 10.39 1.21 -4.71
C ARG A 32 9.47 1.61 -5.88
N GLU A 33 8.27 1.02 -5.89
CA GLU A 33 7.33 1.25 -7.01
C GLU A 33 7.04 2.75 -7.23
N CYS A 34 6.55 3.39 -6.17
CA CYS A 34 6.28 4.83 -6.19
C CYS A 34 7.57 5.66 -6.37
N GLY A 35 8.49 5.45 -5.43
CA GLY A 35 9.73 6.25 -5.34
C GLY A 35 10.60 6.18 -6.59
N LYS A 36 11.06 4.96 -6.88
CA LYS A 36 11.88 4.68 -8.08
C LYS A 36 11.04 4.80 -9.35
N LEU A 37 10.98 6.06 -9.83
CA LEU A 37 10.24 6.41 -11.06
C LEU A 37 10.61 7.84 -11.48
N TRP B 1 -10.02 10.66 -3.51
CA TRP B 1 -9.16 9.80 -4.33
C TRP B 1 -9.94 8.58 -4.85
N SER B 2 -9.36 7.93 -5.85
CA SER B 2 -10.03 6.79 -6.52
C SER B 2 -10.13 5.55 -5.62
N THR B 3 -11.36 5.04 -5.57
CA THR B 3 -11.67 3.80 -4.84
C THR B 3 -11.10 2.57 -5.55
N ILE B 4 -11.38 2.49 -6.85
CA ILE B 4 -10.97 1.35 -7.70
C ILE B 4 -9.45 1.12 -7.64
N VAL B 5 -8.70 2.21 -7.82
CA VAL B 5 -7.23 2.16 -7.71
C VAL B 5 -6.78 1.62 -6.36
N LYS B 6 -7.50 2.04 -5.30
CA LYS B 6 -7.21 1.55 -3.94
C LYS B 6 -7.36 0.02 -3.85
N LEU B 7 -8.42 -0.50 -4.47
CA LEU B 7 -8.67 -1.95 -4.50
C LEU B 7 -7.51 -2.73 -5.15
N THR B 8 -6.92 -2.11 -6.16
CA THR B 8 -5.76 -2.70 -6.88
C THR B 8 -4.58 -2.95 -5.92
N ILE B 9 -4.25 -1.90 -5.17
CA ILE B 9 -3.13 -1.96 -4.20
C ILE B 9 -3.46 -2.77 -2.93
N CYS B 10 -4.74 -2.77 -2.55
CA CYS B 10 -5.23 -3.42 -1.31
C CYS B 10 -4.62 -4.80 -1.00
N PRO B 11 -4.64 -5.79 -1.92
CA PRO B 11 -4.07 -7.13 -1.68
C PRO B 11 -2.61 -7.10 -1.23
N THR B 12 -1.83 -6.26 -1.91
CA THR B 12 -0.42 -6.03 -1.54
C THR B 12 -0.31 -5.52 -0.09
N LEU B 13 -1.15 -4.54 0.22
CA LEU B 13 -1.21 -3.91 1.55
C LEU B 13 -1.54 -4.91 2.67
N LYS B 14 -2.27 -5.97 2.33
CA LYS B 14 -2.59 -7.04 3.31
C LYS B 14 -1.30 -7.66 3.86
N SER B 15 -0.45 -8.09 2.91
CA SER B 15 0.84 -8.73 3.22
C SER B 15 1.75 -7.82 4.05
N MET B 16 1.79 -6.55 3.66
CA MET B 16 2.57 -5.52 4.40
C MET B 16 2.06 -5.37 5.85
N ALA B 17 0.74 -5.28 5.95
CA ALA B 17 0.02 -5.03 7.22
C ALA B 17 0.43 -5.99 8.35
N LYS B 18 0.76 -7.21 7.95
CA LYS B 18 1.21 -8.27 8.90
C LYS B 18 2.23 -7.74 9.91
N LYS B 19 3.30 -7.12 9.36
CA LYS B 19 4.37 -6.55 10.19
C LYS B 19 4.34 -5.00 10.14
N CYS B 20 3.20 -4.46 10.58
CA CYS B 20 3.03 -2.99 10.69
C CYS B 20 2.75 -2.54 12.13
N GLU B 21 2.41 -1.25 12.24
CA GLU B 21 2.19 -0.59 13.55
C GLU B 21 1.03 -1.20 14.36
N GLY B 22 0.85 -0.62 15.55
CA GLY B 22 -0.16 -1.08 16.53
C GLY B 22 -1.57 -1.18 15.93
N SER B 23 -1.99 -0.09 15.28
CA SER B 23 -3.32 -0.06 14.64
C SER B 23 -3.40 0.96 13.49
N ILE B 24 -2.32 0.98 12.71
CA ILE B 24 -2.32 1.68 11.40
C ILE B 24 -2.99 0.77 10.36
N ALA B 25 -2.52 -0.48 10.35
CA ALA B 25 -3.08 -1.56 9.51
C ALA B 25 -4.61 -1.67 9.62
N THR B 26 -5.11 -1.36 10.82
CA THR B 26 -6.57 -1.35 11.09
C THR B 26 -7.34 -0.51 10.07
N MET B 27 -6.86 0.74 9.90
CA MET B 27 -7.44 1.68 8.92
C MET B 27 -7.35 1.17 7.48
N ILE B 28 -6.18 0.60 7.15
CA ILE B 28 -5.92 0.04 5.81
C ILE B 28 -7.01 -0.97 5.41
N LYS B 29 -7.26 -1.89 6.34
CA LYS B 29 -8.26 -2.95 6.17
C LYS B 29 -9.68 -2.39 6.01
N LYS B 30 -9.98 -1.40 6.86
CA LYS B 30 -11.31 -0.75 6.89
C LYS B 30 -11.71 -0.21 5.50
N LYS B 31 -10.79 0.56 4.92
CA LYS B 31 -10.99 1.16 3.59
C LYS B 31 -11.07 0.09 2.49
N CYS B 32 -10.07 -0.81 2.52
CA CYS B 32 -10.08 -2.01 1.65
C CYS B 32 -11.26 -2.94 1.95
N ASP B 33 -11.34 -4.02 1.16
CA ASP B 33 -12.45 -4.98 1.28
C ASP B 33 -12.19 -6.28 0.50
N LYS B 34 -13.17 -7.18 0.58
CA LYS B 34 -13.09 -8.50 -0.06
C LYS B 34 -14.47 -9.16 -0.21
N GLY A 1 0.51 -11.21 -10.71
CA GLY A 1 -0.39 -10.06 -10.56
C GLY A 1 0.38 -8.77 -10.28
N VAL A 2 1.23 -8.41 -11.24
CA VAL A 2 2.05 -7.19 -11.14
C VAL A 2 1.20 -5.91 -11.23
N ILE A 3 1.79 -4.83 -10.72
CA ILE A 3 1.17 -3.49 -10.77
C ILE A 3 2.02 -2.55 -11.65
N PRO A 4 1.40 -1.76 -12.53
CA PRO A 4 2.12 -0.87 -13.46
C PRO A 4 2.59 0.44 -12.80
N LYS A 5 3.39 1.16 -13.57
CA LYS A 5 3.96 2.47 -13.16
C LYS A 5 2.88 3.44 -12.70
N LYS A 6 1.87 3.59 -13.57
CA LYS A 6 0.77 4.54 -13.36
C LYS A 6 0.12 4.35 -11.98
N ILE A 7 -0.32 3.11 -11.74
CA ILE A 7 -0.99 2.75 -10.47
C ILE A 7 -0.12 3.04 -9.24
N TRP A 8 1.16 2.71 -9.32
CA TRP A 8 2.12 2.97 -8.22
C TRP A 8 2.17 4.45 -7.82
N GLU A 9 2.25 5.31 -8.83
CA GLU A 9 2.27 6.77 -8.64
C GLU A 9 0.92 7.31 -8.11
N THR A 10 -0.17 6.67 -8.55
CA THR A 10 -1.52 7.04 -8.09
C THR A 10 -1.69 6.80 -6.57
N VAL A 11 -1.25 5.60 -6.15
CA VAL A 11 -1.34 5.19 -4.74
C VAL A 11 -0.32 5.90 -3.84
N CYS A 12 0.82 6.31 -4.41
CA CYS A 12 1.93 6.95 -3.67
C CYS A 12 1.48 7.79 -2.44
N PRO A 13 0.67 8.84 -2.61
CA PRO A 13 0.20 9.70 -1.50
C PRO A 13 -0.75 8.99 -0.53
N THR A 14 -1.68 8.23 -1.12
CA THR A 14 -2.71 7.51 -0.34
C THR A 14 -2.08 6.56 0.69
N VAL A 15 -1.30 5.62 0.17
CA VAL A 15 -0.59 4.63 1.03
C VAL A 15 0.77 5.15 1.55
N GLU A 16 0.94 6.49 1.50
CA GLU A 16 2.18 7.11 1.99
C GLU A 16 2.38 6.91 3.50
N PRO A 17 1.45 7.38 4.36
CA PRO A 17 1.62 7.32 5.82
C PRO A 17 1.80 5.90 6.35
N TRP A 18 0.98 4.99 5.81
CA TRP A 18 1.01 3.58 6.23
C TRP A 18 2.34 2.91 5.88
N ALA A 19 2.71 3.03 4.60
CA ALA A 19 3.95 2.42 4.08
C ALA A 19 5.20 2.84 4.87
N LYS A 20 5.32 4.16 5.05
CA LYS A 20 6.41 4.73 5.87
C LYS A 20 6.43 4.13 7.28
N LYS A 21 5.24 4.14 7.90
CA LYS A 21 5.05 3.57 9.24
C LYS A 21 4.76 2.06 9.20
N CYS A 22 5.68 1.35 8.55
CA CYS A 22 5.58 -0.12 8.41
C CYS A 22 6.92 -0.72 7.95
N SER A 23 6.97 -2.05 7.97
CA SER A 23 8.19 -2.81 7.65
C SER A 23 7.87 -4.14 6.94
N GLY A 24 8.92 -4.91 6.71
CA GLY A 24 8.81 -6.21 6.03
C GLY A 24 9.03 -6.10 4.51
N ASP A 25 8.96 -7.26 3.88
CA ASP A 25 9.23 -7.40 2.43
C ASP A 25 8.33 -6.51 1.57
N ILE A 26 7.03 -6.55 1.90
CA ILE A 26 6.00 -5.79 1.15
C ILE A 26 6.24 -4.28 1.22
N ALA A 27 6.49 -3.80 2.45
CA ALA A 27 6.78 -2.38 2.70
C ALA A 27 7.95 -1.88 1.84
N THR A 28 9.02 -2.69 1.84
CA THR A 28 10.23 -2.42 1.04
C THR A 28 9.94 -2.36 -0.46
N TYR A 29 9.15 -3.33 -0.92
CA TYR A 29 8.79 -3.43 -2.35
C TYR A 29 8.10 -2.16 -2.85
N ILE A 30 6.98 -1.84 -2.20
CA ILE A 30 6.20 -0.62 -2.50
C ILE A 30 7.07 0.65 -2.43
N LYS A 31 8.01 0.63 -1.49
CA LYS A 31 8.97 1.75 -1.32
C LYS A 31 9.67 2.07 -2.66
N ARG A 32 10.13 1.00 -3.31
CA ARG A 32 10.79 1.09 -4.62
C ARG A 32 9.81 1.52 -5.72
N GLU A 33 8.67 0.80 -5.81
CA GLU A 33 7.70 1.01 -6.89
C GLU A 33 7.23 2.47 -7.01
N CYS A 34 6.71 2.97 -5.89
CA CYS A 34 6.32 4.40 -5.79
C CYS A 34 7.55 5.32 -5.85
N GLY A 35 8.44 5.14 -4.87
CA GLY A 35 9.57 6.06 -4.67
C GLY A 35 10.64 5.98 -5.76
N LYS A 36 11.33 4.84 -5.80
CA LYS A 36 12.42 4.60 -6.76
C LYS A 36 11.85 4.20 -8.13
N LEU A 37 11.34 5.22 -8.83
CA LEU A 37 10.75 5.04 -10.17
C LEU A 37 11.83 4.64 -11.21
N TRP B 1 -7.80 9.43 -7.07
CA TRP B 1 -7.97 8.03 -6.67
C TRP B 1 -9.36 7.51 -7.10
N SER B 2 -9.59 6.22 -6.80
CA SER B 2 -10.86 5.57 -7.19
C SER B 2 -11.09 4.26 -6.42
N THR B 3 -12.31 3.75 -6.58
CA THR B 3 -12.68 2.41 -6.11
C THR B 3 -11.91 1.33 -6.88
N ILE B 4 -11.80 1.56 -8.20
CA ILE B 4 -11.02 0.67 -9.09
C ILE B 4 -9.56 0.57 -8.60
N VAL B 5 -8.96 1.75 -8.45
CA VAL B 5 -7.58 1.87 -7.91
C VAL B 5 -7.43 1.17 -6.56
N LYS B 6 -8.44 1.38 -5.71
CA LYS B 6 -8.46 0.80 -4.35
C LYS B 6 -8.32 -0.72 -4.38
N LEU B 7 -9.31 -1.36 -5.02
CA LEU B 7 -9.36 -2.83 -5.12
C LEU B 7 -8.04 -3.46 -5.59
N THR B 8 -7.43 -2.80 -6.58
CA THR B 8 -6.14 -3.25 -7.13
C THR B 8 -5.03 -3.32 -6.07
N ILE B 9 -4.85 -2.19 -5.38
CA ILE B 9 -3.73 -2.05 -4.42
C ILE B 9 -3.96 -2.81 -3.09
N CYS B 10 -5.23 -2.88 -2.67
CA CYS B 10 -5.60 -3.41 -1.33
C CYS B 10 -4.90 -4.73 -0.95
N PRO B 11 -4.96 -5.81 -1.75
CA PRO B 11 -4.36 -7.10 -1.39
C PRO B 11 -2.87 -7.01 -1.02
N THR B 12 -2.15 -6.22 -1.83
CA THR B 12 -0.72 -5.95 -1.58
C THR B 12 -0.53 -5.28 -0.21
N LEU B 13 -1.35 -4.25 0.03
CA LEU B 13 -1.31 -3.49 1.30
C LEU B 13 -1.59 -4.36 2.54
N LYS B 14 -2.53 -5.29 2.38
CA LYS B 14 -2.87 -6.24 3.46
C LYS B 14 -1.68 -7.12 3.86
N SER B 15 -0.91 -7.52 2.84
CA SER B 15 0.33 -8.27 3.06
C SER B 15 1.32 -7.46 3.90
N MET B 16 1.44 -6.17 3.56
CA MET B 16 2.25 -5.21 4.32
C MET B 16 1.77 -5.13 5.78
N ALA B 17 0.45 -5.07 5.91
CA ALA B 17 -0.23 -4.89 7.21
C ALA B 17 0.14 -5.97 8.24
N LYS B 18 0.40 -7.17 7.73
CA LYS B 18 0.83 -8.31 8.59
C LYS B 18 1.95 -7.93 9.56
N LYS B 19 2.86 -7.07 9.07
CA LYS B 19 3.98 -6.58 9.90
C LYS B 19 4.17 -5.06 9.73
N CYS B 20 3.16 -4.32 10.19
CA CYS B 20 3.25 -2.85 10.29
C CYS B 20 3.30 -2.35 11.74
N GLU B 21 3.64 -1.07 11.86
CA GLU B 21 3.78 -0.40 13.17
C GLU B 21 2.41 -0.09 13.80
N GLY B 22 2.45 0.19 15.11
CA GLY B 22 1.30 0.68 15.90
C GLY B 22 -0.03 -0.03 15.61
N SER B 23 -0.80 0.60 14.74
CA SER B 23 -2.08 0.05 14.24
C SER B 23 -2.38 0.56 12.81
N ILE B 24 -1.28 0.73 12.07
CA ILE B 24 -1.30 1.06 10.64
C ILE B 24 -1.97 -0.05 9.83
N ALA B 25 -1.66 -1.29 10.22
CA ALA B 25 -2.28 -2.49 9.64
C ALA B 25 -3.81 -2.39 9.60
N THR B 26 -4.36 -1.94 10.73
CA THR B 26 -5.82 -1.73 10.87
C THR B 26 -6.34 -0.74 9.83
N MET B 27 -5.60 0.38 9.69
CA MET B 27 -5.96 1.45 8.74
C MET B 27 -6.05 0.96 7.30
N ILE B 28 -5.09 0.12 6.91
CA ILE B 28 -5.07 -0.48 5.55
C ILE B 28 -6.42 -1.15 5.23
N LYS B 29 -6.82 -2.03 6.14
CA LYS B 29 -8.11 -2.75 6.01
C LYS B 29 -9.30 -1.77 5.99
N LYS B 30 -9.22 -0.77 6.88
CA LYS B 30 -10.32 0.18 7.09
C LYS B 30 -10.70 0.94 5.81
N LYS B 31 -9.70 1.63 5.25
CA LYS B 31 -9.88 2.43 4.04
C LYS B 31 -10.00 1.57 2.77
N CYS B 32 -8.97 0.73 2.58
CA CYS B 32 -8.84 -0.08 1.36
C CYS B 32 -9.62 -1.41 1.47
N ASP B 33 -10.96 -1.27 1.44
CA ASP B 33 -11.87 -2.42 1.52
C ASP B 33 -13.32 -1.98 1.23
N LYS B 34 -14.16 -2.99 1.02
CA LYS B 34 -15.61 -2.80 0.79
C LYS B 34 -16.46 -3.93 1.41
N GLY A 1 3.05 -6.77 -15.72
CA GLY A 1 3.38 -6.89 -14.28
C GLY A 1 2.12 -6.96 -13.40
N VAL A 2 2.38 -7.06 -12.10
CA VAL A 2 1.31 -7.12 -11.09
C VAL A 2 0.45 -5.85 -11.08
N ILE A 3 1.14 -4.71 -11.09
CA ILE A 3 0.51 -3.38 -11.09
C ILE A 3 1.33 -2.42 -11.96
N PRO A 4 0.69 -1.58 -12.78
CA PRO A 4 1.38 -0.66 -13.70
C PRO A 4 1.92 0.61 -13.03
N LYS A 5 2.70 1.34 -13.82
CA LYS A 5 3.31 2.62 -13.40
C LYS A 5 2.26 3.62 -12.91
N LYS A 6 1.20 3.74 -13.72
CA LYS A 6 0.08 4.66 -13.43
C LYS A 6 -0.47 4.48 -12.01
N ILE A 7 -0.86 3.25 -11.70
CA ILE A 7 -1.42 2.92 -10.37
C ILE A 7 -0.46 3.27 -9.23
N TRP A 8 0.81 2.88 -9.40
CA TRP A 8 1.84 3.14 -8.38
C TRP A 8 1.95 4.63 -8.00
N GLU A 9 1.88 5.49 -9.03
CA GLU A 9 1.92 6.94 -8.81
C GLU A 9 0.63 7.50 -8.17
N THR A 10 -0.50 6.93 -8.58
CA THR A 10 -1.81 7.29 -8.00
C THR A 10 -1.85 7.05 -6.49
N VAL A 11 -1.43 5.85 -6.12
CA VAL A 11 -1.44 5.41 -4.71
C VAL A 11 -0.37 6.09 -3.84
N CYS A 12 0.74 6.49 -4.48
CA CYS A 12 1.91 7.11 -3.80
C CYS A 12 1.62 7.84 -2.48
N PRO A 13 0.80 8.91 -2.47
CA PRO A 13 0.51 9.70 -1.26
C PRO A 13 -0.29 8.93 -0.20
N THR A 14 -1.31 8.22 -0.68
CA THR A 14 -2.23 7.45 0.19
C THR A 14 -1.50 6.37 1.01
N VAL A 15 -0.70 5.58 0.29
CA VAL A 15 0.09 4.49 0.91
C VAL A 15 1.24 5.00 1.80
N GLU A 16 1.80 6.15 1.41
CA GLU A 16 2.99 6.75 2.06
C GLU A 16 2.99 6.67 3.61
N PRO A 17 1.97 7.15 4.32
CA PRO A 17 1.93 7.14 5.80
C PRO A 17 2.12 5.75 6.42
N TRP A 18 1.34 4.79 5.91
CA TRP A 18 1.38 3.42 6.45
C TRP A 18 2.73 2.75 6.18
N ALA A 19 3.11 2.74 4.90
CA ALA A 19 4.38 2.15 4.44
C ALA A 19 5.59 2.61 5.27
N LYS A 20 5.63 3.94 5.47
CA LYS A 20 6.65 4.57 6.33
C LYS A 20 6.61 3.98 7.74
N LYS A 21 5.42 4.00 8.33
CA LYS A 21 5.15 3.42 9.65
C LYS A 21 4.84 1.92 9.54
N CYS A 22 5.78 1.19 8.92
CA CYS A 22 5.62 -0.26 8.70
C CYS A 22 6.97 -0.89 8.32
N SER A 23 6.96 -2.23 8.26
CA SER A 23 8.17 -3.01 7.92
C SER A 23 7.83 -4.24 7.09
N GLY A 24 8.89 -4.98 6.75
CA GLY A 24 8.76 -6.23 5.97
C GLY A 24 9.05 -6.03 4.47
N ASP A 25 9.05 -7.17 3.78
CA ASP A 25 9.35 -7.23 2.33
C ASP A 25 8.36 -6.43 1.49
N ILE A 26 7.08 -6.58 1.83
CA ILE A 26 5.98 -5.90 1.13
C ILE A 26 6.11 -4.37 1.22
N ALA A 27 6.37 -3.90 2.45
CA ALA A 27 6.60 -2.47 2.69
C ALA A 27 7.70 -1.90 1.80
N THR A 28 8.82 -2.66 1.76
CA THR A 28 9.97 -2.33 0.91
C THR A 28 9.60 -2.29 -0.58
N TYR A 29 8.74 -3.23 -0.98
CA TYR A 29 8.31 -3.35 -2.39
C TYR A 29 7.58 -2.09 -2.86
N ILE A 30 6.50 -1.77 -2.15
CA ILE A 30 5.66 -0.58 -2.46
C ILE A 30 6.51 0.71 -2.53
N LYS A 31 7.38 0.83 -1.52
CA LYS A 31 8.35 1.94 -1.44
C LYS A 31 9.13 2.09 -2.76
N ARG A 32 9.63 0.95 -3.24
CA ARG A 32 10.39 0.91 -4.51
C ARG A 32 9.55 1.38 -5.71
N GLU A 33 8.29 0.95 -5.75
CA GLU A 33 7.40 1.25 -6.90
C GLU A 33 7.21 2.76 -7.10
N CYS A 34 6.67 3.40 -6.06
CA CYS A 34 6.44 4.85 -6.07
C CYS A 34 7.75 5.65 -6.16
N GLY A 35 8.65 5.33 -5.22
CA GLY A 35 9.93 6.04 -5.05
C GLY A 35 10.80 6.05 -6.31
N LYS A 36 11.07 4.85 -6.81
CA LYS A 36 11.86 4.67 -8.05
C LYS A 36 10.97 4.84 -9.30
N LEU A 37 10.34 6.01 -9.36
CA LEU A 37 9.45 6.38 -10.48
C LEU A 37 9.09 7.88 -10.34
N TRP B 1 -11.58 4.06 -1.25
CA TRP B 1 -10.33 4.28 -1.98
C TRP B 1 -10.63 4.63 -3.46
N SER B 2 -11.06 3.61 -4.20
CA SER B 2 -11.48 3.74 -5.61
C SER B 2 -12.28 2.51 -6.06
N THR B 3 -12.83 2.59 -7.28
CA THR B 3 -13.51 1.44 -7.88
C THR B 3 -12.48 0.40 -8.37
N ILE B 4 -11.65 0.84 -9.33
CA ILE B 4 -10.59 -0.01 -9.89
C ILE B 4 -9.36 -0.06 -8.99
N VAL B 5 -8.84 1.15 -8.70
CA VAL B 5 -7.54 1.30 -8.00
C VAL B 5 -7.50 0.57 -6.65
N LYS B 6 -8.60 0.65 -5.90
CA LYS B 6 -8.71 -0.06 -4.61
C LYS B 6 -8.37 -1.54 -4.76
N LEU B 7 -9.11 -2.19 -5.67
CA LEU B 7 -8.93 -3.63 -5.95
C LEU B 7 -7.49 -4.00 -6.27
N THR B 8 -6.84 -3.11 -7.03
CA THR B 8 -5.45 -3.31 -7.47
C THR B 8 -4.45 -3.29 -6.29
N ILE B 9 -4.49 -2.19 -5.54
CA ILE B 9 -3.47 -1.91 -4.51
C ILE B 9 -3.71 -2.70 -3.21
N CYS B 10 -4.96 -2.66 -2.74
CA CYS B 10 -5.39 -3.28 -1.47
C CYS B 10 -4.78 -4.64 -1.12
N PRO B 11 -4.80 -5.65 -2.00
CA PRO B 11 -4.21 -6.98 -1.71
C PRO B 11 -2.75 -6.89 -1.22
N THR B 12 -1.98 -6.07 -1.95
CA THR B 12 -0.58 -5.78 -1.58
C THR B 12 -0.50 -5.11 -0.21
N LEU B 13 -1.36 -4.10 -0.01
CA LEU B 13 -1.39 -3.31 1.24
C LEU B 13 -1.63 -4.17 2.48
N LYS B 14 -2.54 -5.15 2.33
CA LYS B 14 -2.85 -6.10 3.43
C LYS B 14 -1.62 -6.93 3.82
N SER B 15 -0.91 -7.41 2.80
CA SER B 15 0.35 -8.16 3.00
C SER B 15 1.37 -7.35 3.81
N MET B 16 1.44 -6.05 3.50
CA MET B 16 2.28 -5.10 4.25
C MET B 16 1.82 -4.98 5.70
N ALA B 17 0.51 -4.84 5.86
CA ALA B 17 -0.15 -4.66 7.18
C ALA B 17 0.18 -5.79 8.17
N LYS B 18 0.49 -6.96 7.62
CA LYS B 18 0.86 -8.15 8.42
C LYS B 18 1.88 -7.84 9.53
N LYS B 19 2.88 -7.03 9.18
CA LYS B 19 3.93 -6.65 10.15
C LYS B 19 4.28 -5.15 10.08
N CYS B 20 3.22 -4.34 10.17
CA CYS B 20 3.37 -2.88 10.38
C CYS B 20 3.45 -2.54 11.87
N GLU B 21 3.52 -1.23 12.13
CA GLU B 21 3.60 -0.71 13.51
C GLU B 21 2.28 -0.89 14.29
N GLY B 22 2.25 -0.31 15.50
CA GLY B 22 1.22 -0.54 16.53
C GLY B 22 -0.21 -0.76 16.01
N SER B 23 -0.74 0.25 15.31
CA SER B 23 -2.10 0.16 14.74
C SER B 23 -2.18 0.85 13.38
N ILE B 24 -1.14 0.62 12.59
CA ILE B 24 -1.07 1.09 11.20
C ILE B 24 -1.82 0.15 10.26
N ALA B 25 -1.63 -1.15 10.52
CA ALA B 25 -2.39 -2.21 9.83
C ALA B 25 -3.90 -1.93 9.80
N THR B 26 -4.39 -1.43 10.94
CA THR B 26 -5.79 -1.03 11.10
C THR B 26 -6.22 0.02 10.06
N MET B 27 -5.38 1.06 9.95
CA MET B 27 -5.62 2.17 9.01
C MET B 27 -5.73 1.69 7.56
N ILE B 28 -4.71 0.91 7.16
CA ILE B 28 -4.63 0.31 5.82
C ILE B 28 -5.93 -0.43 5.47
N LYS B 29 -6.34 -1.28 6.41
CA LYS B 29 -7.54 -2.12 6.25
C LYS B 29 -8.79 -1.27 5.97
N LYS B 30 -9.01 -0.30 6.85
CA LYS B 30 -10.22 0.55 6.84
C LYS B 30 -10.50 1.12 5.44
N LYS B 31 -9.45 1.72 4.85
CA LYS B 31 -9.53 2.33 3.51
C LYS B 31 -10.11 1.39 2.44
N CYS B 32 -9.57 0.17 2.41
CA CYS B 32 -10.07 -0.87 1.49
C CYS B 32 -11.52 -1.24 1.84
N ASP B 33 -11.70 -1.76 3.06
CA ASP B 33 -13.05 -2.06 3.59
C ASP B 33 -13.09 -1.92 5.12
N LYS B 34 -14.31 -1.74 5.60
CA LYS B 34 -14.59 -1.61 7.04
C LYS B 34 -14.41 -2.92 7.83
N GLY A 1 3.52 -8.00 -14.50
CA GLY A 1 2.86 -6.69 -14.49
C GLY A 1 1.65 -6.68 -13.56
N VAL A 2 1.94 -6.91 -12.27
CA VAL A 2 0.89 -6.91 -11.22
C VAL A 2 0.21 -5.54 -11.09
N ILE A 3 1.05 -4.50 -11.06
CA ILE A 3 0.58 -3.10 -10.97
C ILE A 3 1.49 -2.21 -11.83
N PRO A 4 0.91 -1.37 -12.71
CA PRO A 4 1.68 -0.49 -13.60
C PRO A 4 2.19 0.77 -12.91
N LYS A 5 3.04 1.48 -13.64
CA LYS A 5 3.67 2.72 -13.15
C LYS A 5 2.63 3.75 -12.69
N LYS A 6 1.65 3.99 -13.58
CA LYS A 6 0.57 4.97 -13.34
C LYS A 6 -0.08 4.79 -11.97
N ILE A 7 -0.53 3.56 -11.72
CA ILE A 7 -1.19 3.22 -10.44
C ILE A 7 -0.30 3.51 -9.23
N TRP A 8 0.97 3.12 -9.33
CA TRP A 8 1.94 3.40 -8.24
C TRP A 8 1.99 4.90 -7.87
N GLU A 9 2.09 5.74 -8.90
CA GLU A 9 2.11 7.20 -8.70
C GLU A 9 0.82 7.71 -8.01
N THR A 10 -0.31 7.16 -8.46
CA THR A 10 -1.64 7.54 -7.94
C THR A 10 -1.78 7.26 -6.43
N VAL A 11 -1.50 6.01 -6.05
CA VAL A 11 -1.57 5.56 -4.65
C VAL A 11 -0.51 6.23 -3.74
N CYS A 12 0.58 6.63 -4.39
CA CYS A 12 1.84 7.04 -3.72
C CYS A 12 1.67 7.91 -2.46
N PRO A 13 0.97 9.06 -2.49
CA PRO A 13 0.83 9.95 -1.32
C PRO A 13 0.04 9.30 -0.17
N THR A 14 -1.06 8.64 -0.55
CA THR A 14 -1.95 7.95 0.40
C THR A 14 -1.20 6.88 1.21
N VAL A 15 -0.46 6.04 0.48
CA VAL A 15 0.31 4.93 1.06
C VAL A 15 1.55 5.39 1.85
N GLU A 16 2.10 6.53 1.42
CA GLU A 16 3.39 7.06 1.93
C GLU A 16 3.54 7.01 3.46
N PRO A 17 2.65 7.64 4.26
CA PRO A 17 2.80 7.71 5.72
C PRO A 17 2.83 6.33 6.39
N TRP A 18 1.92 5.47 5.93
CA TRP A 18 1.82 4.10 6.45
C TRP A 18 3.11 3.29 6.21
N ALA A 19 3.65 3.45 5.00
CA ALA A 19 4.89 2.76 4.58
C ALA A 19 6.05 3.01 5.56
N LYS A 20 6.20 4.29 5.93
CA LYS A 20 7.20 4.69 6.94
C LYS A 20 6.97 3.95 8.27
N LYS A 21 5.70 4.02 8.72
CA LYS A 21 5.27 3.33 9.95
C LYS A 21 4.86 1.87 9.67
N CYS A 22 5.74 1.18 8.95
CA CYS A 22 5.55 -0.24 8.60
C CYS A 22 6.89 -0.88 8.22
N SER A 23 6.88 -2.22 8.13
CA SER A 23 8.09 -2.99 7.84
C SER A 23 7.77 -4.30 7.09
N GLY A 24 8.84 -5.09 6.90
CA GLY A 24 8.74 -6.37 6.17
C GLY A 24 8.96 -6.22 4.66
N ASP A 25 8.93 -7.37 4.01
CA ASP A 25 9.21 -7.48 2.56
C ASP A 25 8.24 -6.64 1.71
N ILE A 26 6.96 -6.76 2.05
CA ILE A 26 5.89 -6.06 1.31
C ILE A 26 6.02 -4.54 1.41
N ALA A 27 6.26 -4.06 2.64
CA ALA A 27 6.47 -2.62 2.88
C ALA A 27 7.59 -2.06 1.99
N THR A 28 8.70 -2.82 1.95
CA THR A 28 9.86 -2.48 1.10
C THR A 28 9.48 -2.43 -0.39
N TYR A 29 8.69 -3.42 -0.81
CA TYR A 29 8.25 -3.54 -2.22
C TYR A 29 7.48 -2.31 -2.70
N ILE A 30 6.36 -2.04 -2.02
CA ILE A 30 5.49 -0.90 -2.33
C ILE A 30 6.27 0.42 -2.41
N LYS A 31 7.11 0.61 -1.40
CA LYS A 31 7.97 1.81 -1.27
C LYS A 31 8.88 1.99 -2.49
N ARG A 32 9.44 0.86 -2.96
CA ARG A 32 10.29 0.85 -4.16
C ARG A 32 9.51 1.23 -5.43
N GLU A 33 8.31 0.65 -5.55
CA GLU A 33 7.49 0.79 -6.77
C GLU A 33 7.21 2.24 -7.16
N CYS A 34 6.59 2.98 -6.24
CA CYS A 34 6.38 4.43 -6.47
C CYS A 34 7.59 5.27 -6.05
N GLY A 35 7.99 5.06 -4.80
CA GLY A 35 9.03 5.89 -4.15
C GLY A 35 10.31 5.98 -4.99
N LYS A 36 10.82 4.80 -5.35
CA LYS A 36 11.97 4.71 -6.27
C LYS A 36 11.48 4.70 -7.73
N LEU A 37 10.76 5.77 -8.07
CA LEU A 37 10.17 5.96 -9.42
C LEU A 37 9.65 7.41 -9.53
N TRP B 1 -8.20 3.10 -5.42
CA TRP B 1 -9.00 4.28 -5.06
C TRP B 1 -10.34 4.25 -5.80
N SER B 2 -10.24 4.23 -7.13
CA SER B 2 -11.40 4.04 -8.02
C SER B 2 -11.95 2.61 -7.89
N THR B 3 -12.95 2.29 -8.72
CA THR B 3 -13.53 0.93 -8.74
C THR B 3 -12.44 -0.12 -9.00
N ILE B 4 -11.76 0.04 -10.14
CA ILE B 4 -10.67 -0.86 -10.54
C ILE B 4 -9.43 -0.68 -9.66
N VAL B 5 -9.01 0.59 -9.54
CA VAL B 5 -7.77 0.96 -8.83
C VAL B 5 -7.73 0.41 -7.39
N LYS B 6 -8.84 0.56 -6.69
CA LYS B 6 -8.97 0.08 -5.30
C LYS B 6 -8.69 -1.43 -5.18
N LEU B 7 -9.34 -2.19 -6.07
CA LEU B 7 -9.12 -3.65 -6.15
C LEU B 7 -7.65 -4.04 -6.34
N THR B 8 -6.96 -3.20 -7.14
CA THR B 8 -5.52 -3.42 -7.43
C THR B 8 -4.63 -3.24 -6.20
N ILE B 9 -4.78 -2.08 -5.55
CA ILE B 9 -3.90 -1.66 -4.45
C ILE B 9 -4.16 -2.43 -3.14
N CYS B 10 -5.44 -2.55 -2.79
CA CYS B 10 -5.90 -3.16 -1.52
C CYS B 10 -5.19 -4.46 -1.11
N PRO B 11 -5.11 -5.51 -1.95
CA PRO B 11 -4.44 -6.77 -1.60
C PRO B 11 -2.97 -6.60 -1.22
N THR B 12 -2.29 -5.74 -1.98
CA THR B 12 -0.88 -5.39 -1.72
C THR B 12 -0.71 -4.77 -0.33
N LEU B 13 -1.60 -3.80 -0.03
CA LEU B 13 -1.62 -3.12 1.28
C LEU B 13 -1.91 -4.06 2.44
N LYS B 14 -2.79 -5.03 2.21
CA LYS B 14 -3.12 -6.06 3.22
C LYS B 14 -1.89 -6.86 3.63
N SER B 15 -1.14 -7.30 2.62
CA SER B 15 0.12 -8.04 2.84
C SER B 15 1.13 -7.21 3.65
N MET B 16 1.16 -5.91 3.34
CA MET B 16 2.01 -4.94 4.07
C MET B 16 1.61 -4.84 5.55
N ALA B 17 0.30 -4.75 5.76
CA ALA B 17 -0.30 -4.59 7.11
C ALA B 17 0.14 -5.69 8.08
N LYS B 18 0.35 -6.89 7.53
CA LYS B 18 0.78 -8.07 8.31
C LYS B 18 1.94 -7.74 9.28
N LYS B 19 2.91 -6.97 8.78
CA LYS B 19 4.08 -6.59 9.57
C LYS B 19 4.32 -5.06 9.55
N CYS B 20 3.25 -4.32 9.87
CA CYS B 20 3.37 -2.87 10.08
C CYS B 20 3.56 -2.51 11.57
N GLU B 21 3.96 -1.25 11.77
CA GLU B 21 4.30 -0.76 13.12
C GLU B 21 3.12 -0.04 13.78
N GLY B 22 3.21 0.07 15.11
CA GLY B 22 2.19 0.74 15.94
C GLY B 22 0.82 0.06 15.85
N SER B 23 0.01 0.59 14.93
CA SER B 23 -1.32 0.02 14.62
C SER B 23 -1.82 0.58 13.28
N ILE B 24 -0.85 0.67 12.35
CA ILE B 24 -1.12 1.10 10.97
C ILE B 24 -1.89 0.03 10.19
N ALA B 25 -1.51 -1.22 10.45
CA ALA B 25 -2.19 -2.40 9.87
C ALA B 25 -3.71 -2.30 9.94
N THR B 26 -4.19 -1.87 11.12
CA THR B 26 -5.62 -1.66 11.38
C THR B 26 -6.22 -0.65 10.39
N MET B 27 -5.57 0.52 10.33
CA MET B 27 -6.03 1.63 9.47
C MET B 27 -6.18 1.19 8.00
N ILE B 28 -5.10 0.61 7.48
CA ILE B 28 -5.03 0.09 6.10
C ILE B 28 -6.28 -0.73 5.73
N LYS B 29 -6.62 -1.65 6.64
CA LYS B 29 -7.77 -2.55 6.44
C LYS B 29 -9.06 -1.76 6.16
N LYS B 30 -9.34 -0.81 7.06
CA LYS B 30 -10.61 -0.05 7.05
C LYS B 30 -11.01 0.53 5.69
N LYS B 31 -10.03 1.14 5.01
CA LYS B 31 -10.27 1.77 3.69
C LYS B 31 -10.86 0.79 2.68
N CYS B 32 -10.17 -0.34 2.55
CA CYS B 32 -10.60 -1.44 1.65
C CYS B 32 -11.98 -2.01 2.04
N ASP B 33 -12.09 -2.34 3.33
CA ASP B 33 -13.35 -2.85 3.91
C ASP B 33 -13.31 -2.73 5.44
N LYS B 34 -14.48 -2.97 6.05
CA LYS B 34 -14.65 -2.88 7.51
C LYS B 34 -15.95 -3.55 8.00
N GLY A 1 3.68 -6.65 -15.34
CA GLY A 1 4.00 -6.73 -13.91
C GLY A 1 2.73 -6.91 -13.06
N VAL A 2 2.97 -6.96 -11.74
CA VAL A 2 1.88 -7.11 -10.75
C VAL A 2 0.90 -5.92 -10.81
N ILE A 3 1.48 -4.73 -10.86
CA ILE A 3 0.70 -3.46 -10.93
C ILE A 3 1.45 -2.47 -11.84
N PRO A 4 0.74 -1.70 -12.67
CA PRO A 4 1.36 -0.74 -13.62
C PRO A 4 1.85 0.54 -12.95
N LYS A 5 2.59 1.31 -13.74
CA LYS A 5 3.14 2.61 -13.30
C LYS A 5 2.04 3.56 -12.81
N LYS A 6 0.97 3.64 -13.59
CA LYS A 6 -0.18 4.51 -13.30
C LYS A 6 -0.69 4.28 -11.87
N ILE A 7 -1.11 3.04 -11.62
CA ILE A 7 -1.67 2.65 -10.30
C ILE A 7 -0.70 2.93 -9.15
N TRP A 8 0.56 2.55 -9.34
CA TRP A 8 1.60 2.76 -8.31
C TRP A 8 1.70 4.22 -7.85
N GLU A 9 1.94 5.12 -8.80
CA GLU A 9 2.11 6.55 -8.49
C GLU A 9 0.84 7.20 -7.94
N THR A 10 -0.31 6.72 -8.42
CA THR A 10 -1.63 7.17 -7.92
C THR A 10 -1.79 6.90 -6.41
N VAL A 11 -1.50 5.65 -6.03
CA VAL A 11 -1.61 5.22 -4.62
C VAL A 11 -0.51 5.80 -3.72
N CYS A 12 0.65 6.08 -4.32
CA CYS A 12 1.85 6.54 -3.59
C CYS A 12 1.60 7.57 -2.46
N PRO A 13 0.93 8.70 -2.71
CA PRO A 13 0.62 9.70 -1.67
C PRO A 13 -0.20 9.14 -0.50
N THR A 14 -1.22 8.35 -0.86
CA THR A 14 -2.11 7.72 0.14
C THR A 14 -1.33 6.79 1.08
N VAL A 15 -0.59 5.86 0.46
CA VAL A 15 0.24 4.88 1.19
C VAL A 15 1.47 5.50 1.89
N GLU A 16 1.84 6.71 1.43
CA GLU A 16 3.08 7.38 1.86
C GLU A 16 3.33 7.34 3.37
N PRO A 17 2.43 7.86 4.24
CA PRO A 17 2.64 7.89 5.69
C PRO A 17 2.86 6.49 6.29
N TRP A 18 1.97 5.58 5.91
CA TRP A 18 2.00 4.19 6.42
C TRP A 18 3.31 3.45 6.09
N ALA A 19 3.90 3.81 4.94
CA ALA A 19 5.13 3.15 4.46
C ALA A 19 6.25 3.15 5.51
N LYS A 20 6.59 4.37 5.98
CA LYS A 20 7.53 4.54 7.09
C LYS A 20 7.04 3.88 8.38
N LYS A 21 5.72 3.99 8.59
CA LYS A 21 5.06 3.37 9.75
C LYS A 21 4.75 1.87 9.50
N CYS A 22 5.72 1.19 8.88
CA CYS A 22 5.57 -0.22 8.49
C CYS A 22 6.94 -0.86 8.21
N SER A 23 6.92 -2.18 8.10
CA SER A 23 8.13 -2.98 7.87
C SER A 23 7.83 -4.25 7.07
N GLY A 24 8.90 -5.02 6.83
CA GLY A 24 8.79 -6.30 6.09
C GLY A 24 8.96 -6.14 4.58
N ASP A 25 8.83 -7.29 3.92
CA ASP A 25 9.12 -7.41 2.48
C ASP A 25 8.23 -6.53 1.59
N ILE A 26 6.92 -6.68 1.78
CA ILE A 26 5.92 -5.96 0.97
C ILE A 26 6.05 -4.44 1.14
N ALA A 27 6.27 -4.02 2.40
CA ALA A 27 6.49 -2.60 2.71
C ALA A 27 7.63 -2.00 1.88
N THR A 28 8.74 -2.75 1.85
CA THR A 28 9.95 -2.36 1.08
C THR A 28 9.65 -2.27 -0.42
N TYR A 29 8.87 -3.23 -0.92
CA TYR A 29 8.53 -3.29 -2.35
C TYR A 29 7.76 -2.04 -2.81
N ILE A 30 6.62 -1.82 -2.16
CA ILE A 30 5.74 -0.67 -2.46
C ILE A 30 6.50 0.67 -2.39
N LYS A 31 7.30 0.79 -1.32
CA LYS A 31 8.19 1.95 -1.12
C LYS A 31 9.04 2.22 -2.38
N ARG A 32 9.66 1.14 -2.87
CA ARG A 32 10.53 1.22 -4.06
C ARG A 32 9.79 1.72 -5.30
N GLU A 33 8.54 1.26 -5.46
CA GLU A 33 7.71 1.66 -6.62
C GLU A 33 7.61 3.19 -6.74
N CYS A 34 7.23 3.80 -5.61
CA CYS A 34 7.07 5.27 -5.52
C CYS A 34 8.39 6.04 -5.66
N GLY A 35 9.37 5.61 -4.87
CA GLY A 35 10.67 6.30 -4.79
C GLY A 35 11.47 6.22 -6.10
N LYS A 36 11.81 4.98 -6.47
CA LYS A 36 12.62 4.71 -7.67
C LYS A 36 11.91 5.19 -8.95
N LEU A 37 10.76 4.59 -9.23
CA LEU A 37 9.98 4.95 -10.43
C LEU A 37 9.24 6.28 -10.19
N TRP B 1 -11.58 4.29 -1.21
CA TRP B 1 -10.31 4.49 -1.92
C TRP B 1 -10.58 4.84 -3.39
N SER B 2 -11.00 3.82 -4.16
CA SER B 2 -11.37 3.97 -5.58
C SER B 2 -12.19 2.77 -6.06
N THR B 3 -12.69 2.89 -7.28
CA THR B 3 -13.40 1.77 -7.93
C THR B 3 -12.41 0.69 -8.39
N ILE B 4 -11.55 1.09 -9.32
CA ILE B 4 -10.54 0.18 -9.90
C ILE B 4 -9.26 0.12 -9.05
N VAL B 5 -8.73 1.30 -8.75
CA VAL B 5 -7.43 1.43 -8.04
C VAL B 5 -7.42 0.66 -6.71
N LYS B 6 -8.52 0.78 -5.95
CA LYS B 6 -8.65 0.06 -4.66
C LYS B 6 -8.41 -1.44 -4.84
N LEU B 7 -9.18 -2.03 -5.75
CA LEU B 7 -9.11 -3.48 -6.03
C LEU B 7 -7.69 -3.97 -6.32
N THR B 8 -6.97 -3.15 -7.09
CA THR B 8 -5.59 -3.48 -7.51
C THR B 8 -4.61 -3.47 -6.33
N ILE B 9 -4.58 -2.35 -5.60
CA ILE B 9 -3.56 -2.10 -4.57
C ILE B 9 -3.82 -2.86 -3.26
N CYS B 10 -5.06 -2.73 -2.76
CA CYS B 10 -5.51 -3.31 -1.47
C CYS B 10 -4.99 -4.71 -1.12
N PRO B 11 -5.09 -5.73 -2.00
CA PRO B 11 -4.60 -7.09 -1.70
C PRO B 11 -3.12 -7.11 -1.29
N THR B 12 -2.32 -6.36 -2.05
CA THR B 12 -0.89 -6.16 -1.73
C THR B 12 -0.73 -5.48 -0.36
N LEU B 13 -1.51 -4.41 -0.17
CA LEU B 13 -1.48 -3.61 1.07
C LEU B 13 -1.74 -4.44 2.34
N LYS B 14 -2.62 -5.44 2.20
CA LYS B 14 -2.94 -6.34 3.33
C LYS B 14 -1.72 -7.11 3.83
N SER B 15 -1.00 -7.70 2.88
CA SER B 15 0.24 -8.45 3.19
C SER B 15 1.23 -7.60 4.00
N MET B 16 1.43 -6.38 3.51
CA MET B 16 2.23 -5.36 4.22
C MET B 16 1.66 -5.03 5.62
N ALA B 17 0.34 -4.81 5.62
CA ALA B 17 -0.38 -4.23 6.77
C ALA B 17 -0.13 -4.96 8.09
N LYS B 18 -0.28 -6.29 8.03
CA LYS B 18 -0.10 -7.16 9.20
C LYS B 18 1.28 -6.96 9.84
N LYS B 19 2.30 -7.04 8.99
CA LYS B 19 3.70 -6.86 9.43
C LYS B 19 4.17 -5.39 9.45
N CYS B 20 3.21 -4.49 9.73
CA CYS B 20 3.55 -3.07 9.92
C CYS B 20 3.77 -2.71 11.40
N GLU B 21 4.23 -1.47 11.57
CA GLU B 21 4.42 -0.86 12.90
C GLU B 21 3.09 -0.29 13.39
N GLY B 22 2.96 -0.17 14.72
CA GLY B 22 1.76 0.42 15.34
C GLY B 22 0.46 -0.28 14.91
N SER B 23 -0.65 0.41 15.17
CA SER B 23 -1.98 -0.05 14.72
C SER B 23 -2.30 0.43 13.28
N ILE B 24 -1.24 0.46 12.46
CA ILE B 24 -1.36 0.85 11.04
C ILE B 24 -2.08 -0.23 10.22
N ALA B 25 -1.87 -1.49 10.62
CA ALA B 25 -2.56 -2.64 10.02
C ALA B 25 -4.07 -2.41 9.86
N THR B 26 -4.66 -1.93 10.97
CA THR B 26 -6.09 -1.60 11.04
C THR B 26 -6.48 -0.53 10.00
N MET B 27 -5.65 0.51 9.92
CA MET B 27 -5.88 1.65 9.01
C MET B 27 -6.00 1.21 7.55
N ILE B 28 -4.98 0.49 7.08
CA ILE B 28 -4.94 -0.03 5.70
C ILE B 28 -6.21 -0.79 5.34
N LYS B 29 -6.55 -1.72 6.24
CA LYS B 29 -7.76 -2.55 6.12
C LYS B 29 -9.05 -1.72 6.05
N LYS B 30 -9.08 -0.66 6.85
CA LYS B 30 -10.29 0.18 6.98
C LYS B 30 -10.74 0.77 5.64
N LYS B 31 -9.85 1.54 5.00
CA LYS B 31 -10.20 2.17 3.71
C LYS B 31 -10.60 1.17 2.62
N CYS B 32 -9.81 0.10 2.51
CA CYS B 32 -10.08 -0.96 1.52
C CYS B 32 -11.46 -1.61 1.73
N ASP B 33 -11.55 -2.44 2.78
CA ASP B 33 -12.83 -3.08 3.16
C ASP B 33 -13.57 -2.24 4.21
N LYS B 34 -13.98 -1.06 3.77
CA LYS B 34 -14.72 -0.10 4.63
C LYS B 34 -16.15 -0.56 4.96
N GLY A 1 -4.22 -8.36 -10.67
CA GLY A 1 -3.03 -8.83 -9.95
C GLY A 1 -1.89 -7.82 -10.06
N VAL A 2 -1.45 -7.62 -11.31
CA VAL A 2 -0.38 -6.66 -11.62
C VAL A 2 -0.81 -5.21 -11.33
N ILE A 3 0.19 -4.33 -11.28
CA ILE A 3 -0.02 -2.90 -11.00
C ILE A 3 0.89 -2.06 -11.90
N PRO A 4 0.33 -1.32 -12.86
CA PRO A 4 1.11 -0.53 -13.83
C PRO A 4 1.67 0.78 -13.22
N LYS A 5 2.44 1.47 -14.06
CA LYS A 5 3.08 2.74 -13.68
C LYS A 5 2.08 3.80 -13.20
N LYS A 6 1.01 3.95 -13.98
CA LYS A 6 -0.04 4.94 -13.68
C LYS A 6 -0.65 4.76 -12.28
N ILE A 7 -1.03 3.51 -11.98
CA ILE A 7 -1.62 3.18 -10.67
C ILE A 7 -0.65 3.50 -9.52
N TRP A 8 0.63 3.14 -9.70
CA TRP A 8 1.67 3.46 -8.70
C TRP A 8 1.75 4.95 -8.37
N GLU A 9 1.66 5.77 -9.41
CA GLU A 9 1.63 7.25 -9.24
C GLU A 9 0.45 7.70 -8.37
N THR A 10 -0.72 7.13 -8.69
CA THR A 10 -1.98 7.47 -8.00
C THR A 10 -1.90 7.15 -6.49
N VAL A 11 -1.48 5.92 -6.19
CA VAL A 11 -1.42 5.42 -4.81
C VAL A 11 -0.32 6.09 -3.97
N CYS A 12 0.80 6.43 -4.61
CA CYS A 12 2.00 7.00 -3.95
C CYS A 12 1.76 7.80 -2.65
N PRO A 13 0.99 8.90 -2.67
CA PRO A 13 0.74 9.73 -1.48
C PRO A 13 -0.03 9.01 -0.36
N THR A 14 -1.10 8.32 -0.78
CA THR A 14 -1.99 7.59 0.15
C THR A 14 -1.25 6.48 0.90
N VAL A 15 -0.48 5.71 0.14
CA VAL A 15 0.32 4.58 0.68
C VAL A 15 1.51 5.03 1.54
N GLU A 16 2.05 6.20 1.17
CA GLU A 16 3.27 6.77 1.80
C GLU A 16 3.31 6.67 3.34
N PRO A 17 2.31 7.17 4.07
CA PRO A 17 2.30 7.15 5.55
C PRO A 17 2.45 5.75 6.15
N TRP A 18 1.64 4.81 5.63
CA TRP A 18 1.67 3.43 6.14
C TRP A 18 3.04 2.75 5.90
N ALA A 19 3.43 2.71 4.63
CA ALA A 19 4.67 2.05 4.19
C ALA A 19 5.92 2.58 4.92
N LYS A 20 6.02 3.91 4.94
CA LYS A 20 7.12 4.59 5.65
C LYS A 20 7.18 4.18 7.12
N LYS A 21 6.01 4.29 7.77
CA LYS A 21 5.87 3.91 9.19
C LYS A 21 5.51 2.41 9.32
N CYS A 22 6.33 1.59 8.66
CA CYS A 22 6.18 0.12 8.66
C CYS A 22 7.44 -0.54 8.06
N SER A 23 7.49 -1.87 8.21
CA SER A 23 8.68 -2.65 7.80
C SER A 23 8.30 -4.02 7.22
N GLY A 24 9.35 -4.76 6.85
CA GLY A 24 9.21 -6.10 6.26
C GLY A 24 9.49 -6.12 4.76
N ASP A 25 9.45 -7.34 4.22
CA ASP A 25 9.71 -7.58 2.79
C ASP A 25 8.74 -6.80 1.88
N ILE A 26 7.47 -6.92 2.24
CA ILE A 26 6.38 -6.24 1.49
C ILE A 26 6.56 -4.71 1.52
N ALA A 27 6.77 -4.18 2.71
CA ALA A 27 6.97 -2.72 2.91
C ALA A 27 8.07 -2.17 2.01
N THR A 28 9.20 -2.89 1.99
CA THR A 28 10.37 -2.54 1.16
C THR A 28 10.02 -2.50 -0.33
N TYR A 29 9.33 -3.56 -0.77
CA TYR A 29 8.90 -3.70 -2.18
C TYR A 29 8.05 -2.52 -2.65
N ILE A 30 6.98 -2.27 -1.88
CA ILE A 30 6.05 -1.15 -2.15
C ILE A 30 6.77 0.19 -2.26
N LYS A 31 7.73 0.39 -1.34
CA LYS A 31 8.53 1.62 -1.31
C LYS A 31 9.20 1.87 -2.68
N ARG A 32 9.75 0.79 -3.23
CA ARG A 32 10.35 0.82 -4.58
C ARG A 32 9.32 1.15 -5.66
N GLU A 33 8.14 0.51 -5.57
CA GLU A 33 7.09 0.65 -6.60
C GLU A 33 6.75 2.11 -6.91
N CYS A 34 6.42 2.85 -5.85
CA CYS A 34 6.15 4.30 -5.98
C CYS A 34 7.39 5.08 -6.42
N GLY A 35 8.45 4.96 -5.61
CA GLY A 35 9.68 5.75 -5.81
C GLY A 35 10.40 5.41 -7.13
N LYS A 36 11.02 4.24 -7.13
CA LYS A 36 11.69 3.71 -8.33
C LYS A 36 10.64 3.04 -9.24
N LEU A 37 9.90 3.90 -9.94
CA LEU A 37 8.85 3.44 -10.87
C LEU A 37 9.40 2.81 -12.17
N TRP B 1 -10.46 3.50 -0.97
CA TRP B 1 -10.85 4.89 -1.26
C TRP B 1 -11.45 5.03 -2.67
N SER B 2 -10.71 4.51 -3.65
CA SER B 2 -11.16 4.52 -5.06
C SER B 2 -12.13 3.35 -5.33
N THR B 3 -12.58 3.27 -6.59
CA THR B 3 -13.34 2.10 -7.06
C THR B 3 -12.37 1.01 -7.55
N ILE B 4 -11.69 1.34 -8.66
CA ILE B 4 -10.77 0.40 -9.33
C ILE B 4 -9.42 0.32 -8.60
N VAL B 5 -8.80 1.51 -8.44
CA VAL B 5 -7.47 1.62 -7.80
C VAL B 5 -7.44 0.97 -6.41
N LYS B 6 -8.54 1.15 -5.68
CA LYS B 6 -8.70 0.60 -4.32
C LYS B 6 -8.58 -0.93 -4.31
N LEU B 7 -9.31 -1.57 -5.23
CA LEU B 7 -9.23 -3.03 -5.42
C LEU B 7 -7.81 -3.51 -5.72
N THR B 8 -7.14 -2.74 -6.58
CA THR B 8 -5.76 -3.06 -7.01
C THR B 8 -4.76 -3.01 -5.83
N ILE B 9 -4.89 -1.96 -5.03
CA ILE B 9 -3.96 -1.70 -3.91
C ILE B 9 -4.26 -2.55 -2.66
N CYS B 10 -5.50 -3.05 -2.56
CA CYS B 10 -5.95 -3.90 -1.43
C CYS B 10 -4.92 -4.96 -1.00
N PRO B 11 -4.54 -5.90 -1.89
CA PRO B 11 -3.59 -6.99 -1.55
C PRO B 11 -2.20 -6.47 -1.14
N THR B 12 -1.75 -5.44 -1.85
CA THR B 12 -0.43 -4.83 -1.63
C THR B 12 -0.26 -4.35 -0.18
N LEU B 13 -1.13 -3.44 0.22
CA LEU B 13 -1.10 -2.85 1.57
C LEU B 13 -1.43 -3.86 2.68
N LYS B 14 -2.33 -4.79 2.38
CA LYS B 14 -2.69 -5.86 3.34
C LYS B 14 -1.50 -6.70 3.78
N SER B 15 -0.74 -7.17 2.79
CA SER B 15 0.49 -7.95 3.04
C SER B 15 1.50 -7.16 3.88
N MET B 16 1.61 -5.88 3.55
CA MET B 16 2.49 -4.95 4.29
C MET B 16 2.05 -4.82 5.76
N ALA B 17 0.74 -4.67 5.92
CA ALA B 17 0.09 -4.43 7.23
C ALA B 17 0.45 -5.48 8.29
N LYS B 18 0.77 -6.68 7.81
CA LYS B 18 1.21 -7.77 8.70
C LYS B 18 2.35 -7.34 9.63
N LYS B 19 3.46 -6.90 9.01
CA LYS B 19 4.59 -6.36 9.77
C LYS B 19 4.55 -4.82 9.84
N CYS B 20 3.34 -4.32 10.10
CA CYS B 20 3.13 -2.89 10.45
C CYS B 20 2.66 -2.77 11.91
N GLU B 21 2.47 -1.51 12.32
CA GLU B 21 1.98 -1.22 13.68
C GLU B 21 0.55 -1.73 13.91
N GLY B 22 0.14 -1.67 15.17
CA GLY B 22 -1.24 -2.02 15.56
C GLY B 22 -2.25 -1.10 14.87
N SER B 23 -2.02 0.19 15.08
CA SER B 23 -2.84 1.25 14.48
C SER B 23 -2.80 1.22 12.95
N ILE B 24 -1.58 1.28 12.41
CA ILE B 24 -1.34 1.32 10.96
C ILE B 24 -2.06 0.18 10.22
N ALA B 25 -1.88 -1.03 10.74
CA ALA B 25 -2.52 -2.24 10.16
C ALA B 25 -4.03 -2.10 10.02
N THR B 26 -4.66 -1.64 11.11
CA THR B 26 -6.12 -1.46 11.17
C THR B 26 -6.62 -0.45 10.13
N MET B 27 -5.94 0.69 10.07
CA MET B 27 -6.29 1.78 9.13
C MET B 27 -6.24 1.32 7.67
N ILE B 28 -5.14 0.64 7.32
CA ILE B 28 -4.96 0.06 5.98
C ILE B 28 -6.16 -0.80 5.58
N LYS B 29 -6.52 -1.71 6.50
CA LYS B 29 -7.66 -2.62 6.29
C LYS B 29 -8.96 -1.85 6.00
N LYS B 30 -9.19 -0.80 6.80
CA LYS B 30 -10.40 0.03 6.67
C LYS B 30 -10.58 0.57 5.24
N LYS B 31 -9.47 1.08 4.69
CA LYS B 31 -9.46 1.63 3.32
C LYS B 31 -9.88 0.59 2.27
N CYS B 32 -9.27 -0.59 2.38
CA CYS B 32 -9.58 -1.70 1.44
C CYS B 32 -11.02 -2.24 1.63
N ASP B 33 -11.23 -2.90 2.77
CA ASP B 33 -12.55 -3.49 3.09
C ASP B 33 -12.63 -3.94 4.56
N LYS B 34 -13.87 -4.16 5.00
CA LYS B 34 -14.18 -4.68 6.34
C LYS B 34 -15.37 -5.65 6.33
N GLY A 1 -1.74 -9.67 -9.37
CA GLY A 1 -1.01 -9.42 -10.62
C GLY A 1 -0.08 -8.20 -10.51
N VAL A 2 0.58 -7.94 -11.64
CA VAL A 2 1.51 -6.80 -11.75
C VAL A 2 0.76 -5.45 -11.66
N ILE A 3 1.55 -4.40 -11.43
CA ILE A 3 1.02 -3.03 -11.32
C ILE A 3 1.90 -2.06 -12.13
N PRO A 4 1.28 -1.21 -12.98
CA PRO A 4 2.01 -0.27 -13.84
C PRO A 4 2.43 1.01 -13.12
N LYS A 5 3.19 1.83 -13.87
CA LYS A 5 3.67 3.13 -13.39
C LYS A 5 2.53 4.00 -12.88
N LYS A 6 1.51 4.15 -13.73
CA LYS A 6 0.32 4.99 -13.43
C LYS A 6 -0.23 4.72 -12.02
N ILE A 7 -0.55 3.46 -11.77
CA ILE A 7 -1.13 3.04 -10.48
C ILE A 7 -0.20 3.38 -9.30
N TRP A 8 1.10 3.14 -9.49
CA TRP A 8 2.11 3.48 -8.47
C TRP A 8 2.07 4.96 -8.06
N GLU A 9 1.89 5.83 -9.07
CA GLU A 9 1.75 7.28 -8.81
C GLU A 9 0.49 7.59 -8.00
N THR A 10 -0.60 6.96 -8.40
CA THR A 10 -1.92 7.16 -7.77
C THR A 10 -1.91 6.80 -6.27
N VAL A 11 -1.33 5.63 -5.98
CA VAL A 11 -1.29 5.10 -4.61
C VAL A 11 -0.34 5.88 -3.69
N CYS A 12 0.78 6.36 -4.27
CA CYS A 12 1.87 7.05 -3.53
C CYS A 12 1.48 7.75 -2.22
N PRO A 13 0.60 8.77 -2.23
CA PRO A 13 0.22 9.53 -1.02
C PRO A 13 -0.51 8.69 0.05
N THR A 14 -1.49 7.93 -0.43
CA THR A 14 -2.33 7.08 0.45
C THR A 14 -1.50 6.02 1.18
N VAL A 15 -0.63 5.35 0.42
CA VAL A 15 0.25 4.29 0.94
C VAL A 15 1.41 4.82 1.79
N GLU A 16 1.85 6.04 1.46
CA GLU A 16 3.01 6.69 2.10
C GLU A 16 3.09 6.51 3.63
N PRO A 17 2.05 6.86 4.41
CA PRO A 17 2.07 6.73 5.88
C PRO A 17 2.28 5.29 6.37
N TRP A 18 1.57 4.37 5.73
CA TRP A 18 1.63 2.95 6.12
C TRP A 18 3.01 2.33 5.87
N ALA A 19 3.41 2.34 4.60
CA ALA A 19 4.70 1.77 4.16
C ALA A 19 5.89 2.35 4.94
N LYS A 20 5.84 3.67 5.15
CA LYS A 20 6.82 4.38 5.99
C LYS A 20 6.92 3.74 7.39
N LYS A 21 5.77 3.70 8.06
CA LYS A 21 5.66 3.13 9.40
C LYS A 21 5.38 1.62 9.35
N CYS A 22 6.29 0.92 8.68
CA CYS A 22 6.17 -0.54 8.48
C CYS A 22 7.52 -1.12 8.06
N SER A 23 7.53 -2.46 7.91
CA SER A 23 8.77 -3.19 7.58
C SER A 23 8.49 -4.52 6.85
N GLY A 24 9.58 -5.21 6.54
CA GLY A 24 9.52 -6.48 5.82
C GLY A 24 9.45 -6.31 4.29
N ASP A 25 9.27 -7.46 3.63
CA ASP A 25 9.34 -7.55 2.15
C ASP A 25 8.38 -6.59 1.43
N ILE A 26 7.11 -6.69 1.79
CA ILE A 26 6.04 -5.92 1.11
C ILE A 26 6.15 -4.40 1.38
N ALA A 27 6.41 -4.06 2.64
CA ALA A 27 6.61 -2.65 3.03
C ALA A 27 7.69 -1.97 2.17
N THR A 28 8.82 -2.67 2.08
CA THR A 28 9.96 -2.24 1.25
C THR A 28 9.58 -2.10 -0.23
N TYR A 29 8.82 -3.08 -0.71
CA TYR A 29 8.40 -3.12 -2.13
C TYR A 29 7.60 -1.88 -2.52
N ILE A 30 6.48 -1.68 -1.82
CA ILE A 30 5.57 -0.53 -2.05
C ILE A 30 6.34 0.80 -2.06
N LYS A 31 7.20 0.95 -1.04
CA LYS A 31 8.05 2.14 -0.89
C LYS A 31 8.92 2.39 -2.14
N ARG A 32 9.49 1.28 -2.64
CA ARG A 32 10.34 1.31 -3.84
C ARG A 32 9.58 1.75 -5.10
N GLU A 33 8.41 1.13 -5.32
CA GLU A 33 7.61 1.36 -6.53
C GLU A 33 7.24 2.84 -6.71
N CYS A 34 6.66 3.40 -5.64
CA CYS A 34 6.31 4.83 -5.62
C CYS A 34 7.55 5.73 -5.72
N GLY A 35 8.43 5.58 -4.73
CA GLY A 35 9.62 6.45 -4.59
C GLY A 35 10.60 6.29 -5.75
N LYS A 36 11.22 5.10 -5.81
CA LYS A 36 12.12 4.73 -6.91
C LYS A 36 11.28 4.36 -8.15
N LEU A 37 10.88 5.42 -8.86
CA LEU A 37 10.06 5.27 -10.08
C LEU A 37 10.95 4.76 -11.24
N TRP B 1 -9.19 5.80 -3.39
CA TRP B 1 -9.07 5.28 -4.75
C TRP B 1 -10.44 5.07 -5.42
N SER B 2 -10.36 4.80 -6.73
CA SER B 2 -11.54 4.46 -7.54
C SER B 2 -12.08 3.07 -7.15
N THR B 3 -13.20 2.69 -7.78
CA THR B 3 -13.78 1.35 -7.56
C THR B 3 -12.77 0.25 -7.90
N ILE B 4 -12.24 0.34 -9.13
CA ILE B 4 -11.25 -0.63 -9.62
C ILE B 4 -9.89 -0.49 -8.92
N VAL B 5 -9.38 0.76 -8.95
CA VAL B 5 -8.03 1.07 -8.42
C VAL B 5 -7.84 0.61 -6.97
N LYS B 6 -8.84 0.92 -6.14
CA LYS B 6 -8.84 0.53 -4.71
C LYS B 6 -8.60 -0.98 -4.53
N LEU B 7 -9.39 -1.76 -5.27
CA LEU B 7 -9.29 -3.24 -5.25
C LEU B 7 -7.91 -3.76 -5.71
N THR B 8 -7.33 -3.07 -6.71
CA THR B 8 -6.02 -3.45 -7.25
C THR B 8 -4.93 -3.41 -6.17
N ILE B 9 -4.87 -2.26 -5.48
CA ILE B 9 -3.85 -2.02 -4.44
C ILE B 9 -4.13 -2.80 -3.13
N CYS B 10 -5.42 -3.04 -2.86
CA CYS B 10 -5.87 -3.73 -1.62
C CYS B 10 -4.95 -4.88 -1.15
N PRO B 11 -4.81 -5.97 -1.91
CA PRO B 11 -4.10 -7.20 -1.47
C PRO B 11 -2.65 -6.94 -1.05
N THR B 12 -1.97 -6.12 -1.86
CA THR B 12 -0.59 -5.71 -1.58
C THR B 12 -0.47 -5.09 -0.18
N LEU B 13 -1.36 -4.12 0.08
CA LEU B 13 -1.40 -3.42 1.38
C LEU B 13 -1.69 -4.36 2.56
N LYS B 14 -2.59 -5.32 2.34
CA LYS B 14 -2.96 -6.30 3.38
C LYS B 14 -1.75 -7.09 3.89
N SER B 15 -0.95 -7.56 2.93
CA SER B 15 0.27 -8.34 3.23
C SER B 15 1.24 -7.53 4.11
N MET B 16 1.50 -6.30 3.66
CA MET B 16 2.34 -5.34 4.41
C MET B 16 1.81 -5.11 5.84
N ALA B 17 0.50 -4.89 5.91
CA ALA B 17 -0.20 -4.45 7.13
C ALA B 17 0.14 -5.26 8.37
N LYS B 18 0.16 -6.58 8.18
CA LYS B 18 0.44 -7.53 9.27
C LYS B 18 1.75 -7.19 10.00
N LYS B 19 2.80 -7.04 9.20
CA LYS B 19 4.14 -6.71 9.70
C LYS B 19 4.45 -5.21 9.70
N CYS B 20 3.49 -4.43 10.22
CA CYS B 20 3.67 -2.96 10.35
C CYS B 20 3.70 -2.50 11.81
N GLU B 21 4.07 -1.23 11.95
CA GLU B 21 4.21 -0.56 13.26
C GLU B 21 2.84 -0.12 13.82
N GLY B 22 2.86 0.19 15.11
CA GLY B 22 1.72 0.79 15.84
C GLY B 22 0.37 0.09 15.58
N SER B 23 -0.42 0.74 14.72
CA SER B 23 -1.74 0.23 14.31
C SER B 23 -2.06 0.69 12.87
N ILE B 24 -1.04 0.50 12.02
CA ILE B 24 -1.11 0.84 10.59
C ILE B 24 -2.13 -0.04 9.85
N ALA B 25 -2.12 -1.33 10.21
CA ALA B 25 -3.06 -2.31 9.63
C ALA B 25 -4.53 -1.86 9.68
N THR B 26 -4.88 -1.20 10.78
CA THR B 26 -6.25 -0.68 10.99
C THR B 26 -6.65 0.29 9.86
N MET B 27 -5.79 1.28 9.64
CA MET B 27 -5.99 2.30 8.59
C MET B 27 -6.08 1.67 7.20
N ILE B 28 -5.08 0.85 6.88
CA ILE B 28 -5.02 0.11 5.60
C ILE B 28 -6.35 -0.59 5.27
N LYS B 29 -6.84 -1.33 6.27
CA LYS B 29 -8.08 -2.10 6.13
C LYS B 29 -9.25 -1.22 5.70
N LYS B 30 -9.43 -0.14 6.47
CA LYS B 30 -10.53 0.83 6.27
C LYS B 30 -10.63 1.33 4.82
N LYS B 31 -9.48 1.75 4.28
CA LYS B 31 -9.41 2.31 2.93
C LYS B 31 -9.78 1.28 1.84
N CYS B 32 -9.27 0.05 2.04
CA CYS B 32 -9.52 -1.04 1.08
C CYS B 32 -11.03 -1.35 0.90
N ASP B 33 -11.73 -1.52 2.02
CA ASP B 33 -13.20 -1.72 1.96
C ASP B 33 -13.93 -0.37 1.83
N LYS B 34 -15.26 -0.46 1.88
CA LYS B 34 -16.13 0.73 1.83
C LYS B 34 -17.51 0.47 2.47
N GLY A 1 3.43 -8.04 -14.55
CA GLY A 1 2.71 -6.77 -14.50
C GLY A 1 1.58 -6.81 -13.45
N VAL A 2 1.99 -7.01 -12.20
CA VAL A 2 1.05 -7.06 -11.07
C VAL A 2 0.30 -5.72 -10.89
N ILE A 3 1.08 -4.64 -10.92
CA ILE A 3 0.55 -3.28 -10.81
C ILE A 3 1.39 -2.34 -11.70
N PRO A 4 0.76 -1.49 -12.52
CA PRO A 4 1.46 -0.60 -13.46
C PRO A 4 2.05 0.65 -12.79
N LYS A 5 2.91 1.30 -13.57
CA LYS A 5 3.61 2.53 -13.14
C LYS A 5 2.66 3.62 -12.68
N LYS A 6 1.62 3.84 -13.49
CA LYS A 6 0.59 4.87 -13.21
C LYS A 6 0.00 4.69 -11.81
N ILE A 7 -0.49 3.48 -11.56
CA ILE A 7 -1.11 3.12 -10.26
C ILE A 7 -0.17 3.36 -9.07
N TRP A 8 1.11 3.03 -9.27
CA TRP A 8 2.13 3.27 -8.22
C TRP A 8 2.23 4.75 -7.79
N GLU A 9 2.18 5.63 -8.79
CA GLU A 9 2.14 7.08 -8.53
C GLU A 9 0.83 7.52 -7.85
N THR A 10 -0.27 6.89 -8.27
CA THR A 10 -1.61 7.18 -7.71
C THR A 10 -1.66 6.92 -6.20
N VAL A 11 -1.16 5.74 -5.83
CA VAL A 11 -1.18 5.29 -4.42
C VAL A 11 -0.26 6.13 -3.52
N CYS A 12 0.91 6.50 -4.06
CA CYS A 12 1.99 7.22 -3.34
C CYS A 12 1.60 7.95 -2.05
N PRO A 13 0.77 9.00 -2.10
CA PRO A 13 0.40 9.82 -0.92
C PRO A 13 -0.39 9.06 0.14
N THR A 14 -1.40 8.31 -0.34
CA THR A 14 -2.28 7.51 0.54
C THR A 14 -1.49 6.43 1.30
N VAL A 15 -0.69 5.68 0.54
CA VAL A 15 0.16 4.61 1.12
C VAL A 15 1.48 5.14 1.71
N GLU A 16 1.63 6.47 1.73
CA GLU A 16 2.83 7.11 2.31
C GLU A 16 2.99 6.74 3.80
N PRO A 17 2.04 7.07 4.68
CA PRO A 17 2.13 6.77 6.12
C PRO A 17 2.23 5.27 6.42
N TRP A 18 1.42 4.49 5.69
CA TRP A 18 1.39 3.03 5.89
C TRP A 18 2.75 2.38 5.64
N ALA A 19 3.23 2.51 4.40
CA ALA A 19 4.51 1.92 3.97
C ALA A 19 5.69 2.38 4.83
N LYS A 20 5.75 3.70 5.04
CA LYS A 20 6.81 4.33 5.86
C LYS A 20 6.91 3.70 7.26
N LYS A 21 5.78 3.76 7.97
CA LYS A 21 5.68 3.22 9.33
C LYS A 21 5.30 1.73 9.31
N CYS A 22 6.12 0.96 8.60
CA CYS A 22 5.92 -0.49 8.45
C CYS A 22 7.22 -1.17 8.00
N SER A 23 7.16 -2.51 7.98
CA SER A 23 8.32 -3.33 7.57
C SER A 23 7.86 -4.58 6.79
N GLY A 24 8.85 -5.42 6.46
CA GLY A 24 8.60 -6.64 5.67
C GLY A 24 8.79 -6.41 4.17
N ASP A 25 8.54 -7.50 3.43
CA ASP A 25 8.74 -7.55 1.98
C ASP A 25 7.94 -6.49 1.23
N ILE A 26 6.65 -6.42 1.55
CA ILE A 26 5.72 -5.50 0.88
C ILE A 26 6.07 -4.03 1.14
N ALA A 27 6.38 -3.72 2.41
CA ALA A 27 6.78 -2.37 2.80
C ALA A 27 7.95 -1.85 1.94
N THR A 28 8.94 -2.73 1.78
CA THR A 28 10.11 -2.46 0.92
C THR A 28 9.71 -2.27 -0.56
N TYR A 29 8.79 -3.12 -1.02
CA TYR A 29 8.34 -3.11 -2.42
C TYR A 29 7.67 -1.78 -2.80
N ILE A 30 6.57 -1.47 -2.11
CA ILE A 30 5.82 -0.21 -2.34
C ILE A 30 6.73 1.02 -2.30
N LYS A 31 7.61 1.04 -1.30
CA LYS A 31 8.63 2.11 -1.15
C LYS A 31 9.39 2.34 -2.46
N ARG A 32 9.87 1.24 -3.05
CA ARG A 32 10.60 1.29 -4.32
C ARG A 32 9.73 1.79 -5.48
N GLU A 33 8.53 1.22 -5.61
CA GLU A 33 7.63 1.52 -6.74
C GLU A 33 7.31 3.01 -6.85
N CYS A 34 6.77 3.55 -5.76
CA CYS A 34 6.47 4.99 -5.66
C CYS A 34 7.75 5.85 -5.69
N GLY A 35 8.62 5.56 -4.73
CA GLY A 35 9.84 6.37 -4.50
C GLY A 35 10.83 6.30 -5.67
N LYS A 36 11.42 5.11 -5.84
CA LYS A 36 12.34 4.85 -6.96
C LYS A 36 11.55 4.88 -8.28
N LEU A 37 11.54 6.06 -8.88
CA LEU A 37 10.70 6.34 -10.05
C LEU A 37 11.28 7.53 -10.84
N TRP B 1 -8.13 3.26 -5.14
CA TRP B 1 -8.86 4.45 -4.66
C TRP B 1 -10.21 4.53 -5.38
N SER B 2 -10.14 4.50 -6.71
CA SER B 2 -11.33 4.31 -7.56
C SER B 2 -11.85 2.88 -7.42
N THR B 3 -12.88 2.54 -8.21
CA THR B 3 -13.43 1.18 -8.21
C THR B 3 -12.35 0.13 -8.56
N ILE B 4 -11.76 0.31 -9.74
CA ILE B 4 -10.69 -0.58 -10.23
C ILE B 4 -9.39 -0.40 -9.42
N VAL B 5 -8.98 0.86 -9.32
CA VAL B 5 -7.70 1.23 -8.66
C VAL B 5 -7.56 0.63 -7.25
N LYS B 6 -8.64 0.77 -6.48
CA LYS B 6 -8.67 0.26 -5.09
C LYS B 6 -8.38 -1.24 -5.03
N LEU B 7 -9.17 -2.00 -5.78
CA LEU B 7 -9.03 -3.48 -5.84
C LEU B 7 -7.59 -3.93 -6.09
N THR B 8 -6.92 -3.20 -7.00
CA THR B 8 -5.52 -3.49 -7.36
C THR B 8 -4.58 -3.42 -6.15
N ILE B 9 -4.64 -2.27 -5.45
CA ILE B 9 -3.75 -1.99 -4.31
C ILE B 9 -4.10 -2.75 -3.02
N CYS B 10 -5.39 -3.10 -2.86
CA CYS B 10 -5.90 -3.73 -1.62
C CYS B 10 -5.06 -4.93 -1.14
N PRO B 11 -4.88 -6.00 -1.92
CA PRO B 11 -4.17 -7.21 -1.48
C PRO B 11 -2.73 -6.95 -1.02
N THR B 12 -2.08 -6.03 -1.74
CA THR B 12 -0.71 -5.60 -1.40
C THR B 12 -0.66 -5.04 0.03
N LEU B 13 -1.46 -4.01 0.26
CA LEU B 13 -1.51 -3.33 1.57
C LEU B 13 -1.88 -4.26 2.73
N LYS B 14 -2.79 -5.20 2.45
CA LYS B 14 -3.18 -6.23 3.45
C LYS B 14 -1.99 -7.07 3.91
N SER B 15 -1.22 -7.54 2.94
CA SER B 15 0.00 -8.33 3.21
C SER B 15 1.02 -7.55 4.04
N MET B 16 1.21 -6.29 3.66
CA MET B 16 2.11 -5.37 4.38
C MET B 16 1.68 -5.19 5.84
N ALA B 17 0.37 -4.98 6.01
CA ALA B 17 -0.26 -4.71 7.31
C ALA B 17 0.10 -5.73 8.40
N LYS B 18 0.21 -6.99 7.95
CA LYS B 18 0.57 -8.13 8.84
C LYS B 18 1.72 -7.82 9.80
N LYS B 19 2.73 -7.13 9.25
CA LYS B 19 3.94 -6.76 10.02
C LYS B 19 4.31 -5.28 9.86
N CYS B 20 3.36 -4.43 10.26
CA CYS B 20 3.59 -2.98 10.31
C CYS B 20 3.73 -2.45 11.74
N GLU B 21 4.22 -1.20 11.80
CA GLU B 21 4.40 -0.49 13.08
C GLU B 21 3.10 0.19 13.54
N GLY B 22 3.11 0.59 14.82
CA GLY B 22 2.02 1.37 15.44
C GLY B 22 0.63 0.71 15.30
N SER B 23 -0.08 1.15 14.26
CA SER B 23 -1.42 0.61 13.94
C SER B 23 -1.81 0.96 12.50
N ILE B 24 -0.84 0.72 11.61
CA ILE B 24 -1.01 0.91 10.16
C ILE B 24 -2.07 -0.05 9.60
N ALA B 25 -1.96 -1.31 10.01
CA ALA B 25 -2.88 -2.38 9.60
C ALA B 25 -4.36 -1.98 9.72
N THR B 26 -4.68 -1.35 10.86
CA THR B 26 -6.03 -0.88 11.14
C THR B 26 -6.54 0.11 10.07
N MET B 27 -5.73 1.15 9.84
CA MET B 27 -6.08 2.21 8.89
C MET B 27 -6.28 1.69 7.45
N ILE B 28 -5.31 0.92 6.97
CA ILE B 28 -5.40 0.25 5.66
C ILE B 28 -6.74 -0.48 5.50
N LYS B 29 -7.04 -1.30 6.52
CA LYS B 29 -8.27 -2.11 6.54
C LYS B 29 -9.54 -1.26 6.46
N LYS B 30 -9.53 -0.12 7.16
CA LYS B 30 -10.67 0.80 7.15
C LYS B 30 -11.10 1.22 5.73
N LYS B 31 -10.10 1.62 4.93
CA LYS B 31 -10.37 2.01 3.53
C LYS B 31 -10.92 0.84 2.69
N CYS B 32 -10.04 -0.14 2.45
CA CYS B 32 -10.42 -1.33 1.66
C CYS B 32 -10.75 -2.52 2.57
N ASP B 33 -11.83 -2.33 3.32
CA ASP B 33 -12.34 -3.38 4.23
C ASP B 33 -12.91 -4.59 3.46
N LYS B 34 -13.28 -5.60 4.25
CA LYS B 34 -13.78 -6.87 3.70
C LYS B 34 -14.95 -7.46 4.52
#